data_5I3T
#
_entry.id   5I3T
#
_cell.length_a   102.957
_cell.length_b   106.757
_cell.length_c   188.872
_cell.angle_alpha   90.000
_cell.angle_beta   90.000
_cell.angle_gamma   90.000
#
_symmetry.space_group_name_H-M   'P 21 21 21'
#
loop_
_entity.id
_entity.type
_entity.pdbx_description
1 polymer 'Linalool dehydratase/isomerase'
2 non-polymer 1,3-BUTANEDIOL
3 non-polymer 'CHLORIDE ION'
4 non-polymer 'POTASSIUM ION'
5 water water
#
_entity_poly.entity_id   1
_entity_poly.type   'polypeptide(L)'
_entity_poly.pdbx_seq_one_letter_code
;MRFTLKTTAIVSAAALLAGFGPPPRAAELPPGRLATTEDYFAQQAKQAVTPDVMAQLAYMNYIDFISPFYSRGCSFEAWE
LKHTPQRVIKYSIAFYAYGLASVALIDPKLRALAGHDLDIAVSKMKCKRVWGDWEEDGFGTDPIEKENIMYKGHLNLMYG
LYQLVTGSRRYEAEHAHLTRIIHDEIAANPFAGIVCEPDNYFVQCNSVAYLSLWVYDRLHGTDYRAATRAWLDFIQKDLI
DPERGAFYLSYHPESGAVKPWISAYTTAWTLAMVHGMDPAFSERYYPRFKQTFVEVYDEGRKARVRETAGTDDADGGVGL
ASAFTLLLAREMGDQQLFDQLLNHLEPPAKPSIVSASLRYEHPGSLLFDELLFLAKVHAGFGALLRMPPPAAKLAGK
;
_entity_poly.pdbx_strand_id   A,B,C,D,E
#
loop_
_chem_comp.id
_chem_comp.type
_chem_comp.name
_chem_comp.formula
BU2 non-polymer 1,3-BUTANEDIOL 'C4 H10 O2'
CL non-polymer 'CHLORIDE ION' 'Cl -1'
K non-polymer 'POTASSIUM ION' 'K 1'
#
# COMPACT_ATOMS: atom_id res chain seq x y z
N GLU A 28 -13.72 30.86 -41.38
CA GLU A 28 -14.72 29.93 -40.86
C GLU A 28 -14.13 29.06 -39.74
N LEU A 29 -14.93 28.81 -38.70
CA LEU A 29 -14.46 28.07 -37.52
C LEU A 29 -15.09 26.68 -37.40
N PRO A 30 -14.29 25.62 -37.68
CA PRO A 30 -14.73 24.22 -37.56
C PRO A 30 -15.42 23.92 -36.23
N PRO A 31 -16.34 22.94 -36.21
CA PRO A 31 -17.32 22.70 -35.12
C PRO A 31 -16.81 22.52 -33.67
N GLY A 32 -15.57 22.13 -33.44
CA GLY A 32 -15.11 21.91 -32.08
C GLY A 32 -13.80 22.63 -31.79
N ARG A 33 -13.48 23.57 -32.66
CA ARG A 33 -12.22 24.30 -32.59
C ARG A 33 -12.30 25.54 -31.70
N LEU A 34 -11.16 25.96 -31.16
CA LEU A 34 -11.14 27.14 -30.29
C LEU A 34 -10.81 28.44 -31.06
N ALA A 35 -10.03 28.31 -32.12
CA ALA A 35 -9.66 29.45 -32.95
C ALA A 35 -9.28 28.94 -34.32
N THR A 36 -9.26 29.83 -35.31
CA THR A 36 -9.01 29.41 -36.68
C THR A 36 -7.53 29.17 -36.89
N THR A 37 -7.22 28.38 -37.91
CA THR A 37 -5.83 28.13 -38.28
C THR A 37 -5.16 29.43 -38.68
N GLU A 38 -5.88 30.24 -39.47
CA GLU A 38 -5.44 31.59 -39.81
C GLU A 38 -5.05 32.37 -38.54
N ASP A 39 -5.86 32.30 -37.49
CA ASP A 39 -5.53 33.00 -36.26
C ASP A 39 -4.21 32.51 -35.65
N TYR A 40 -3.98 31.20 -35.63
CA TYR A 40 -2.72 30.68 -35.08
C TYR A 40 -1.52 31.16 -35.89
N PHE A 41 -1.58 31.06 -37.22
CA PHE A 41 -0.45 31.49 -38.05
C PHE A 41 -0.22 33.00 -38.02
N ALA A 42 -1.24 33.76 -37.61
CA ALA A 42 -1.17 35.23 -37.55
C ALA A 42 -0.63 35.79 -36.23
N GLN A 43 -0.47 34.94 -35.22
CA GLN A 43 -0.09 35.40 -33.88
C GLN A 43 1.16 36.24 -33.88
N GLN A 44 2.17 35.77 -34.59
CA GLN A 44 3.45 36.45 -34.58
C GLN A 44 3.28 37.80 -35.24
N ALA A 45 2.44 37.86 -36.27
CA ALA A 45 2.18 39.11 -36.98
C ALA A 45 1.54 40.14 -36.08
N LYS A 46 0.49 39.72 -35.36
CA LYS A 46 -0.25 40.64 -34.49
C LYS A 46 0.41 40.82 -33.12
N GLN A 47 1.52 40.11 -32.90
CA GLN A 47 2.24 40.17 -31.63
C GLN A 47 1.33 39.84 -30.43
N ALA A 48 0.43 38.88 -30.61
CA ALA A 48 -0.49 38.49 -29.56
C ALA A 48 -0.87 37.03 -29.71
N VAL A 49 -0.81 36.27 -28.62
CA VAL A 49 -1.23 34.89 -28.67
C VAL A 49 -2.75 34.89 -28.76
N THR A 50 -3.35 33.82 -29.28
CA THR A 50 -4.80 33.70 -29.27
C THR A 50 -5.28 33.54 -27.82
N PRO A 51 -6.59 33.80 -27.57
CA PRO A 51 -7.16 33.62 -26.24
C PRO A 51 -7.01 32.19 -25.69
N ASP A 52 -7.09 31.16 -26.53
CA ASP A 52 -6.97 29.79 -26.04
C ASP A 52 -5.51 29.42 -25.73
N VAL A 53 -4.58 30.00 -26.48
CA VAL A 53 -3.17 29.89 -26.10
C VAL A 53 -2.91 30.57 -24.76
N MET A 54 -3.50 31.76 -24.57
CA MET A 54 -3.38 32.44 -23.29
C MET A 54 -3.99 31.57 -22.17
N ALA A 55 -5.13 30.93 -22.45
CA ALA A 55 -5.74 30.06 -21.44
C ALA A 55 -4.91 28.79 -21.16
N GLN A 56 -4.13 28.33 -22.14
CA GLN A 56 -3.22 27.20 -21.90
C GLN A 56 -2.10 27.64 -20.97
N LEU A 57 -1.61 28.87 -21.18
CA LEU A 57 -0.60 29.45 -20.31
C LEU A 57 -1.14 29.64 -18.89
N ALA A 58 -2.43 29.92 -18.78
CA ALA A 58 -3.07 29.97 -17.46
C ALA A 58 -3.05 28.60 -16.80
N TYR A 59 -3.45 27.55 -17.54
CA TYR A 59 -3.36 26.21 -17.00
C TYR A 59 -1.95 25.94 -16.50
N MET A 60 -0.96 26.38 -17.26
CA MET A 60 0.43 26.12 -16.93
C MET A 60 0.92 26.88 -15.68
N ASN A 61 0.28 28.01 -15.34
CA ASN A 61 0.85 29.00 -14.42
C ASN A 61 -0.02 29.47 -13.24
N TYR A 62 -1.34 29.25 -13.31
CA TYR A 62 -2.23 30.03 -12.44
C TYR A 62 -2.37 29.47 -11.03
N ILE A 63 -2.79 28.23 -10.92
CA ILE A 63 -3.23 27.71 -9.62
C ILE A 63 -2.03 27.35 -8.74
N ASP A 64 -2.01 27.86 -7.51
CA ASP A 64 -0.92 27.59 -6.56
C ASP A 64 -0.70 26.08 -6.42
N PHE A 65 0.58 25.69 -6.39
CA PHE A 65 1.02 24.32 -6.05
C PHE A 65 0.80 23.27 -7.12
N ILE A 66 -0.36 23.24 -7.76
CA ILE A 66 -0.63 22.15 -8.72
C ILE A 66 -0.42 22.48 -10.18
N SER A 67 -0.27 23.75 -10.52
CA SER A 67 0.07 24.11 -11.90
C SER A 67 1.49 23.63 -12.20
N PRO A 68 1.73 23.10 -13.41
CA PRO A 68 3.05 22.53 -13.70
C PRO A 68 4.22 23.52 -13.58
N PHE A 69 4.01 24.79 -13.87
CA PHE A 69 5.11 25.73 -13.75
C PHE A 69 4.96 26.65 -12.51
N TYR A 70 4.62 26.05 -11.38
CA TYR A 70 4.42 26.82 -10.17
C TYR A 70 5.73 27.16 -9.50
N SER A 71 6.66 26.20 -9.39
CA SER A 71 7.94 26.49 -8.74
C SER A 71 9.06 25.59 -9.22
N ARG A 72 10.30 25.94 -8.85
CA ARG A 72 11.48 25.23 -9.28
C ARG A 72 11.64 23.91 -8.54
N GLY A 73 10.80 23.70 -7.52
CA GLY A 73 10.91 22.54 -6.66
C GLY A 73 10.65 21.20 -7.31
N CYS A 74 11.06 20.14 -6.64
CA CYS A 74 10.93 18.81 -7.23
C CYS A 74 9.60 18.16 -6.85
N SER A 75 8.53 18.91 -7.12
CA SER A 75 7.17 18.43 -6.99
C SER A 75 6.53 18.27 -8.35
N PHE A 76 5.86 17.13 -8.59
CA PHE A 76 5.29 16.83 -9.90
C PHE A 76 3.82 16.49 -9.84
N GLU A 77 3.12 17.15 -8.90
CA GLU A 77 1.68 16.95 -8.72
C GLU A 77 0.88 17.23 -9.98
N ALA A 78 1.31 18.21 -10.78
CA ALA A 78 0.61 18.51 -12.03
C ALA A 78 0.63 17.29 -12.97
N TRP A 79 1.76 16.60 -13.00
CA TRP A 79 1.94 15.45 -13.86
C TRP A 79 1.23 14.23 -13.26
N GLU A 80 1.21 14.14 -11.93
CA GLU A 80 0.43 13.07 -11.27
C GLU A 80 -1.06 13.24 -11.52
N LEU A 81 -1.55 14.49 -11.48
CA LEU A 81 -2.95 14.75 -11.77
C LEU A 81 -3.30 14.44 -13.22
N LYS A 82 -2.30 14.50 -14.10
CA LYS A 82 -2.48 14.11 -15.51
C LYS A 82 -2.22 12.63 -15.78
N HIS A 83 -1.68 11.91 -14.79
CA HIS A 83 -1.31 10.51 -14.95
C HIS A 83 -0.19 10.31 -15.97
N THR A 84 0.73 11.27 -16.03
CA THR A 84 1.90 11.11 -16.88
C THR A 84 2.78 9.97 -16.38
N PRO A 85 3.06 8.99 -17.24
CA PRO A 85 4.01 7.96 -16.81
C PRO A 85 5.37 8.58 -16.59
N GLN A 86 6.12 8.04 -15.64
CA GLN A 86 7.41 8.59 -15.24
C GLN A 86 8.34 8.83 -16.44
N ARG A 87 8.44 7.86 -17.34
CA ARG A 87 9.41 7.95 -18.43
C ARG A 87 9.07 9.06 -19.43
N VAL A 88 7.86 9.62 -19.32
CA VAL A 88 7.36 10.60 -20.28
C VAL A 88 7.45 12.05 -19.75
N ILE A 89 7.69 12.20 -18.45
CA ILE A 89 7.74 13.54 -17.84
C ILE A 89 8.81 14.45 -18.47
N LYS A 90 10.00 13.89 -18.71
CA LYS A 90 11.07 14.66 -19.36
C LYS A 90 10.61 15.23 -20.72
N TYR A 91 9.90 14.43 -21.51
CA TYR A 91 9.41 14.89 -22.82
C TYR A 91 8.34 15.96 -22.68
N SER A 92 7.45 15.78 -21.71
CA SER A 92 6.41 16.74 -21.41
C SER A 92 7.02 18.08 -21.05
N ILE A 93 8.00 18.08 -20.15
CA ILE A 93 8.67 19.31 -19.78
C ILE A 93 9.34 19.94 -21.02
N ALA A 94 10.01 19.11 -21.82
CA ALA A 94 10.76 19.60 -22.97
C ALA A 94 9.83 20.25 -24.01
N PHE A 95 8.69 19.64 -24.31
CA PHE A 95 7.83 20.19 -25.34
C PHE A 95 7.09 21.46 -24.87
N TYR A 96 6.77 21.54 -23.58
CA TYR A 96 6.32 22.84 -23.04
C TYR A 96 7.35 23.96 -23.27
N ALA A 97 8.60 23.62 -23.00
CA ALA A 97 9.71 24.56 -23.10
C ALA A 97 9.84 25.09 -24.53
N TYR A 98 9.64 24.21 -25.50
CA TYR A 98 9.77 24.61 -26.89
C TYR A 98 8.60 25.50 -27.25
N GLY A 99 7.42 25.20 -26.72
CA GLY A 99 6.27 26.06 -26.97
C GLY A 99 6.50 27.44 -26.39
N LEU A 100 7.00 27.46 -25.15
CA LEU A 100 7.29 28.67 -24.43
C LEU A 100 8.30 29.55 -25.19
N ALA A 101 9.27 28.93 -25.86
CA ALA A 101 10.26 29.70 -26.56
C ALA A 101 9.60 30.49 -27.69
N SER A 102 8.59 29.89 -28.33
CA SER A 102 7.87 30.57 -29.37
C SER A 102 6.92 31.65 -28.84
N VAL A 103 6.38 31.44 -27.64
CA VAL A 103 5.50 32.45 -27.05
C VAL A 103 6.32 33.73 -26.87
N ALA A 104 7.57 33.57 -26.45
CA ALA A 104 8.48 34.69 -26.27
C ALA A 104 8.73 35.43 -27.59
N LEU A 105 8.79 34.71 -28.70
CA LEU A 105 8.99 35.30 -30.01
C LEU A 105 7.72 35.94 -30.54
N ILE A 106 6.56 35.39 -30.18
CA ILE A 106 5.27 35.91 -30.60
C ILE A 106 4.91 37.22 -29.90
N ASP A 107 4.93 37.21 -28.58
CA ASP A 107 4.43 38.35 -27.81
C ASP A 107 5.51 38.82 -26.84
N PRO A 108 6.12 39.97 -27.14
CA PRO A 108 7.19 40.57 -26.32
C PRO A 108 6.74 40.89 -24.89
N LYS A 109 5.46 41.12 -24.67
CA LYS A 109 4.97 41.39 -23.32
C LYS A 109 4.97 40.13 -22.46
N LEU A 110 4.99 38.96 -23.11
CA LEU A 110 4.97 37.69 -22.38
C LEU A 110 6.35 37.06 -22.35
N ARG A 111 7.35 37.75 -22.91
CA ARG A 111 8.68 37.15 -23.01
C ARG A 111 9.27 36.92 -21.63
N ALA A 112 9.04 37.86 -20.71
CA ALA A 112 9.50 37.72 -19.33
C ALA A 112 8.88 36.49 -18.69
N LEU A 113 7.56 36.34 -18.85
CA LEU A 113 6.82 35.18 -18.37
C LEU A 113 7.37 33.90 -18.98
N ALA A 114 7.66 33.94 -20.28
CA ALA A 114 8.11 32.76 -20.98
C ALA A 114 9.46 32.34 -20.42
N GLY A 115 10.32 33.33 -20.18
CA GLY A 115 11.61 33.05 -19.59
C GLY A 115 11.53 32.46 -18.20
N HIS A 116 10.59 32.98 -17.39
CA HIS A 116 10.35 32.44 -16.05
C HIS A 116 9.98 30.96 -16.12
N ASP A 117 8.99 30.62 -16.95
CA ASP A 117 8.58 29.22 -17.10
C ASP A 117 9.74 28.34 -17.59
N LEU A 118 10.60 28.89 -18.47
CA LEU A 118 11.76 28.13 -18.93
C LEU A 118 12.73 27.86 -17.79
N ASP A 119 12.91 28.85 -16.92
CA ASP A 119 13.71 28.69 -15.70
C ASP A 119 13.21 27.50 -14.87
N ILE A 120 11.90 27.47 -14.64
CA ILE A 120 11.27 26.37 -13.90
C ILE A 120 11.39 25.03 -14.65
N ALA A 121 11.26 25.06 -15.99
CA ALA A 121 11.37 23.85 -16.79
C ALA A 121 12.73 23.17 -16.65
N VAL A 122 13.78 23.98 -16.68
CA VAL A 122 15.14 23.47 -16.53
C VAL A 122 15.35 22.86 -15.14
N SER A 123 14.88 23.57 -14.11
CA SER A 123 15.01 23.08 -12.73
C SER A 123 14.32 21.75 -12.56
N LYS A 124 13.09 21.66 -13.03
CA LYS A 124 12.34 20.43 -12.87
C LYS A 124 12.97 19.31 -13.69
N MET A 125 13.52 19.66 -14.84
CA MET A 125 14.16 18.69 -15.72
C MET A 125 15.28 17.96 -14.98
N LYS A 126 15.94 18.66 -14.05
CA LYS A 126 17.06 18.07 -13.33
C LYS A 126 16.69 17.29 -12.07
N CYS A 127 15.40 17.23 -11.75
CA CYS A 127 14.96 16.46 -10.58
C CYS A 127 15.08 14.98 -10.87
N LYS A 128 15.39 14.20 -9.85
CA LYS A 128 15.61 12.76 -10.05
C LYS A 128 14.35 12.01 -10.47
N ARG A 129 13.18 12.53 -10.12
CA ARG A 129 11.93 11.95 -10.61
C ARG A 129 11.89 11.93 -12.15
N VAL A 130 12.57 12.88 -12.76
CA VAL A 130 12.54 13.03 -14.21
C VAL A 130 13.57 12.14 -14.90
N TRP A 131 14.81 12.16 -14.43
CA TRP A 131 15.85 11.38 -15.08
C TRP A 131 16.11 10.02 -14.39
N GLY A 132 15.42 9.75 -13.29
CA GLY A 132 15.70 8.57 -12.47
C GLY A 132 15.63 7.22 -13.16
N ASP A 133 14.84 7.12 -14.22
CA ASP A 133 14.71 5.84 -14.96
C ASP A 133 16.06 5.34 -15.46
N TRP A 134 16.97 6.27 -15.73
CA TRP A 134 18.32 5.90 -16.18
C TRP A 134 19.04 5.05 -15.14
N GLU A 135 18.95 5.46 -13.89
CA GLU A 135 19.57 4.72 -12.80
C GLU A 135 18.83 3.42 -12.49
N GLU A 136 17.50 3.49 -12.50
CA GLU A 136 16.68 2.32 -12.21
C GLU A 136 16.86 1.23 -13.27
N ASP A 137 17.12 1.59 -14.53
CA ASP A 137 17.33 0.56 -15.56
C ASP A 137 18.73 -0.02 -15.48
N GLY A 138 19.53 0.50 -14.56
CA GLY A 138 20.86 -0.04 -14.32
C GLY A 138 21.94 0.59 -15.20
N PHE A 139 21.66 1.74 -15.80
CA PHE A 139 22.58 2.31 -16.79
C PHE A 139 23.62 3.26 -16.15
N GLY A 140 23.37 3.67 -14.90
CA GLY A 140 24.34 4.48 -14.18
C GLY A 140 23.66 5.49 -13.27
N THR A 141 24.44 6.13 -12.40
CA THR A 141 23.91 7.07 -11.44
C THR A 141 24.00 8.52 -11.92
N ASP A 142 24.70 8.75 -13.02
CA ASP A 142 24.86 10.08 -13.62
C ASP A 142 24.22 10.12 -15.01
N PRO A 143 23.16 10.93 -15.15
CA PRO A 143 22.37 10.92 -16.39
C PRO A 143 23.02 11.61 -17.58
N ILE A 144 24.08 12.40 -17.42
CA ILE A 144 24.61 13.15 -18.56
C ILE A 144 26.00 12.70 -19.01
N GLU A 145 26.68 11.94 -18.16
CA GLU A 145 28.07 11.53 -18.40
C GLU A 145 28.29 10.89 -19.77
N LYS A 146 27.51 9.87 -20.10
CA LYS A 146 27.56 9.25 -21.42
C LYS A 146 26.17 8.80 -21.85
N GLU A 147 25.95 8.76 -23.17
CA GLU A 147 24.72 8.22 -23.75
C GLU A 147 23.53 9.03 -23.24
N ASN A 148 22.35 8.40 -23.21
CA ASN A 148 21.15 9.03 -22.65
C ASN A 148 20.82 10.36 -23.35
N ILE A 149 20.91 10.38 -24.67
CA ILE A 149 20.72 11.61 -25.43
C ILE A 149 19.23 11.98 -25.43
N MET A 150 18.36 10.99 -25.25
CA MET A 150 16.92 11.23 -25.11
C MET A 150 16.62 12.17 -23.95
N TYR A 151 17.50 12.19 -22.96
CA TYR A 151 17.36 13.10 -21.83
C TYR A 151 18.23 14.34 -21.99
N LYS A 152 19.53 14.14 -22.19
CA LYS A 152 20.42 15.28 -22.09
C LYS A 152 20.40 16.15 -23.34
N GLY A 153 19.94 15.61 -24.46
CA GLY A 153 19.74 16.42 -25.65
C GLY A 153 18.71 17.49 -25.35
N HIS A 154 17.55 17.05 -24.83
CA HIS A 154 16.49 17.99 -24.45
C HIS A 154 16.94 18.98 -23.40
N LEU A 155 17.63 18.48 -22.38
CA LEU A 155 18.13 19.36 -21.34
C LEU A 155 19.03 20.44 -21.95
N ASN A 156 19.95 20.05 -22.82
CA ASN A 156 20.85 21.00 -23.45
C ASN A 156 20.14 22.04 -24.30
N LEU A 157 19.16 21.61 -25.09
CA LEU A 157 18.41 22.57 -25.88
C LEU A 157 17.68 23.57 -24.96
N MET A 158 17.18 23.08 -23.83
CA MET A 158 16.42 23.92 -22.90
C MET A 158 17.31 24.95 -22.20
N TYR A 159 18.53 24.55 -21.84
CA TYR A 159 19.51 25.49 -21.31
C TYR A 159 19.65 26.67 -22.27
N GLY A 160 19.81 26.34 -23.55
CA GLY A 160 20.03 27.35 -24.56
C GLY A 160 18.83 28.23 -24.82
N LEU A 161 17.65 27.62 -24.93
CA LEU A 161 16.45 28.40 -25.18
C LEU A 161 16.20 29.35 -24.00
N TYR A 162 16.50 28.89 -22.80
CA TYR A 162 16.35 29.74 -21.62
C TYR A 162 17.19 31.00 -21.74
N GLN A 163 18.47 30.84 -22.10
CA GLN A 163 19.37 31.98 -22.15
C GLN A 163 19.02 32.86 -23.34
N LEU A 164 18.64 32.23 -24.44
CA LEU A 164 18.14 32.94 -25.60
C LEU A 164 17.00 33.86 -25.24
N VAL A 165 16.04 33.32 -24.50
CA VAL A 165 14.84 34.07 -24.17
C VAL A 165 15.12 35.18 -23.14
N THR A 166 15.91 34.85 -22.12
CA THR A 166 16.08 35.74 -20.97
C THR A 166 17.37 36.53 -20.97
N GLY A 167 18.42 35.97 -21.57
CA GLY A 167 19.74 36.57 -21.47
C GLY A 167 20.38 36.25 -20.13
N SER A 168 19.72 35.45 -19.31
CA SER A 168 20.26 35.10 -18.00
C SER A 168 21.38 34.07 -18.15
N ARG A 169 22.39 34.17 -17.28
CA ARG A 169 23.53 33.28 -17.35
C ARG A 169 23.48 32.28 -16.19
N ARG A 170 22.30 32.15 -15.61
CA ARG A 170 22.05 31.26 -14.49
C ARG A 170 22.53 29.82 -14.75
N TYR A 171 22.25 29.28 -15.93
CA TYR A 171 22.66 27.92 -16.26
C TYR A 171 23.85 27.88 -17.22
N GLU A 172 24.57 29.00 -17.35
CA GLU A 172 25.62 29.09 -18.34
C GLU A 172 26.71 28.04 -18.13
N ALA A 173 27.18 27.92 -16.90
CA ALA A 173 28.28 26.99 -16.64
C ALA A 173 27.89 25.53 -16.96
N GLU A 174 26.68 25.12 -16.61
CA GLU A 174 26.29 23.73 -16.87
C GLU A 174 25.90 23.58 -18.34
N HIS A 175 25.42 24.65 -18.96
CA HIS A 175 25.14 24.63 -20.40
C HIS A 175 26.43 24.33 -21.19
N ALA A 176 27.51 25.00 -20.85
CA ALA A 176 28.79 24.81 -21.56
C ALA A 176 29.34 23.40 -21.32
N HIS A 177 29.17 22.94 -20.08
CA HIS A 177 29.66 21.64 -19.68
C HIS A 177 28.99 20.51 -20.44
N LEU A 178 27.67 20.63 -20.63
CA LEU A 178 26.90 19.58 -21.30
C LEU A 178 27.14 19.62 -22.81
N THR A 179 27.18 20.82 -23.36
CA THR A 179 27.54 21.03 -24.76
C THR A 179 28.90 20.41 -25.08
N ARG A 180 29.86 20.54 -24.16
CA ARG A 180 31.16 19.89 -24.32
C ARG A 180 31.02 18.38 -24.29
N ILE A 181 30.21 17.87 -23.37
CA ILE A 181 29.97 16.44 -23.30
C ILE A 181 29.43 15.93 -24.64
N ILE A 182 28.37 16.58 -25.13
CA ILE A 182 27.73 16.17 -26.37
C ILE A 182 28.70 16.27 -27.54
N HIS A 183 29.40 17.39 -27.65
CA HIS A 183 30.39 17.58 -28.69
C HIS A 183 31.47 16.49 -28.70
N ASP A 184 32.01 16.17 -27.53
CA ASP A 184 33.07 15.16 -27.44
C ASP A 184 32.53 13.76 -27.71
N GLU A 185 31.32 13.49 -27.25
CA GLU A 185 30.71 12.19 -27.49
C GLU A 185 30.51 11.99 -29.00
N ILE A 186 29.97 13.00 -29.68
CA ILE A 186 29.84 12.90 -31.14
C ILE A 186 31.20 12.64 -31.81
N ALA A 187 32.22 13.37 -31.38
CA ALA A 187 33.56 13.25 -31.94
C ALA A 187 34.08 11.83 -31.82
N ALA A 188 33.81 11.22 -30.67
CA ALA A 188 34.40 9.92 -30.35
C ALA A 188 33.61 8.73 -30.89
N ASN A 189 32.41 8.96 -31.41
CA ASN A 189 31.62 7.83 -31.91
C ASN A 189 31.88 7.55 -33.39
N PRO A 190 31.89 6.25 -33.78
CA PRO A 190 32.16 5.82 -35.16
C PRO A 190 31.02 6.18 -36.09
N PHE A 191 29.80 6.04 -35.58
CA PHE A 191 28.60 6.51 -36.24
C PHE A 191 28.40 7.99 -35.90
N ALA A 192 27.60 8.71 -36.68
CA ALA A 192 27.39 10.13 -36.39
C ALA A 192 26.26 10.32 -35.40
N GLY A 193 26.60 10.79 -34.21
CA GLY A 193 25.60 11.06 -33.20
C GLY A 193 25.91 10.34 -31.91
N ILE A 194 24.85 10.13 -31.11
CA ILE A 194 24.96 9.62 -29.74
C ILE A 194 23.77 8.70 -29.45
N VAL A 195 23.98 7.61 -28.70
CA VAL A 195 22.90 6.68 -28.40
C VAL A 195 22.02 7.16 -27.24
N CYS A 196 20.87 6.51 -27.06
CA CYS A 196 20.02 6.74 -25.89
C CYS A 196 20.36 5.70 -24.81
N GLU A 197 19.56 4.64 -24.75
CA GLU A 197 19.98 3.46 -24.00
C GLU A 197 21.23 2.95 -24.69
N PRO A 198 22.12 2.26 -23.96
CA PRO A 198 23.29 1.68 -24.61
C PRO A 198 22.89 0.85 -25.82
N ASP A 199 23.58 1.08 -26.93
CA ASP A 199 23.34 0.42 -28.21
C ASP A 199 21.98 0.74 -28.87
N ASN A 200 21.27 1.76 -28.38
CA ASN A 200 20.06 2.22 -29.06
C ASN A 200 20.23 3.61 -29.67
N TYR A 201 20.15 3.70 -30.97
CA TYR A 201 20.34 4.96 -31.67
C TYR A 201 19.01 5.41 -32.26
N PHE A 202 18.59 6.61 -31.86
CA PHE A 202 17.32 7.14 -32.34
C PHE A 202 17.57 8.46 -33.07
N VAL A 203 17.07 8.52 -34.29
CA VAL A 203 17.24 9.69 -35.13
C VAL A 203 16.54 10.95 -34.56
N GLN A 204 15.38 10.78 -33.92
CA GLN A 204 14.66 11.94 -33.41
C GLN A 204 15.34 12.54 -32.18
N CYS A 205 15.90 11.69 -31.33
CA CYS A 205 16.59 12.16 -30.14
C CYS A 205 17.88 12.86 -30.52
N ASN A 206 18.52 12.38 -31.58
CA ASN A 206 19.74 13.02 -32.04
C ASN A 206 19.44 14.41 -32.60
N SER A 207 18.28 14.55 -33.25
CA SER A 207 17.94 15.81 -33.89
C SER A 207 17.85 16.93 -32.85
N VAL A 208 17.39 16.59 -31.65
CA VAL A 208 17.31 17.54 -30.54
C VAL A 208 18.70 18.00 -30.11
N ALA A 209 19.64 17.07 -30.05
CA ALA A 209 20.97 17.37 -29.55
C ALA A 209 21.70 18.28 -30.52
N TYR A 210 21.59 17.98 -31.82
CA TYR A 210 22.27 18.82 -32.83
C TYR A 210 21.69 20.22 -32.82
N LEU A 211 20.36 20.33 -32.82
CA LEU A 211 19.70 21.63 -32.69
C LEU A 211 20.18 22.41 -31.45
N SER A 212 20.50 21.70 -30.36
CA SER A 212 20.98 22.37 -29.16
C SER A 212 22.36 22.98 -29.40
N LEU A 213 23.11 22.38 -30.32
CA LEU A 213 24.42 22.91 -30.70
C LEU A 213 24.27 24.18 -31.53
N TRP A 214 23.24 24.23 -32.37
CA TRP A 214 22.95 25.45 -33.11
C TRP A 214 22.60 26.60 -32.18
N VAL A 215 21.87 26.29 -31.11
CA VAL A 215 21.42 27.33 -30.18
C VAL A 215 22.61 27.84 -29.40
N TYR A 216 23.50 26.91 -29.01
CA TYR A 216 24.70 27.31 -28.31
C TYR A 216 25.54 28.27 -29.18
N ASP A 217 25.64 27.99 -30.47
CA ASP A 217 26.44 28.84 -31.36
C ASP A 217 25.78 30.20 -31.51
N ARG A 218 24.46 30.22 -31.62
CA ARG A 218 23.73 31.48 -31.68
C ARG A 218 24.08 32.33 -30.47
N LEU A 219 24.06 31.71 -29.29
CA LEU A 219 24.39 32.41 -28.04
C LEU A 219 25.84 32.85 -27.94
N HIS A 220 26.77 32.03 -28.42
CA HIS A 220 28.17 32.30 -28.13
C HIS A 220 29.06 32.56 -29.36
N GLY A 221 28.48 32.51 -30.56
CA GLY A 221 29.24 32.78 -31.78
C GLY A 221 30.16 31.65 -32.21
N THR A 222 30.04 30.51 -31.54
CA THR A 222 30.93 29.38 -31.79
C THR A 222 30.51 28.56 -33.01
N ASP A 223 31.15 27.41 -33.20
CA ASP A 223 30.86 26.57 -34.36
C ASP A 223 30.67 25.07 -34.02
N TYR A 224 30.02 24.79 -32.89
CA TYR A 224 29.71 23.40 -32.54
C TYR A 224 28.80 22.75 -33.58
N ARG A 225 28.02 23.56 -34.28
CA ARG A 225 27.05 23.06 -35.24
C ARG A 225 27.69 22.47 -36.49
N ALA A 226 29.02 22.52 -36.57
CA ALA A 226 29.74 22.04 -37.75
C ALA A 226 29.59 20.54 -37.94
N ALA A 227 29.33 19.83 -36.85
CA ALA A 227 29.17 18.38 -36.92
C ALA A 227 27.88 17.98 -37.64
N THR A 228 26.96 18.93 -37.81
CA THR A 228 25.63 18.61 -38.35
C THR A 228 25.67 18.01 -39.76
N ARG A 229 26.63 18.43 -40.56
CA ARG A 229 26.73 17.95 -41.95
C ARG A 229 26.96 16.43 -42.03
N ALA A 230 27.95 15.95 -41.27
CA ALA A 230 28.25 14.53 -41.20
C ALA A 230 27.06 13.73 -40.65
N TRP A 231 26.27 14.33 -39.76
CA TRP A 231 25.11 13.65 -39.21
C TRP A 231 24.00 13.53 -40.26
N LEU A 232 23.71 14.62 -40.95
CA LEU A 232 22.68 14.57 -41.99
C LEU A 232 23.08 13.59 -43.10
N ASP A 233 24.37 13.46 -43.39
CA ASP A 233 24.81 12.47 -44.38
C ASP A 233 24.61 11.05 -43.83
N PHE A 234 24.95 10.84 -42.56
CA PHE A 234 24.82 9.54 -41.93
C PHE A 234 23.39 8.99 -41.95
N ILE A 235 22.44 9.80 -41.51
CA ILE A 235 21.06 9.34 -41.35
C ILE A 235 20.34 9.13 -42.69
N GLN A 236 20.87 9.74 -43.75
CA GLN A 236 20.33 9.54 -45.10
C GLN A 236 20.83 8.28 -45.78
N LYS A 237 21.76 7.56 -45.14
CA LYS A 237 22.16 6.24 -45.62
C LYS A 237 21.13 5.19 -45.21
N ASP A 238 21.46 4.36 -44.23
CA ASP A 238 20.61 3.22 -43.89
C ASP A 238 19.41 3.54 -42.99
N LEU A 239 19.38 4.74 -42.39
CA LEU A 239 18.30 5.09 -41.47
C LEU A 239 17.06 5.62 -42.18
N ILE A 240 17.19 6.00 -43.45
CA ILE A 240 16.02 6.54 -44.14
C ILE A 240 15.66 5.73 -45.37
N ASP A 241 14.36 5.60 -45.62
CA ASP A 241 13.86 5.13 -46.88
C ASP A 241 13.63 6.36 -47.76
N PRO A 242 14.59 6.67 -48.64
CA PRO A 242 14.55 7.95 -49.36
C PRO A 242 13.30 8.09 -50.23
N GLU A 243 12.77 6.97 -50.71
CA GLU A 243 11.63 7.02 -51.62
C GLU A 243 10.33 7.34 -50.89
N ARG A 244 10.16 6.78 -49.69
CA ARG A 244 8.96 7.02 -48.91
C ARG A 244 9.08 8.24 -47.99
N GLY A 245 10.28 8.82 -47.94
CA GLY A 245 10.57 9.97 -47.11
C GLY A 245 10.34 9.68 -45.64
N ALA A 246 10.81 8.51 -45.17
CA ALA A 246 10.52 8.03 -43.82
C ALA A 246 11.75 7.39 -43.17
N PHE A 247 11.96 7.69 -41.88
CA PHE A 247 13.05 7.06 -41.14
C PHE A 247 12.63 5.72 -40.58
N TYR A 248 13.58 4.80 -40.48
CA TYR A 248 13.30 3.56 -39.77
C TYR A 248 13.33 3.82 -38.27
N LEU A 249 12.76 2.88 -37.53
CA LEU A 249 12.56 3.00 -36.10
C LEU A 249 13.82 3.37 -35.34
N SER A 250 14.88 2.60 -35.55
CA SER A 250 16.10 2.80 -34.79
C SER A 250 17.29 2.10 -35.44
N TYR A 251 18.48 2.46 -34.98
CA TYR A 251 19.72 1.89 -35.46
C TYR A 251 20.44 1.31 -34.25
N HIS A 252 21.15 0.21 -34.47
CA HIS A 252 21.77 -0.50 -33.36
C HIS A 252 23.18 -0.87 -33.73
N PRO A 253 24.12 0.01 -33.38
CA PRO A 253 25.49 0.05 -33.88
C PRO A 253 26.31 -1.23 -33.61
N GLU A 254 26.10 -1.91 -32.50
CA GLU A 254 26.93 -3.08 -32.22
C GLU A 254 26.60 -4.24 -33.15
N SER A 255 25.34 -4.36 -33.56
CA SER A 255 24.97 -5.42 -34.48
C SER A 255 24.83 -4.90 -35.91
N GLY A 256 24.81 -3.58 -36.06
CA GLY A 256 24.58 -2.95 -37.35
C GLY A 256 23.10 -2.97 -37.75
N ALA A 257 22.25 -3.43 -36.85
CA ALA A 257 20.82 -3.58 -37.17
C ALA A 257 20.11 -2.24 -37.34
N VAL A 258 19.27 -2.18 -38.35
CA VAL A 258 18.29 -1.12 -38.49
C VAL A 258 16.93 -1.80 -38.42
N LYS A 259 16.11 -1.45 -37.43
CA LYS A 259 14.78 -2.06 -37.35
C LYS A 259 14.03 -1.83 -38.67
N PRO A 260 13.37 -2.87 -39.16
CA PRO A 260 12.79 -2.81 -40.50
C PRO A 260 11.45 -2.08 -40.61
N TRP A 261 10.99 -1.39 -39.57
CA TRP A 261 9.75 -0.64 -39.70
C TRP A 261 10.02 0.86 -39.80
N ILE A 262 9.34 1.52 -40.71
CA ILE A 262 9.39 2.98 -40.76
C ILE A 262 8.36 3.55 -39.78
N SER A 263 8.64 4.72 -39.22
CA SER A 263 7.80 5.30 -38.16
C SER A 263 7.42 6.74 -38.50
N ALA A 264 6.13 7.06 -38.43
CA ALA A 264 5.70 8.40 -38.81
C ALA A 264 6.07 9.43 -37.73
N TYR A 265 5.79 9.12 -36.46
CA TYR A 265 6.05 10.12 -35.40
C TYR A 265 7.56 10.42 -35.38
N THR A 266 8.37 9.38 -35.50
CA THR A 266 9.82 9.54 -35.59
C THR A 266 10.20 10.50 -36.73
N THR A 267 9.57 10.31 -37.87
CA THR A 267 9.91 11.07 -39.05
C THR A 267 9.38 12.51 -38.93
N ALA A 268 8.16 12.67 -38.45
CA ALA A 268 7.56 13.99 -38.30
C ALA A 268 8.38 14.87 -37.37
N TRP A 269 8.77 14.31 -36.23
CA TRP A 269 9.57 15.02 -35.25
C TRP A 269 10.95 15.35 -35.83
N THR A 270 11.60 14.36 -36.44
CA THR A 270 12.94 14.59 -37.00
C THR A 270 12.98 15.64 -38.12
N LEU A 271 12.05 15.55 -39.06
CA LEU A 271 11.99 16.52 -40.16
C LEU A 271 11.74 17.94 -39.64
N ALA A 272 10.90 18.09 -38.61
CA ALA A 272 10.58 19.40 -38.05
C ALA A 272 11.80 20.09 -37.46
N MET A 273 12.58 19.35 -36.67
CA MET A 273 13.76 19.93 -36.06
C MET A 273 14.93 20.13 -37.06
N VAL A 274 15.10 19.17 -37.98
CA VAL A 274 16.11 19.29 -39.03
C VAL A 274 15.81 20.51 -39.91
N HIS A 275 14.53 20.80 -40.13
CA HIS A 275 14.15 21.94 -40.94
C HIS A 275 14.72 23.26 -40.39
N GLY A 276 14.96 23.30 -39.09
CA GLY A 276 15.58 24.45 -38.47
C GLY A 276 17.07 24.54 -38.71
N MET A 277 17.69 23.43 -39.11
CA MET A 277 19.13 23.41 -39.34
C MET A 277 19.51 23.30 -40.81
N ASP A 278 18.74 22.49 -41.55
CA ASP A 278 18.95 22.28 -42.98
C ASP A 278 17.59 22.17 -43.65
N PRO A 279 17.01 23.32 -44.00
CA PRO A 279 15.61 23.29 -44.46
C PRO A 279 15.40 22.52 -45.75
N ALA A 280 16.43 22.43 -46.60
CA ALA A 280 16.29 21.71 -47.87
C ALA A 280 16.12 20.19 -47.66
N PHE A 281 16.79 19.67 -46.64
CA PHE A 281 16.62 18.27 -46.23
C PHE A 281 15.13 17.95 -46.05
N SER A 282 14.44 18.79 -45.29
CA SER A 282 13.04 18.53 -44.98
C SER A 282 12.14 18.88 -46.15
N GLU A 283 12.50 19.90 -46.91
CA GLU A 283 11.79 20.21 -48.17
C GLU A 283 11.74 18.99 -49.06
N ARG A 284 12.87 18.31 -49.19
CA ARG A 284 12.97 17.12 -50.02
C ARG A 284 12.05 15.98 -49.58
N TYR A 285 12.03 15.68 -48.27
CA TYR A 285 11.33 14.47 -47.83
C TYR A 285 9.91 14.73 -47.40
N TYR A 286 9.56 15.98 -47.10
CA TYR A 286 8.22 16.29 -46.59
C TYR A 286 7.07 15.80 -47.50
N PRO A 287 7.13 16.05 -48.83
CA PRO A 287 6.00 15.56 -49.63
C PRO A 287 5.96 14.03 -49.77
N ARG A 288 7.12 13.39 -49.67
CA ARG A 288 7.15 11.94 -49.68
C ARG A 288 6.56 11.38 -48.38
N PHE A 289 6.99 11.94 -47.25
CA PHE A 289 6.41 11.63 -45.94
C PHE A 289 4.87 11.69 -45.95
N LYS A 290 4.32 12.77 -46.50
CA LYS A 290 2.87 12.97 -46.50
C LYS A 290 2.16 11.90 -47.33
N GLN A 291 2.75 11.56 -48.47
CA GLN A 291 2.21 10.50 -49.32
C GLN A 291 2.23 9.12 -48.62
N THR A 292 3.31 8.84 -47.92
CA THR A 292 3.44 7.58 -47.23
C THR A 292 2.45 7.41 -46.07
N PHE A 293 2.35 8.43 -45.22
CA PHE A 293 1.69 8.30 -43.91
C PHE A 293 0.34 8.99 -43.73
N VAL A 294 0.12 10.09 -44.44
CA VAL A 294 -1.00 10.97 -44.11
C VAL A 294 -2.30 10.57 -44.82
N GLU A 295 -3.36 10.38 -44.05
CA GLU A 295 -4.67 10.11 -44.63
C GLU A 295 -5.64 11.29 -44.47
N VAL A 296 -5.95 11.96 -45.56
CA VAL A 296 -6.99 12.98 -45.58
C VAL A 296 -8.34 12.31 -45.66
N TYR A 297 -9.31 12.77 -44.88
CA TYR A 297 -10.65 12.19 -44.91
C TYR A 297 -11.70 13.26 -44.64
N ASP A 298 -12.95 12.84 -44.48
CA ASP A 298 -14.07 13.77 -44.31
C ASP A 298 -14.07 14.89 -45.36
N GLU A 299 -13.98 14.48 -46.62
CA GLU A 299 -14.04 15.40 -47.76
C GLU A 299 -13.02 16.54 -47.67
N GLY A 300 -11.83 16.20 -47.19
CA GLY A 300 -10.74 17.16 -47.14
C GLY A 300 -10.69 17.95 -45.85
N ARG A 301 -11.68 17.77 -44.99
CA ARG A 301 -11.76 18.59 -43.77
C ARG A 301 -10.80 18.14 -42.67
N LYS A 302 -10.45 16.85 -42.69
CA LYS A 302 -9.66 16.26 -41.61
C LYS A 302 -8.51 15.41 -42.13
N ALA A 303 -7.52 15.16 -41.27
CA ALA A 303 -6.47 14.21 -41.59
C ALA A 303 -6.05 13.36 -40.38
N ARG A 304 -5.60 12.13 -40.67
CA ARG A 304 -5.11 11.14 -39.71
C ARG A 304 -3.73 10.70 -40.17
N VAL A 305 -2.85 10.34 -39.24
CA VAL A 305 -1.55 9.84 -39.67
C VAL A 305 -1.35 8.39 -39.26
N ARG A 306 -1.08 7.53 -40.25
CA ARG A 306 -0.70 6.14 -39.97
C ARG A 306 0.70 6.13 -39.39
N GLU A 307 0.96 5.26 -38.41
CA GLU A 307 2.24 5.26 -37.71
C GLU A 307 3.31 4.52 -38.51
N THR A 308 2.91 3.48 -39.23
CA THR A 308 3.88 2.68 -39.97
C THR A 308 3.32 2.26 -41.33
N ALA A 309 4.13 1.56 -42.12
CA ALA A 309 3.70 1.08 -43.43
C ALA A 309 2.86 -0.20 -43.28
N GLY A 310 2.08 -0.53 -44.30
CA GLY A 310 1.41 -1.82 -44.35
C GLY A 310 0.28 -1.96 -43.35
N THR A 311 -0.42 -0.85 -43.13
CA THR A 311 -1.58 -0.84 -42.25
C THR A 311 -2.49 0.29 -42.66
N ASP A 312 -3.78 0.17 -42.35
CA ASP A 312 -4.72 1.25 -42.59
C ASP A 312 -4.94 2.05 -41.30
N ASP A 313 -4.56 1.49 -40.16
CA ASP A 313 -4.82 2.07 -38.86
C ASP A 313 -4.05 3.35 -38.59
N ALA A 314 -4.73 4.35 -38.05
CA ALA A 314 -4.12 5.62 -37.68
C ALA A 314 -3.52 5.59 -36.26
N ASP A 315 -2.45 6.35 -36.10
CA ASP A 315 -1.82 6.61 -34.80
C ASP A 315 -1.61 5.38 -33.91
N GLY A 316 -1.14 4.27 -34.49
CA GLY A 316 -0.71 3.12 -33.71
C GLY A 316 0.61 3.41 -33.03
N GLY A 317 1.29 2.36 -32.56
CA GLY A 317 2.55 2.53 -31.84
C GLY A 317 2.37 3.40 -30.62
N VAL A 318 3.21 4.42 -30.47
CA VAL A 318 3.11 5.31 -29.31
C VAL A 318 1.87 6.21 -29.38
N GLY A 319 1.24 6.26 -30.55
CA GLY A 319 -0.01 6.98 -30.71
C GLY A 319 0.15 8.46 -31.00
N LEU A 320 1.35 8.87 -31.41
CA LEU A 320 1.66 10.28 -31.49
C LEU A 320 1.91 10.78 -32.92
N ALA A 321 1.58 9.96 -33.92
CA ALA A 321 1.89 10.32 -35.30
C ALA A 321 1.18 11.60 -35.73
N SER A 322 -0.11 11.68 -35.49
CA SER A 322 -0.87 12.88 -35.87
C SER A 322 -0.41 14.13 -35.12
N ALA A 323 -0.15 13.98 -33.83
CA ALA A 323 0.32 15.09 -33.01
C ALA A 323 1.65 15.69 -33.52
N PHE A 324 2.62 14.83 -33.85
CA PHE A 324 3.90 15.34 -34.34
C PHE A 324 3.84 15.85 -35.77
N THR A 325 2.89 15.33 -36.54
CA THR A 325 2.75 15.82 -37.90
C THR A 325 2.15 17.21 -37.82
N LEU A 326 1.31 17.43 -36.82
CA LEU A 326 0.76 18.75 -36.54
C LEU A 326 1.92 19.73 -36.36
N LEU A 327 2.88 19.35 -35.53
CA LEU A 327 4.08 20.17 -35.37
C LEU A 327 4.82 20.34 -36.71
N LEU A 328 4.96 19.26 -37.46
CA LEU A 328 5.70 19.33 -38.73
C LEU A 328 4.99 20.26 -39.75
N ALA A 329 3.67 20.21 -39.79
CA ALA A 329 2.88 21.05 -40.71
C ALA A 329 3.09 22.52 -40.40
N ARG A 330 3.09 22.85 -39.10
CA ARG A 330 3.38 24.22 -38.66
C ARG A 330 4.78 24.65 -39.09
N GLU A 331 5.76 23.79 -38.84
CA GLU A 331 7.14 24.10 -39.18
C GLU A 331 7.31 24.31 -40.70
N MET A 332 6.58 23.57 -41.52
CA MET A 332 6.71 23.68 -42.98
C MET A 332 5.73 24.69 -43.58
N GLY A 333 4.99 25.40 -42.73
CA GLY A 333 4.01 26.39 -43.18
C GLY A 333 2.82 25.82 -43.92
N ASP A 334 2.52 24.55 -43.67
CA ASP A 334 1.46 23.85 -44.39
C ASP A 334 0.15 24.05 -43.64
N GLN A 335 -0.56 25.15 -43.92
CA GLN A 335 -1.77 25.49 -43.16
C GLN A 335 -2.92 24.54 -43.44
N GLN A 336 -3.03 24.05 -44.67
CA GLN A 336 -4.09 23.10 -44.97
C GLN A 336 -3.95 21.80 -44.15
N LEU A 337 -2.75 21.21 -44.12
CA LEU A 337 -2.55 19.99 -43.33
C LEU A 337 -2.72 20.27 -41.83
N PHE A 338 -2.16 21.38 -41.38
CA PHE A 338 -2.33 21.82 -39.99
C PHE A 338 -3.81 21.85 -39.65
N ASP A 339 -4.59 22.51 -40.50
CA ASP A 339 -6.01 22.65 -40.21
C ASP A 339 -6.72 21.29 -40.13
N GLN A 340 -6.41 20.43 -41.09
CA GLN A 340 -6.97 19.06 -41.13
C GLN A 340 -6.62 18.21 -39.90
N LEU A 341 -5.37 18.25 -39.46
CA LEU A 341 -4.98 17.45 -38.30
C LEU A 341 -5.65 17.98 -37.04
N LEU A 342 -5.71 19.32 -36.89
CA LEU A 342 -6.27 19.90 -35.68
C LEU A 342 -7.77 19.62 -35.57
N ASN A 343 -8.43 19.54 -36.71
CA ASN A 343 -9.85 19.19 -36.77
C ASN A 343 -10.07 17.74 -36.37
N HIS A 344 -9.05 16.92 -36.64
CA HIS A 344 -9.07 15.52 -36.22
C HIS A 344 -8.80 15.41 -34.72
N LEU A 345 -7.79 16.13 -34.26
CA LEU A 345 -7.27 15.98 -32.91
C LEU A 345 -8.07 16.69 -31.81
N GLU A 346 -8.43 17.95 -32.03
CA GLU A 346 -8.94 18.77 -30.94
C GLU A 346 -10.41 18.49 -30.53
N PRO A 347 -11.35 18.44 -31.50
CA PRO A 347 -12.76 18.29 -31.07
C PRO A 347 -13.08 17.06 -30.18
N PRO A 348 -12.60 15.84 -30.51
CA PRO A 348 -12.98 14.73 -29.63
C PRO A 348 -12.42 14.88 -28.22
N ALA A 349 -11.42 15.74 -28.06
CA ALA A 349 -10.77 15.93 -26.77
C ALA A 349 -11.59 16.87 -25.88
N LYS A 350 -12.61 17.49 -26.47
CA LYS A 350 -13.54 18.38 -25.76
C LYS A 350 -12.84 19.48 -24.96
N PRO A 351 -12.31 20.49 -25.67
CA PRO A 351 -11.69 21.59 -24.94
C PRO A 351 -12.72 22.48 -24.25
N SER A 352 -12.42 22.96 -23.05
CA SER A 352 -13.23 24.03 -22.46
C SER A 352 -12.34 25.05 -21.74
N ILE A 353 -12.86 26.27 -21.63
CA ILE A 353 -12.16 27.30 -20.88
C ILE A 353 -12.98 27.67 -19.63
N VAL A 354 -12.43 27.33 -18.47
CA VAL A 354 -13.06 27.65 -17.19
C VAL A 354 -12.19 28.63 -16.40
N SER A 355 -12.76 29.77 -16.03
CA SER A 355 -12.05 30.79 -15.28
C SER A 355 -10.77 31.19 -16.03
N ALA A 356 -10.93 31.39 -17.34
CA ALA A 356 -9.85 31.80 -18.24
C ALA A 356 -8.69 30.77 -18.34
N SER A 357 -8.98 29.52 -18.03
CA SER A 357 -7.93 28.50 -18.07
C SER A 357 -8.40 27.26 -18.85
N LEU A 358 -7.52 26.73 -19.72
CA LEU A 358 -7.91 25.70 -20.68
C LEU A 358 -7.83 24.27 -20.11
N ARG A 359 -8.88 23.51 -20.31
CA ARG A 359 -8.85 22.07 -19.99
C ARG A 359 -9.36 21.23 -21.17
N TYR A 360 -8.90 19.99 -21.24
CA TYR A 360 -9.40 19.00 -22.18
C TYR A 360 -9.99 17.84 -21.41
N GLU A 361 -11.24 17.47 -21.71
CA GLU A 361 -11.88 16.39 -20.99
C GLU A 361 -11.36 15.02 -21.41
N HIS A 362 -11.06 14.85 -22.69
CA HIS A 362 -10.61 13.54 -23.19
C HIS A 362 -9.37 13.63 -24.06
N PRO A 363 -8.21 13.90 -23.44
CA PRO A 363 -6.97 13.98 -24.22
C PRO A 363 -6.75 12.69 -24.97
N GLY A 364 -6.43 12.75 -26.27
CA GLY A 364 -6.44 11.55 -27.08
C GLY A 364 -5.20 10.68 -27.03
N SER A 365 -4.17 11.14 -26.32
CA SER A 365 -2.85 10.51 -26.35
C SER A 365 -1.99 11.07 -25.24
N LEU A 366 -0.85 10.44 -24.99
CA LEU A 366 0.19 11.01 -24.15
C LEU A 366 0.57 12.39 -24.70
N LEU A 367 1.11 13.25 -23.84
CA LEU A 367 1.71 14.51 -24.28
C LEU A 367 0.71 15.38 -25.05
N PHE A 368 -0.57 15.26 -24.74
CA PHE A 368 -1.58 15.83 -25.61
C PHE A 368 -1.62 17.37 -25.56
N ASP A 369 -1.78 17.95 -24.38
CA ASP A 369 -1.89 19.39 -24.31
C ASP A 369 -0.51 20.02 -24.54
N GLU A 370 0.55 19.26 -24.30
CA GLU A 370 1.90 19.75 -24.57
C GLU A 370 2.09 19.99 -26.07
N LEU A 371 1.73 19.01 -26.89
CA LEU A 371 1.98 19.04 -28.32
C LEU A 371 1.00 19.94 -29.07
N LEU A 372 -0.21 20.05 -28.55
CA LEU A 372 -1.21 20.95 -29.11
C LEU A 372 -0.81 22.41 -28.84
N PHE A 373 -0.35 22.66 -27.60
CA PHE A 373 0.22 23.95 -27.26
C PHE A 373 1.38 24.30 -28.18
N LEU A 374 2.36 23.42 -28.24
CA LEU A 374 3.54 23.67 -29.07
C LEU A 374 3.15 23.94 -30.52
N ALA A 375 2.30 23.11 -31.09
CA ALA A 375 1.93 23.31 -32.49
C ALA A 375 1.16 24.63 -32.74
N LYS A 376 0.40 25.11 -31.76
CA LYS A 376 -0.36 26.35 -31.96
C LYS A 376 0.51 27.59 -31.97
N VAL A 377 1.64 27.54 -31.26
CA VAL A 377 2.50 28.72 -31.16
C VAL A 377 3.78 28.60 -31.97
N HIS A 378 4.05 27.41 -32.52
CA HIS A 378 5.39 27.12 -33.04
C HIS A 378 5.78 28.11 -34.15
N ALA A 379 6.88 28.82 -33.93
CA ALA A 379 7.35 29.85 -34.84
C ALA A 379 8.35 29.30 -35.86
N GLY A 380 8.69 28.02 -35.73
CA GLY A 380 9.72 27.39 -36.53
C GLY A 380 11.02 27.39 -35.77
N PHE A 381 11.76 26.28 -35.80
CA PHE A 381 12.99 26.19 -35.02
C PHE A 381 14.06 27.15 -35.57
N GLY A 382 14.02 27.41 -36.86
CA GLY A 382 14.92 28.38 -37.46
C GLY A 382 14.71 29.79 -36.93
N ALA A 383 13.46 30.21 -36.79
CA ALA A 383 13.15 31.54 -36.28
C ALA A 383 13.52 31.71 -34.80
N LEU A 384 13.42 30.63 -34.04
CA LEU A 384 13.87 30.63 -32.65
C LEU A 384 15.37 30.91 -32.63
N LEU A 385 16.08 30.39 -33.63
CA LEU A 385 17.50 30.64 -33.74
C LEU A 385 17.81 32.11 -33.99
N ARG A 386 16.86 32.84 -34.59
CA ARG A 386 17.10 34.24 -34.95
C ARG A 386 16.42 35.20 -34.01
N MET A 387 15.97 34.67 -32.87
CA MET A 387 15.33 35.47 -31.83
C MET A 387 16.17 36.68 -31.42
N PRO A 388 15.58 37.89 -31.50
CA PRO A 388 16.16 39.15 -31.01
C PRO A 388 16.62 39.05 -29.56
N PRO A 389 17.70 39.76 -29.20
CA PRO A 389 18.42 39.64 -27.91
C PRO A 389 17.63 39.89 -26.60
N PRO A 390 16.87 40.97 -26.51
CA PRO A 390 16.33 41.36 -25.21
C PRO A 390 15.23 42.41 -25.33
N LEU B 29 -38.09 -9.11 32.42
CA LEU B 29 -36.97 -8.89 31.51
C LEU B 29 -37.36 -8.06 30.29
N PRO B 30 -36.85 -6.81 30.23
CA PRO B 30 -37.14 -5.89 29.11
C PRO B 30 -36.74 -6.46 27.75
N PRO B 31 -37.37 -5.99 26.67
CA PRO B 31 -37.07 -6.53 25.34
C PRO B 31 -35.68 -6.09 24.84
N GLY B 32 -34.90 -7.04 24.35
CA GLY B 32 -33.56 -6.76 23.87
C GLY B 32 -32.50 -6.92 24.95
N ARG B 33 -32.93 -7.16 26.19
CA ARG B 33 -32.00 -7.31 27.31
C ARG B 33 -31.60 -8.76 27.50
N LEU B 34 -30.42 -8.98 28.07
CA LEU B 34 -29.89 -10.32 28.26
C LEU B 34 -30.19 -10.83 29.65
N ALA B 35 -30.22 -9.92 30.61
CA ALA B 35 -30.46 -10.25 32.01
C ALA B 35 -31.07 -9.04 32.72
N THR B 36 -31.73 -9.30 33.85
CA THR B 36 -32.40 -8.24 34.59
C THR B 36 -31.40 -7.45 35.41
N THR B 37 -31.74 -6.20 35.67
CA THR B 37 -30.91 -5.36 36.50
C THR B 37 -30.75 -5.96 37.90
N GLU B 38 -31.84 -6.52 38.42
CA GLU B 38 -31.81 -7.34 39.63
C GLU B 38 -30.70 -8.40 39.60
N ASP B 39 -30.62 -9.11 38.47
CA ASP B 39 -29.61 -10.15 38.30
C ASP B 39 -28.18 -9.61 38.36
N TYR B 40 -27.93 -8.45 37.76
CA TYR B 40 -26.56 -7.89 37.76
C TYR B 40 -26.17 -7.47 39.16
N PHE B 41 -27.06 -6.77 39.83
CA PHE B 41 -26.79 -6.29 41.19
C PHE B 41 -26.74 -7.42 42.22
N ALA B 42 -27.23 -8.60 41.85
CA ALA B 42 -27.25 -9.74 42.78
C ALA B 42 -26.05 -10.68 42.62
N GLN B 43 -25.20 -10.40 41.63
CA GLN B 43 -24.11 -11.31 41.33
C GLN B 43 -23.18 -11.56 42.50
N GLN B 44 -22.80 -10.49 43.20
CA GLN B 44 -21.85 -10.70 44.28
C GLN B 44 -22.44 -11.59 45.39
N ALA B 45 -23.76 -11.48 45.63
CA ALA B 45 -24.40 -12.28 46.68
C ALA B 45 -24.47 -13.73 46.26
N LYS B 46 -24.74 -13.95 44.98
CA LYS B 46 -24.82 -15.30 44.46
C LYS B 46 -23.44 -15.93 44.25
N GLN B 47 -22.39 -15.15 44.44
CA GLN B 47 -21.02 -15.55 44.09
C GLN B 47 -20.96 -16.21 42.69
N ALA B 48 -21.71 -15.65 41.75
CA ALA B 48 -21.69 -16.13 40.38
C ALA B 48 -21.98 -15.00 39.42
N VAL B 49 -21.33 -14.97 38.26
CA VAL B 49 -21.65 -13.96 37.26
C VAL B 49 -22.86 -14.48 36.48
N THR B 50 -23.62 -13.56 35.91
CA THR B 50 -24.74 -13.90 35.02
C THR B 50 -24.22 -14.63 33.78
N PRO B 51 -25.12 -15.33 33.07
CA PRO B 51 -24.66 -16.05 31.87
C PRO B 51 -24.15 -15.15 30.75
N ASP B 52 -24.68 -13.94 30.62
CA ASP B 52 -24.20 -13.05 29.56
C ASP B 52 -22.84 -12.47 29.94
N VAL B 53 -22.59 -12.24 31.22
CA VAL B 53 -21.26 -11.79 31.63
C VAL B 53 -20.25 -12.91 31.34
N MET B 54 -20.64 -14.15 31.61
CA MET B 54 -19.78 -15.29 31.29
C MET B 54 -19.53 -15.36 29.77
N ALA B 55 -20.56 -15.06 28.97
CA ALA B 55 -20.40 -15.04 27.52
C ALA B 55 -19.46 -13.91 27.06
N GLN B 56 -19.43 -12.80 27.82
CA GLN B 56 -18.46 -11.73 27.56
C GLN B 56 -17.03 -12.19 27.90
N LEU B 57 -16.87 -12.90 29.01
CA LEU B 57 -15.55 -13.45 29.37
C LEU B 57 -15.07 -14.45 28.32
N ALA B 58 -16.01 -15.17 27.70
CA ALA B 58 -15.69 -16.06 26.59
C ALA B 58 -15.18 -15.28 25.37
N TYR B 59 -15.88 -14.22 24.99
CA TYR B 59 -15.40 -13.37 23.91
C TYR B 59 -13.96 -12.92 24.20
N MET B 60 -13.72 -12.56 25.45
CA MET B 60 -12.41 -12.07 25.85
C MET B 60 -11.33 -13.16 25.85
N ASN B 61 -11.75 -14.41 26.02
CA ASN B 61 -10.82 -15.49 26.37
C ASN B 61 -10.79 -16.72 25.46
N TYR B 62 -11.83 -16.92 24.64
CA TYR B 62 -12.01 -18.26 24.09
C TYR B 62 -11.20 -18.54 22.81
N ILE B 63 -11.39 -17.75 21.77
CA ILE B 63 -10.82 -18.15 20.47
C ILE B 63 -9.30 -17.90 20.40
N ASP B 64 -8.55 -18.90 19.94
CA ASP B 64 -7.10 -18.79 19.80
C ASP B 64 -6.69 -17.59 18.94
N PHE B 65 -5.64 -16.88 19.40
CA PHE B 65 -4.99 -15.79 18.66
C PHE B 65 -5.78 -14.50 18.56
N ILE B 66 -7.10 -14.58 18.37
CA ILE B 66 -7.84 -13.34 18.08
C ILE B 66 -8.61 -12.78 19.28
N SER B 67 -8.79 -13.57 20.33
CA SER B 67 -9.46 -13.03 21.51
C SER B 67 -8.50 -12.05 22.20
N PRO B 68 -9.04 -10.98 22.79
CA PRO B 68 -8.15 -9.94 23.34
C PRO B 68 -7.25 -10.41 24.47
N PHE B 69 -7.66 -11.42 25.23
CA PHE B 69 -6.79 -11.85 26.31
C PHE B 69 -6.20 -13.21 26.04
N TYR B 70 -5.90 -13.49 24.77
CA TYR B 70 -5.31 -14.77 24.42
C TYR B 70 -3.89 -14.94 24.98
N SER B 71 -3.04 -13.95 24.80
CA SER B 71 -1.68 -14.07 25.30
C SER B 71 -1.11 -12.72 25.66
N ARG B 72 0.01 -12.72 26.36
CA ARG B 72 0.54 -11.47 26.84
C ARG B 72 1.47 -10.81 25.83
N GLY B 73 1.54 -11.41 24.65
CA GLY B 73 2.29 -10.85 23.54
C GLY B 73 1.76 -9.50 23.08
N CYS B 74 2.57 -8.82 22.26
CA CYS B 74 2.19 -7.53 21.74
C CYS B 74 1.42 -7.68 20.44
N SER B 75 0.36 -8.49 20.47
CA SER B 75 -0.52 -8.67 19.34
C SER B 75 -1.88 -8.09 19.65
N PHE B 76 -2.45 -7.37 18.69
CA PHE B 76 -3.68 -6.63 18.93
C PHE B 76 -4.72 -6.91 17.88
N GLU B 77 -4.73 -8.15 17.40
CA GLU B 77 -5.69 -8.60 16.40
C GLU B 77 -7.12 -8.38 16.86
N ALA B 78 -7.39 -8.62 18.14
CA ALA B 78 -8.72 -8.40 18.70
C ALA B 78 -9.19 -6.98 18.46
N TRP B 79 -8.32 -6.01 18.73
CA TRP B 79 -8.68 -4.59 18.59
C TRP B 79 -8.72 -4.17 17.11
N GLU B 80 -7.93 -4.81 16.26
CA GLU B 80 -8.01 -4.57 14.81
C GLU B 80 -9.35 -5.04 14.26
N LEU B 81 -9.84 -6.19 14.71
CA LEU B 81 -11.16 -6.66 14.32
C LEU B 81 -12.28 -5.71 14.79
N LYS B 82 -12.06 -5.04 15.92
CA LYS B 82 -13.04 -4.10 16.47
C LYS B 82 -12.93 -2.68 15.87
N HIS B 83 -11.88 -2.45 15.09
CA HIS B 83 -11.54 -1.13 14.55
C HIS B 83 -11.36 -0.09 15.66
N THR B 84 -10.80 -0.55 16.77
CA THR B 84 -10.39 0.35 17.83
C THR B 84 -9.27 1.25 17.31
N PRO B 85 -9.51 2.57 17.31
CA PRO B 85 -8.44 3.51 16.93
C PRO B 85 -7.28 3.38 17.93
N GLN B 86 -6.06 3.59 17.46
CA GLN B 86 -4.85 3.34 18.25
C GLN B 86 -4.92 4.01 19.61
N ARG B 87 -5.29 5.30 19.62
CA ARG B 87 -5.25 6.08 20.84
C ARG B 87 -6.24 5.59 21.90
N VAL B 88 -7.16 4.73 21.49
CA VAL B 88 -8.22 4.29 22.38
C VAL B 88 -7.91 2.93 23.00
N ILE B 89 -6.92 2.22 22.45
CA ILE B 89 -6.60 0.87 22.95
C ILE B 89 -6.28 0.83 24.47
N LYS B 90 -5.53 1.83 24.97
CA LYS B 90 -5.15 1.85 26.38
C LYS B 90 -6.36 1.95 27.32
N TYR B 91 -7.39 2.70 26.92
CA TYR B 91 -8.59 2.79 27.75
C TYR B 91 -9.41 1.52 27.64
N SER B 92 -9.36 0.88 26.47
CA SER B 92 -10.01 -0.41 26.29
C SER B 92 -9.42 -1.42 27.26
N ILE B 93 -8.09 -1.50 27.27
CA ILE B 93 -7.39 -2.43 28.12
C ILE B 93 -7.69 -2.09 29.59
N ALA B 94 -7.67 -0.81 29.94
CA ALA B 94 -7.86 -0.41 31.33
C ALA B 94 -9.26 -0.72 31.83
N PHE B 95 -10.28 -0.46 31.02
CA PHE B 95 -11.65 -0.69 31.47
C PHE B 95 -11.99 -2.19 31.54
N TYR B 96 -11.43 -3.00 30.64
CA TYR B 96 -11.49 -4.46 30.77
C TYR B 96 -10.93 -4.87 32.12
N ALA B 97 -9.76 -4.32 32.45
CA ALA B 97 -9.05 -4.69 33.67
C ALA B 97 -9.86 -4.38 34.93
N TYR B 98 -10.50 -3.22 34.96
CA TYR B 98 -11.31 -2.85 36.12
C TYR B 98 -12.48 -3.80 36.23
N GLY B 99 -13.06 -4.15 35.08
CA GLY B 99 -14.13 -5.14 35.01
C GLY B 99 -13.70 -6.47 35.59
N LEU B 100 -12.54 -6.94 35.16
CA LEU B 100 -11.97 -8.20 35.65
C LEU B 100 -11.74 -8.22 37.16
N ALA B 101 -11.34 -7.08 37.73
CA ALA B 101 -11.11 -6.98 39.16
C ALA B 101 -12.39 -7.23 39.93
N SER B 102 -13.51 -6.75 39.39
CA SER B 102 -14.80 -7.05 40.01
C SER B 102 -15.26 -8.51 39.82
N VAL B 103 -14.94 -9.12 38.67
CA VAL B 103 -15.23 -10.54 38.47
C VAL B 103 -14.53 -11.34 39.57
N ALA B 104 -13.26 -11.00 39.81
CA ALA B 104 -12.47 -11.66 40.84
C ALA B 104 -13.13 -11.57 42.22
N LEU B 105 -13.78 -10.44 42.49
CA LEU B 105 -14.45 -10.22 43.76
C LEU B 105 -15.79 -10.95 43.79
N ILE B 106 -16.49 -10.98 42.66
CA ILE B 106 -17.80 -11.63 42.58
C ILE B 106 -17.72 -13.15 42.73
N ASP B 107 -16.91 -13.78 41.87
CA ASP B 107 -16.88 -15.23 41.80
C ASP B 107 -15.50 -15.78 42.11
N PRO B 108 -15.33 -16.38 43.30
CA PRO B 108 -14.05 -16.98 43.69
C PRO B 108 -13.57 -18.04 42.69
N LYS B 109 -14.52 -18.76 42.08
CA LYS B 109 -14.16 -19.80 41.14
C LYS B 109 -13.61 -19.20 39.85
N LEU B 110 -13.81 -17.89 39.66
CA LEU B 110 -13.29 -17.19 38.49
C LEU B 110 -12.14 -16.25 38.82
N ARG B 111 -11.72 -16.20 40.09
CA ARG B 111 -10.68 -15.25 40.49
C ARG B 111 -9.31 -15.55 39.88
N ALA B 112 -9.00 -16.82 39.69
CA ALA B 112 -7.72 -17.19 39.10
C ALA B 112 -7.69 -16.76 37.64
N LEU B 113 -8.80 -16.95 36.94
CA LEU B 113 -8.93 -16.54 35.55
C LEU B 113 -8.82 -15.01 35.44
N ALA B 114 -9.56 -14.30 36.30
CA ALA B 114 -9.52 -12.84 36.36
C ALA B 114 -8.08 -12.38 36.56
N GLY B 115 -7.37 -13.03 37.48
CA GLY B 115 -5.95 -12.77 37.68
C GLY B 115 -5.09 -12.97 36.44
N HIS B 116 -5.29 -14.10 35.75
CA HIS B 116 -4.57 -14.36 34.50
C HIS B 116 -4.86 -13.27 33.47
N ASP B 117 -6.12 -12.90 33.32
CA ASP B 117 -6.46 -11.87 32.34
C ASP B 117 -5.79 -10.54 32.71
N LEU B 118 -5.74 -10.20 33.99
CA LEU B 118 -5.16 -8.94 34.45
C LEU B 118 -3.66 -8.87 34.18
N ASP B 119 -3.03 -10.02 34.30
CA ASP B 119 -1.61 -10.21 33.97
C ASP B 119 -1.39 -9.85 32.49
N ILE B 120 -2.30 -10.33 31.65
CA ILE B 120 -2.21 -10.10 30.23
C ILE B 120 -2.46 -8.62 29.95
N ALA B 121 -3.42 -8.04 30.65
CA ALA B 121 -3.76 -6.63 30.49
C ALA B 121 -2.55 -5.72 30.76
N VAL B 122 -1.86 -5.96 31.89
CA VAL B 122 -0.67 -5.19 32.23
C VAL B 122 0.39 -5.37 31.17
N SER B 123 0.57 -6.60 30.71
N SER B 123 0.57 -6.59 30.70
CA SER B 123 1.55 -6.92 29.69
CA SER B 123 1.57 -6.90 29.68
C SER B 123 1.30 -6.14 28.40
C SER B 123 1.30 -6.14 28.40
N LYS B 124 0.08 -6.25 27.88
CA LYS B 124 -0.26 -5.56 26.63
C LYS B 124 -0.25 -4.05 26.81
N MET B 125 -0.61 -3.59 28.00
CA MET B 125 -0.63 -2.17 28.34
C MET B 125 0.76 -1.54 28.15
N LYS B 126 1.80 -2.34 28.35
CA LYS B 126 3.17 -1.84 28.22
C LYS B 126 3.69 -1.90 26.79
N CYS B 127 2.91 -2.47 25.87
CA CYS B 127 3.34 -2.56 24.47
C CYS B 127 3.34 -1.20 23.79
N LYS B 128 4.30 -1.00 22.90
CA LYS B 128 4.46 0.31 22.25
C LYS B 128 3.27 0.65 21.37
N ARG B 129 2.60 -0.36 20.82
CA ARG B 129 1.36 -0.12 20.09
C ARG B 129 0.37 0.69 20.95
N VAL B 130 0.43 0.49 22.27
CA VAL B 130 -0.54 1.10 23.19
C VAL B 130 -0.16 2.51 23.65
N TRP B 131 1.10 2.71 24.05
CA TRP B 131 1.53 4.03 24.52
C TRP B 131 2.24 4.88 23.45
N GLY B 132 2.48 4.31 22.28
CA GLY B 132 3.32 4.92 21.26
C GLY B 132 2.97 6.32 20.80
N ASP B 133 1.67 6.66 20.88
CA ASP B 133 1.18 7.99 20.49
C ASP B 133 1.93 9.10 21.21
N TRP B 134 2.38 8.81 22.43
CA TRP B 134 3.16 9.76 23.21
C TRP B 134 4.42 10.16 22.47
N GLU B 135 5.13 9.18 21.93
CA GLU B 135 6.35 9.48 21.19
C GLU B 135 6.04 10.10 19.82
N GLU B 136 5.05 9.56 19.12
CA GLU B 136 4.73 10.06 17.78
C GLU B 136 4.30 11.52 17.81
N ASP B 137 3.59 11.91 18.87
CA ASP B 137 3.15 13.28 19.04
C ASP B 137 4.30 14.22 19.39
N GLY B 138 5.50 13.65 19.54
CA GLY B 138 6.70 14.42 19.86
C GLY B 138 6.90 14.73 21.34
N PHE B 139 6.22 14.01 22.22
CA PHE B 139 6.25 14.35 23.64
C PHE B 139 7.38 13.65 24.41
N GLY B 140 8.10 12.76 23.74
CA GLY B 140 9.15 12.03 24.42
C GLY B 140 9.13 10.53 24.17
N THR B 141 10.21 9.87 24.56
CA THR B 141 10.41 8.45 24.32
C THR B 141 10.00 7.59 25.51
N ASP B 142 9.83 8.22 26.67
CA ASP B 142 9.47 7.51 27.89
C ASP B 142 8.04 7.86 28.27
N PRO B 143 7.14 6.87 28.23
CA PRO B 143 5.73 7.20 28.46
C PRO B 143 5.35 7.44 29.93
N ILE B 144 6.21 7.09 30.90
CA ILE B 144 5.82 7.30 32.30
C ILE B 144 6.60 8.40 33.02
N GLU B 145 7.72 8.82 32.45
CA GLU B 145 8.66 9.76 33.06
C GLU B 145 8.03 11.02 33.66
N LYS B 146 7.29 11.75 32.83
CA LYS B 146 6.59 12.96 33.27
C LYS B 146 5.28 13.08 32.52
N GLU B 147 4.27 13.69 33.15
CA GLU B 147 3.00 13.95 32.49
C GLU B 147 2.37 12.62 32.00
N ASN B 148 1.53 12.70 30.97
CA ASN B 148 0.90 11.51 30.39
C ASN B 148 0.14 10.69 31.44
N ILE B 149 -0.58 11.37 32.34
CA ILE B 149 -1.24 10.67 33.43
C ILE B 149 -2.42 9.87 32.85
N MET B 150 -2.84 10.19 31.63
CA MET B 150 -3.91 9.45 30.96
C MET B 150 -3.49 8.02 30.74
N TYR B 151 -2.20 7.82 30.48
CA TYR B 151 -1.68 6.47 30.30
C TYR B 151 -1.20 5.87 31.61
N LYS B 152 -0.27 6.54 32.27
CA LYS B 152 0.41 5.90 33.38
C LYS B 152 -0.50 5.85 34.62
N GLY B 153 -1.53 6.68 34.67
CA GLY B 153 -2.51 6.58 35.74
C GLY B 153 -3.20 5.23 35.67
N HIS B 154 -3.70 4.88 34.48
CA HIS B 154 -4.35 3.57 34.30
C HIS B 154 -3.38 2.41 34.56
N LEU B 155 -2.16 2.53 34.04
CA LEU B 155 -1.16 1.49 34.23
C LEU B 155 -0.91 1.23 35.73
N ASN B 156 -0.81 2.32 36.50
CA ASN B 156 -0.52 2.18 37.91
C ASN B 156 -1.68 1.55 38.68
N LEU B 157 -2.91 1.92 38.34
CA LEU B 157 -4.07 1.28 38.96
C LEU B 157 -4.08 -0.21 38.62
N MET B 158 -3.79 -0.54 37.35
CA MET B 158 -3.76 -1.92 36.89
C MET B 158 -2.69 -2.78 37.62
N TYR B 159 -1.48 -2.23 37.78
CA TYR B 159 -0.47 -2.86 38.61
C TYR B 159 -1.02 -3.26 39.98
N GLY B 160 -1.68 -2.32 40.64
CA GLY B 160 -2.18 -2.58 41.97
C GLY B 160 -3.33 -3.56 41.99
N LEU B 161 -4.29 -3.37 41.10
CA LEU B 161 -5.42 -4.28 41.01
C LEU B 161 -4.94 -5.69 40.68
N TYR B 162 -3.95 -5.81 39.80
CA TYR B 162 -3.38 -7.12 39.52
C TYR B 162 -2.89 -7.80 40.80
N GLN B 163 -2.12 -7.06 41.60
CA GLN B 163 -1.50 -7.62 42.78
C GLN B 163 -2.55 -7.87 43.87
N LEU B 164 -3.58 -7.03 43.94
CA LEU B 164 -4.68 -7.28 44.88
C LEU B 164 -5.39 -8.61 44.60
N VAL B 165 -5.53 -8.94 43.33
CA VAL B 165 -6.30 -10.11 42.90
C VAL B 165 -5.50 -11.40 43.03
N THR B 166 -4.24 -11.33 42.61
CA THR B 166 -3.39 -12.52 42.51
C THR B 166 -2.43 -12.71 43.69
N GLY B 167 -2.03 -11.61 44.33
CA GLY B 167 -0.94 -11.67 45.28
C GLY B 167 0.44 -11.77 44.64
N SER B 168 0.51 -11.78 43.32
CA SER B 168 1.79 -11.88 42.62
C SER B 168 2.61 -10.59 42.74
N ARG B 169 3.93 -10.74 42.85
CA ARG B 169 4.84 -9.60 42.94
C ARG B 169 5.60 -9.40 41.62
N ARG B 170 5.13 -10.09 40.59
CA ARG B 170 5.63 -9.95 39.23
C ARG B 170 5.90 -8.51 38.82
N TYR B 171 5.01 -7.59 39.20
CA TYR B 171 5.17 -6.20 38.77
C TYR B 171 5.51 -5.24 39.90
N GLU B 172 5.83 -5.76 41.08
CA GLU B 172 5.94 -4.91 42.26
C GLU B 172 7.00 -3.82 42.10
N ALA B 173 8.14 -4.18 41.51
CA ALA B 173 9.21 -3.21 41.29
C ALA B 173 8.72 -2.03 40.43
N GLU B 174 8.12 -2.32 39.28
CA GLU B 174 7.66 -1.23 38.42
C GLU B 174 6.47 -0.49 39.01
N HIS B 175 5.71 -1.15 39.87
CA HIS B 175 4.60 -0.53 40.57
C HIS B 175 5.12 0.56 41.53
N ALA B 176 6.19 0.23 42.25
CA ALA B 176 6.79 1.14 43.22
C ALA B 176 7.42 2.34 42.52
N HIS B 177 8.18 2.05 41.48
CA HIS B 177 8.78 3.08 40.65
C HIS B 177 7.75 4.09 40.13
N LEU B 178 6.68 3.57 39.53
CA LEU B 178 5.63 4.41 38.97
C LEU B 178 4.81 5.15 40.04
N THR B 179 4.56 4.49 41.17
CA THR B 179 3.82 5.14 42.25
C THR B 179 4.63 6.32 42.79
N ARG B 180 5.95 6.17 42.87
CA ARG B 180 6.80 7.23 43.35
C ARG B 180 6.81 8.41 42.37
N ILE B 181 6.92 8.10 41.07
CA ILE B 181 6.85 9.11 40.03
C ILE B 181 5.60 9.97 40.19
N ILE B 182 4.45 9.31 40.26
CA ILE B 182 3.17 10.01 40.42
C ILE B 182 3.20 10.86 41.69
N HIS B 183 3.57 10.25 42.81
CA HIS B 183 3.70 10.96 44.09
C HIS B 183 4.60 12.19 44.01
N ASP B 184 5.78 12.03 43.41
CA ASP B 184 6.75 13.13 43.32
C ASP B 184 6.24 14.24 42.40
N GLU B 185 5.56 13.84 41.33
CA GLU B 185 5.02 14.80 40.38
C GLU B 185 3.89 15.63 40.98
N ILE B 186 3.01 14.98 41.76
CA ILE B 186 1.95 15.69 42.47
C ILE B 186 2.55 16.71 43.44
N ALA B 187 3.61 16.31 44.12
CA ALA B 187 4.22 17.16 45.13
C ALA B 187 4.90 18.34 44.49
N ALA B 188 5.40 18.17 43.27
CA ALA B 188 6.16 19.25 42.62
C ALA B 188 5.27 20.29 41.93
N ASN B 189 4.01 19.95 41.65
CA ASN B 189 3.15 20.85 40.89
C ASN B 189 2.45 21.89 41.76
N PRO B 190 2.25 23.11 41.20
CA PRO B 190 1.57 24.24 41.85
C PRO B 190 0.06 24.01 42.01
N PHE B 191 -0.49 23.22 41.10
CA PHE B 191 -1.88 22.79 41.12
C PHE B 191 -1.93 21.37 41.66
N ALA B 192 -3.09 20.93 42.15
CA ALA B 192 -3.22 19.58 42.68
C ALA B 192 -3.42 18.55 41.57
N GLY B 193 -2.38 17.79 41.27
CA GLY B 193 -2.51 16.72 40.28
C GLY B 193 -1.41 16.73 39.24
N ILE B 194 -1.68 16.09 38.10
CA ILE B 194 -0.73 15.86 37.01
C ILE B 194 -1.42 16.08 35.64
N VAL B 195 -0.69 16.61 34.65
CA VAL B 195 -1.26 16.83 33.31
C VAL B 195 -1.21 15.58 32.42
N CYS B 196 -2.01 15.56 31.36
CA CYS B 196 -1.93 14.51 30.35
C CYS B 196 -0.89 14.91 29.32
N GLU B 197 -1.35 15.41 28.18
CA GLU B 197 -0.47 16.14 27.27
C GLU B 197 0.04 17.33 28.08
N PRO B 198 1.25 17.79 27.77
CA PRO B 198 1.78 18.99 28.44
C PRO B 198 0.76 20.12 28.44
N ASP B 199 0.53 20.74 29.59
CA ASP B 199 -0.43 21.84 29.75
C ASP B 199 -1.92 21.46 29.61
N ASN B 200 -2.22 20.16 29.51
CA ASN B 200 -3.60 19.69 29.49
C ASN B 200 -3.95 18.98 30.79
N TYR B 201 -4.85 19.54 31.58
CA TYR B 201 -5.26 18.92 32.83
C TYR B 201 -6.70 18.39 32.78
N PHE B 202 -6.84 17.10 33.09
CA PHE B 202 -8.14 16.42 33.05
C PHE B 202 -8.48 15.82 34.41
N VAL B 203 -9.66 16.14 34.91
CA VAL B 203 -10.04 15.68 36.23
C VAL B 203 -10.28 14.14 36.23
N GLN B 204 -10.81 13.57 35.15
CA GLN B 204 -11.05 12.12 35.12
C GLN B 204 -9.74 11.32 35.14
N CYS B 205 -8.75 11.80 34.41
CA CYS B 205 -7.47 11.11 34.35
C CYS B 205 -6.76 11.19 35.71
N ASN B 206 -6.90 12.32 36.38
CA ASN B 206 -6.33 12.48 37.70
C ASN B 206 -6.98 11.53 38.70
N SER B 207 -8.28 11.32 38.56
CA SER B 207 -9.01 10.48 39.49
C SER B 207 -8.51 9.04 39.45
N VAL B 208 -8.15 8.55 38.28
CA VAL B 208 -7.56 7.22 38.12
C VAL B 208 -6.25 7.14 38.90
N ALA B 209 -5.46 8.21 38.79
CA ALA B 209 -4.15 8.29 39.42
C ALA B 209 -4.26 8.31 40.93
N TYR B 210 -5.16 9.12 41.48
CA TYR B 210 -5.31 9.15 42.93
C TYR B 210 -5.81 7.78 43.42
N LEU B 211 -6.81 7.20 42.74
CA LEU B 211 -7.28 5.88 43.16
C LEU B 211 -6.13 4.87 43.17
N SER B 212 -5.24 4.96 42.20
CA SER B 212 -4.09 4.05 42.15
C SER B 212 -3.21 4.20 43.40
N LEU B 213 -3.18 5.38 44.00
CA LEU B 213 -2.43 5.60 45.25
C LEU B 213 -3.10 4.90 46.44
N TRP B 214 -4.43 4.93 46.47
CA TRP B 214 -5.16 4.23 47.51
C TRP B 214 -4.89 2.72 47.40
N VAL B 215 -4.87 2.19 46.18
CA VAL B 215 -4.59 0.77 45.99
C VAL B 215 -3.18 0.43 46.47
N TYR B 216 -2.21 1.28 46.16
CA TYR B 216 -0.84 1.04 46.58
C TYR B 216 -0.73 1.04 48.12
N ASP B 217 -1.42 1.96 48.78
CA ASP B 217 -1.43 2.01 50.25
C ASP B 217 -2.05 0.76 50.87
N ARG B 218 -3.08 0.22 50.23
CA ARG B 218 -3.73 -0.98 50.75
C ARG B 218 -2.78 -2.18 50.69
N LEU B 219 -1.93 -2.22 49.67
CA LEU B 219 -0.96 -3.30 49.51
C LEU B 219 0.30 -3.11 50.36
N HIS B 220 0.63 -1.88 50.74
CA HIS B 220 1.93 -1.68 51.38
C HIS B 220 1.91 -0.91 52.69
N GLY B 221 0.74 -0.43 53.11
CA GLY B 221 0.62 0.23 54.39
C GLY B 221 1.18 1.65 54.38
N THR B 222 1.38 2.18 53.19
CA THR B 222 1.91 3.53 53.05
C THR B 222 0.82 4.59 53.17
N ASP B 223 1.17 5.86 53.01
CA ASP B 223 0.19 6.92 53.08
C ASP B 223 0.21 7.84 51.84
N TYR B 224 0.41 7.25 50.67
CA TYR B 224 0.42 8.06 49.45
C TYR B 224 -0.92 8.74 49.20
N ARG B 225 -2.00 8.12 49.67
CA ARG B 225 -3.36 8.64 49.46
C ARG B 225 -3.62 9.96 50.18
N ALA B 226 -2.71 10.38 51.05
CA ALA B 226 -2.92 11.61 51.82
C ALA B 226 -3.08 12.83 50.90
N ALA B 227 -2.44 12.80 49.75
CA ALA B 227 -2.52 13.91 48.80
C ALA B 227 -3.93 14.10 48.24
N THR B 228 -4.84 13.16 48.52
CA THR B 228 -6.18 13.20 47.93
C THR B 228 -7.03 14.38 48.39
N ARG B 229 -6.92 14.73 49.67
CA ARG B 229 -7.72 15.83 50.22
C ARG B 229 -7.48 17.16 49.47
N ALA B 230 -6.21 17.51 49.27
CA ALA B 230 -5.87 18.72 48.52
C ALA B 230 -6.44 18.67 47.12
N TRP B 231 -6.40 17.49 46.49
CA TRP B 231 -6.97 17.30 45.16
C TRP B 231 -8.48 17.58 45.16
N LEU B 232 -9.20 16.91 46.05
CA LEU B 232 -10.66 17.08 46.14
C LEU B 232 -11.07 18.54 46.42
N ASP B 233 -10.38 19.20 47.33
CA ASP B 233 -10.66 20.61 47.63
C ASP B 233 -10.46 21.46 46.36
N PHE B 234 -9.32 21.28 45.70
CA PHE B 234 -9.00 22.02 44.49
C PHE B 234 -10.02 21.79 43.36
N ILE B 235 -10.38 20.54 43.06
CA ILE B 235 -11.28 20.34 41.92
C ILE B 235 -12.68 20.86 42.27
N GLN B 236 -12.98 20.91 43.56
CA GLN B 236 -14.31 21.34 43.99
C GLN B 236 -14.45 22.87 43.97
N LYS B 237 -13.39 23.55 44.39
CA LYS B 237 -13.35 25.01 44.36
C LYS B 237 -13.25 25.54 42.92
N ASP B 238 -12.44 24.89 42.09
CA ASP B 238 -12.08 25.45 40.78
C ASP B 238 -12.69 24.81 39.54
N LEU B 239 -12.84 23.49 39.54
CA LEU B 239 -13.14 22.79 38.29
C LEU B 239 -14.56 22.23 38.20
N ILE B 240 -15.33 22.34 39.27
CA ILE B 240 -16.71 21.88 39.23
C ILE B 240 -17.70 23.05 39.26
N ASP B 241 -18.81 22.86 38.57
CA ASP B 241 -19.93 23.78 38.69
C ASP B 241 -20.86 23.19 39.74
N PRO B 242 -20.73 23.67 41.00
CA PRO B 242 -21.43 23.02 42.12
C PRO B 242 -22.94 22.97 41.95
N GLU B 243 -23.52 24.00 41.34
CA GLU B 243 -24.96 24.02 41.15
C GLU B 243 -25.42 22.88 40.24
N ARG B 244 -24.66 22.64 39.17
CA ARG B 244 -25.10 21.67 38.18
C ARG B 244 -24.50 20.29 38.43
N GLY B 245 -23.67 20.19 39.49
CA GLY B 245 -22.95 18.97 39.81
C GLY B 245 -22.09 18.46 38.65
N ALA B 246 -21.42 19.38 37.95
CA ALA B 246 -20.76 19.01 36.68
C ALA B 246 -19.36 19.59 36.53
N PHE B 247 -18.41 18.77 36.11
CA PHE B 247 -17.06 19.25 35.88
C PHE B 247 -16.95 19.91 34.51
N TYR B 248 -16.14 20.96 34.42
CA TYR B 248 -15.81 21.53 33.12
C TYR B 248 -14.88 20.58 32.37
N LEU B 249 -14.71 20.81 31.07
CA LEU B 249 -14.06 19.84 30.19
C LEU B 249 -12.62 19.54 30.60
N SER B 250 -11.86 20.59 30.88
CA SER B 250 -10.42 20.46 31.11
C SER B 250 -9.85 21.74 31.69
N TYR B 251 -8.65 21.66 32.24
CA TYR B 251 -8.02 22.81 32.83
C TYR B 251 -6.63 22.96 32.22
N HIS B 252 -6.14 24.19 32.16
CA HIS B 252 -4.86 24.45 31.50
C HIS B 252 -4.06 25.40 32.34
N PRO B 253 -3.10 24.87 33.11
CA PRO B 253 -2.41 25.59 34.18
C PRO B 253 -1.59 26.79 33.68
N GLU B 254 -0.91 26.65 32.55
CA GLU B 254 -0.05 27.72 32.05
C GLU B 254 -0.85 28.99 31.74
N SER B 255 -1.95 28.85 31.00
CA SER B 255 -2.80 30.00 30.68
C SER B 255 -3.85 30.28 31.75
N GLY B 256 -4.05 29.32 32.66
CA GLY B 256 -5.09 29.41 33.66
C GLY B 256 -6.47 29.15 33.09
N ALA B 257 -6.53 28.82 31.80
CA ALA B 257 -7.80 28.61 31.12
C ALA B 257 -8.52 27.36 31.61
N VAL B 258 -9.82 27.49 31.85
CA VAL B 258 -10.70 26.35 32.07
C VAL B 258 -11.66 26.35 30.91
N LYS B 259 -11.73 25.25 30.14
CA LYS B 259 -12.65 25.25 29.01
C LYS B 259 -14.10 25.44 29.52
N PRO B 260 -14.83 26.36 28.89
CA PRO B 260 -16.13 26.82 29.41
C PRO B 260 -17.30 25.86 29.23
N TRP B 261 -17.08 24.64 28.75
CA TRP B 261 -18.18 23.70 28.61
C TRP B 261 -18.15 22.65 29.72
N ILE B 262 -19.30 22.32 30.27
CA ILE B 262 -19.37 21.19 31.20
C ILE B 262 -19.57 19.90 30.39
N SER B 263 -19.08 18.80 30.95
CA SER B 263 -19.00 17.51 30.26
C SER B 263 -19.57 16.40 31.11
N ALA B 264 -20.57 15.71 30.57
CA ALA B 264 -21.21 14.62 31.27
C ALA B 264 -20.28 13.41 31.41
N TYR B 265 -19.66 12.94 30.33
CA TYR B 265 -18.85 11.73 30.46
C TYR B 265 -17.71 11.98 31.44
N THR B 266 -17.14 13.19 31.38
CA THR B 266 -16.09 13.58 32.30
C THR B 266 -16.55 13.47 33.75
N THR B 267 -17.76 13.97 34.01
CA THR B 267 -18.28 14.01 35.36
C THR B 267 -18.67 12.61 35.86
N ALA B 268 -19.29 11.82 34.98
CA ALA B 268 -19.79 10.52 35.40
C ALA B 268 -18.61 9.64 35.81
N TRP B 269 -17.56 9.66 35.00
CA TRP B 269 -16.36 8.88 35.26
C TRP B 269 -15.68 9.37 36.55
N THR B 270 -15.51 10.69 36.70
CA THR B 270 -14.85 11.24 37.89
C THR B 270 -15.62 10.95 39.18
N LEU B 271 -16.93 11.13 39.18
CA LEU B 271 -17.71 10.88 40.41
C LEU B 271 -17.67 9.40 40.77
N ALA B 272 -17.71 8.54 39.75
CA ALA B 272 -17.66 7.10 39.98
C ALA B 272 -16.40 6.73 40.75
N MET B 273 -15.24 7.20 40.28
CA MET B 273 -13.99 6.87 40.93
C MET B 273 -13.77 7.64 42.25
N VAL B 274 -14.20 8.89 42.32
CA VAL B 274 -14.06 9.64 43.55
C VAL B 274 -14.88 8.94 44.64
N HIS B 275 -16.01 8.33 44.26
CA HIS B 275 -16.88 7.66 45.22
C HIS B 275 -16.16 6.51 45.97
N GLY B 276 -15.10 5.98 45.36
CA GLY B 276 -14.28 4.97 45.99
C GLY B 276 -13.31 5.56 47.00
N MET B 277 -13.13 6.87 46.96
CA MET B 277 -12.16 7.52 47.84
C MET B 277 -12.83 8.44 48.84
N ASP B 278 -13.88 9.14 48.39
CA ASP B 278 -14.64 10.05 49.23
C ASP B 278 -16.11 9.94 48.84
N PRO B 279 -16.83 8.94 49.40
CA PRO B 279 -18.21 8.70 48.97
C PRO B 279 -19.12 9.90 49.16
N ALA B 280 -18.87 10.69 50.20
CA ALA B 280 -19.68 11.86 50.49
C ALA B 280 -19.61 12.89 49.35
N PHE B 281 -18.41 13.06 48.78
CA PHE B 281 -18.19 13.99 47.67
C PHE B 281 -19.16 13.67 46.53
N SER B 282 -19.09 12.45 46.03
CA SER B 282 -19.91 12.08 44.89
C SER B 282 -21.40 12.08 45.23
N GLU B 283 -21.74 11.70 46.46
CA GLU B 283 -23.14 11.70 46.89
C GLU B 283 -23.70 13.13 46.87
N ARG B 284 -22.89 14.10 47.29
CA ARG B 284 -23.25 15.52 47.18
C ARG B 284 -23.68 15.95 45.76
N TYR B 285 -22.93 15.50 44.74
CA TYR B 285 -23.15 16.06 43.40
C TYR B 285 -23.99 15.19 42.49
N TYR B 286 -24.11 13.91 42.83
CA TYR B 286 -24.82 12.94 41.99
C TYR B 286 -26.26 13.35 41.61
N PRO B 287 -27.10 13.78 42.58
CA PRO B 287 -28.45 14.17 42.17
C PRO B 287 -28.46 15.40 41.26
N ARG B 288 -27.48 16.28 41.43
CA ARG B 288 -27.40 17.47 40.58
C ARG B 288 -26.93 17.11 39.17
N PHE B 289 -25.93 16.24 39.11
CA PHE B 289 -25.47 15.69 37.84
C PHE B 289 -26.65 15.16 37.01
N LYS B 290 -27.49 14.34 37.63
CA LYS B 290 -28.61 13.72 36.93
C LYS B 290 -29.62 14.75 36.45
N GLN B 291 -29.93 15.71 37.32
CA GLN B 291 -30.74 16.85 36.94
C GLN B 291 -30.21 17.54 35.66
N THR B 292 -28.91 17.80 35.63
CA THR B 292 -28.28 18.53 34.51
C THR B 292 -28.26 17.78 33.17
N PHE B 293 -27.92 16.49 33.23
CA PHE B 293 -27.55 15.75 32.03
C PHE B 293 -28.48 14.63 31.61
N VAL B 294 -29.19 14.04 32.57
CA VAL B 294 -29.87 12.79 32.27
C VAL B 294 -31.28 13.05 31.79
N GLU B 295 -31.60 12.53 30.61
CA GLU B 295 -32.96 12.61 30.10
C GLU B 295 -33.66 11.26 30.22
N VAL B 296 -34.69 11.19 31.06
CA VAL B 296 -35.53 10.00 31.15
C VAL B 296 -36.57 10.08 30.03
N TYR B 297 -36.89 8.96 29.40
CA TYR B 297 -37.90 8.97 28.35
C TYR B 297 -38.55 7.59 28.22
N ASP B 298 -39.49 7.49 27.30
CA ASP B 298 -40.25 6.27 27.09
C ASP B 298 -40.93 5.84 28.39
N GLU B 299 -41.68 6.77 29.00
CA GLU B 299 -42.50 6.48 30.17
C GLU B 299 -41.68 5.94 31.35
N GLY B 300 -40.47 6.46 31.49
CA GLY B 300 -39.63 6.12 32.63
C GLY B 300 -38.82 4.86 32.42
N ARG B 301 -38.94 4.26 31.24
CA ARG B 301 -38.29 2.95 30.98
C ARG B 301 -36.85 3.06 30.47
N LYS B 302 -36.54 4.16 29.80
CA LYS B 302 -35.21 4.34 29.26
C LYS B 302 -34.66 5.70 29.69
N ALA B 303 -33.34 5.85 29.63
CA ALA B 303 -32.71 7.15 29.85
C ALA B 303 -31.51 7.27 28.93
N ARG B 304 -31.19 8.51 28.59
CA ARG B 304 -30.01 8.79 27.78
C ARG B 304 -29.40 10.10 28.30
N VAL B 305 -28.10 10.28 28.08
CA VAL B 305 -27.38 11.35 28.75
C VAL B 305 -26.84 12.40 27.78
N ARG B 306 -27.13 13.67 28.04
CA ARG B 306 -26.61 14.74 27.19
C ARG B 306 -25.16 14.97 27.56
N GLU B 307 -24.28 15.13 26.57
CA GLU B 307 -22.84 15.29 26.88
C GLU B 307 -22.51 16.67 27.47
N THR B 308 -23.30 17.68 27.13
CA THR B 308 -22.97 19.02 27.59
C THR B 308 -24.25 19.85 27.77
N ALA B 309 -24.12 21.05 28.30
CA ALA B 309 -25.30 21.87 28.55
C ALA B 309 -25.69 22.61 27.27
N GLY B 310 -26.90 23.14 27.23
CA GLY B 310 -27.33 23.95 26.11
C GLY B 310 -27.61 23.14 24.86
N THR B 311 -27.92 21.86 25.04
CA THR B 311 -28.32 21.04 23.92
C THR B 311 -29.37 20.04 24.36
N ASP B 312 -30.09 19.51 23.39
CA ASP B 312 -31.09 18.47 23.63
C ASP B 312 -30.53 17.13 23.17
N ASP B 313 -29.49 17.20 22.33
CA ASP B 313 -28.88 16.00 21.78
C ASP B 313 -28.24 15.18 22.88
N ALA B 314 -28.44 13.87 22.81
CA ALA B 314 -27.79 12.93 23.72
C ALA B 314 -26.47 12.43 23.14
N ASP B 315 -25.53 12.14 24.03
CA ASP B 315 -24.30 11.43 23.69
C ASP B 315 -23.50 12.01 22.54
N GLY B 316 -23.42 13.34 22.46
CA GLY B 316 -22.49 13.99 21.56
C GLY B 316 -21.07 13.91 22.08
N GLY B 317 -20.17 14.69 21.49
CA GLY B 317 -18.79 14.69 21.93
C GLY B 317 -18.13 13.36 21.62
N VAL B 318 -17.53 12.74 22.62
CA VAL B 318 -16.94 11.42 22.41
C VAL B 318 -17.97 10.30 22.35
N GLY B 319 -19.21 10.61 22.72
CA GLY B 319 -20.30 9.65 22.58
C GLY B 319 -20.41 8.68 23.73
N LEU B 320 -19.74 9.01 24.83
CA LEU B 320 -19.64 8.10 25.96
C LEU B 320 -20.45 8.51 27.20
N ALA B 321 -21.17 9.63 27.16
CA ALA B 321 -21.94 10.08 28.33
C ALA B 321 -22.81 8.97 28.94
N SER B 322 -23.63 8.33 28.12
CA SER B 322 -24.56 7.35 28.65
C SER B 322 -23.81 6.15 29.26
N ALA B 323 -22.82 5.64 28.54
CA ALA B 323 -22.07 4.48 29.01
C ALA B 323 -21.34 4.77 30.32
N PHE B 324 -20.77 5.95 30.45
CA PHE B 324 -20.10 6.24 31.73
C PHE B 324 -21.11 6.52 32.86
N THR B 325 -22.31 6.98 32.50
CA THR B 325 -23.30 7.25 33.53
C THR B 325 -23.85 5.90 34.02
N LEU B 326 -23.88 4.91 33.12
CA LEU B 326 -24.24 3.55 33.48
C LEU B 326 -23.28 3.01 34.54
N LEU B 327 -21.98 3.15 34.32
CA LEU B 327 -20.99 2.82 35.33
C LEU B 327 -21.23 3.58 36.63
N LEU B 328 -21.51 4.88 36.53
CA LEU B 328 -21.73 5.69 37.72
C LEU B 328 -22.98 5.25 38.50
N ALA B 329 -24.08 5.00 37.79
CA ALA B 329 -25.29 4.48 38.43
C ALA B 329 -25.00 3.19 39.20
N ARG B 330 -24.16 2.34 38.63
CA ARG B 330 -23.77 1.10 39.29
C ARG B 330 -23.02 1.40 40.59
N GLU B 331 -22.05 2.30 40.49
CA GLU B 331 -21.20 2.69 41.62
C GLU B 331 -22.05 3.30 42.76
N MET B 332 -23.08 4.05 42.40
CA MET B 332 -23.93 4.73 43.39
C MET B 332 -25.13 3.89 43.88
N GLY B 333 -25.22 2.64 43.43
CA GLY B 333 -26.34 1.77 43.77
C GLY B 333 -27.70 2.13 43.20
N ASP B 334 -27.70 2.90 42.13
CA ASP B 334 -28.93 3.43 41.53
C ASP B 334 -29.49 2.48 40.45
N GLN B 335 -30.22 1.47 40.89
CA GLN B 335 -30.76 0.44 40.01
C GLN B 335 -31.76 0.97 38.99
N GLN B 336 -32.51 2.00 39.37
CA GLN B 336 -33.49 2.57 38.45
C GLN B 336 -32.80 3.21 37.25
N LEU B 337 -31.83 4.09 37.50
CA LEU B 337 -31.10 4.72 36.39
C LEU B 337 -30.30 3.69 35.59
N PHE B 338 -29.67 2.75 36.29
CA PHE B 338 -28.93 1.68 35.64
C PHE B 338 -29.82 0.97 34.61
N ASP B 339 -31.02 0.59 35.05
CA ASP B 339 -31.94 -0.14 34.21
C ASP B 339 -32.36 0.72 33.00
N GLN B 340 -32.67 1.98 33.27
CA GLN B 340 -33.07 2.92 32.20
C GLN B 340 -31.96 3.07 31.15
N LEU B 341 -30.73 3.23 31.61
CA LEU B 341 -29.59 3.42 30.71
C LEU B 341 -29.32 2.16 29.90
N LEU B 342 -29.31 1.01 30.56
CA LEU B 342 -29.07 -0.26 29.88
C LEU B 342 -30.19 -0.57 28.87
N ASN B 343 -31.43 -0.14 29.14
CA ASN B 343 -32.51 -0.33 28.17
C ASN B 343 -32.29 0.52 26.92
N HIS B 344 -31.60 1.65 27.10
CA HIS B 344 -31.27 2.53 25.99
C HIS B 344 -30.08 2.00 25.21
N LEU B 345 -29.06 1.57 25.92
CA LEU B 345 -27.79 1.19 25.30
C LEU B 345 -27.77 -0.19 24.65
N GLU B 346 -28.31 -1.20 25.32
CA GLU B 346 -28.03 -2.56 24.88
C GLU B 346 -28.93 -3.04 23.72
N PRO B 347 -30.27 -2.90 23.81
CA PRO B 347 -31.11 -3.43 22.73
C PRO B 347 -30.76 -2.96 21.29
N PRO B 348 -30.55 -1.65 21.04
CA PRO B 348 -30.18 -1.30 19.65
C PRO B 348 -28.83 -1.85 19.18
N ALA B 349 -27.98 -2.29 20.11
CA ALA B 349 -26.70 -2.87 19.73
C ALA B 349 -26.88 -4.34 19.33
N LYS B 350 -28.05 -4.90 19.61
CA LYS B 350 -28.41 -6.25 19.17
C LYS B 350 -27.44 -7.32 19.66
N PRO B 351 -27.48 -7.62 20.95
CA PRO B 351 -26.62 -8.66 21.50
C PRO B 351 -27.07 -10.02 21.04
N SER B 352 -26.12 -10.91 20.84
CA SER B 352 -26.46 -12.31 20.65
C SER B 352 -25.38 -13.18 21.27
N ILE B 353 -25.75 -14.41 21.59
CA ILE B 353 -24.79 -15.34 22.13
C ILE B 353 -24.69 -16.53 21.19
N VAL B 354 -23.54 -16.62 20.52
CA VAL B 354 -23.25 -17.68 19.58
C VAL B 354 -22.14 -18.53 20.18
N SER B 355 -22.39 -19.83 20.27
CA SER B 355 -21.42 -20.77 20.82
C SER B 355 -20.95 -20.29 22.21
N ALA B 356 -21.91 -19.91 23.05
CA ALA B 356 -21.66 -19.47 24.42
C ALA B 356 -20.80 -18.19 24.49
N SER B 357 -20.81 -17.40 23.43
CA SER B 357 -19.95 -16.22 23.35
C SER B 357 -20.70 -14.96 22.89
N LEU B 358 -20.49 -13.85 23.59
CA LEU B 358 -21.28 -12.63 23.36
C LEU B 358 -20.74 -11.78 22.22
N ARG B 359 -21.63 -11.36 21.33
CA ARG B 359 -21.28 -10.42 20.28
C ARG B 359 -22.40 -9.39 20.12
N TYR B 360 -22.01 -8.13 19.87
CA TYR B 360 -22.97 -7.09 19.55
C TYR B 360 -22.90 -6.82 18.06
N GLU B 361 -24.06 -6.82 17.40
CA GLU B 361 -24.12 -6.56 15.98
C GLU B 361 -23.86 -5.09 15.64
N HIS B 362 -24.27 -4.18 16.52
CA HIS B 362 -24.16 -2.74 16.25
C HIS B 362 -23.76 -1.91 17.47
N PRO B 363 -22.49 -2.01 17.90
CA PRO B 363 -22.01 -1.21 19.03
C PRO B 363 -22.26 0.27 18.77
N GLY B 364 -22.82 0.99 19.74
CA GLY B 364 -23.24 2.37 19.50
C GLY B 364 -22.17 3.43 19.77
N SER B 365 -20.98 2.99 20.12
CA SER B 365 -19.91 3.91 20.50
C SER B 365 -18.55 3.22 20.55
N LEU B 366 -17.52 4.00 20.81
CA LEU B 366 -16.22 3.42 21.15
C LEU B 366 -16.35 2.78 22.53
N LEU B 367 -15.46 1.84 22.83
CA LEU B 367 -15.38 1.24 24.17
C LEU B 367 -16.68 0.61 24.63
N PHE B 368 -17.46 0.12 23.68
CA PHE B 368 -18.82 -0.31 23.98
C PHE B 368 -18.90 -1.59 24.81
N ASP B 369 -18.33 -2.68 24.32
CA ASP B 369 -18.46 -3.92 25.07
C ASP B 369 -17.62 -3.84 26.34
N GLU B 370 -16.52 -3.09 26.31
CA GLU B 370 -15.73 -2.85 27.53
C GLU B 370 -16.57 -2.17 28.63
N LEU B 371 -17.31 -1.12 28.28
CA LEU B 371 -18.01 -0.34 29.31
C LEU B 371 -19.30 -1.00 29.79
N LEU B 372 -20.02 -1.68 28.90
CA LEU B 372 -21.14 -2.50 29.35
C LEU B 372 -20.65 -3.66 30.23
N PHE B 373 -19.52 -4.26 29.86
CA PHE B 373 -18.94 -5.32 30.69
C PHE B 373 -18.66 -4.80 32.09
N LEU B 374 -17.87 -3.73 32.16
CA LEU B 374 -17.53 -3.08 33.44
C LEU B 374 -18.76 -2.70 34.26
N ALA B 375 -19.72 -2.03 33.65
CA ALA B 375 -20.89 -1.60 34.42
C ALA B 375 -21.69 -2.80 34.97
N LYS B 376 -21.75 -3.89 34.21
CA LYS B 376 -22.53 -5.06 34.61
C LYS B 376 -21.93 -5.77 35.81
N VAL B 377 -20.61 -5.76 35.93
CA VAL B 377 -19.99 -6.49 37.02
C VAL B 377 -19.47 -5.61 38.17
N HIS B 378 -19.47 -4.29 37.98
CA HIS B 378 -18.72 -3.38 38.84
C HIS B 378 -19.19 -3.42 40.30
N ALA B 379 -18.29 -3.78 41.20
CA ALA B 379 -18.66 -3.99 42.59
C ALA B 379 -18.43 -2.72 43.40
N GLY B 380 -17.90 -1.70 42.73
CA GLY B 380 -17.59 -0.43 43.36
C GLY B 380 -16.11 -0.30 43.66
N PHE B 381 -15.55 0.88 43.38
CA PHE B 381 -14.12 1.09 43.55
C PHE B 381 -13.71 0.95 45.04
N GLY B 382 -14.60 1.30 45.95
CA GLY B 382 -14.38 1.07 47.37
C GLY B 382 -14.26 -0.42 47.72
N ALA B 383 -15.14 -1.24 47.14
CA ALA B 383 -15.10 -2.70 47.32
C ALA B 383 -13.78 -3.29 46.79
N LEU B 384 -13.32 -2.82 45.65
CA LEU B 384 -12.03 -3.25 45.12
C LEU B 384 -10.90 -2.97 46.10
N LEU B 385 -10.90 -1.77 46.69
CA LEU B 385 -9.88 -1.36 47.66
C LEU B 385 -9.84 -2.30 48.88
N ARG B 386 -10.97 -2.90 49.20
CA ARG B 386 -11.07 -3.81 50.36
C ARG B 386 -11.07 -5.29 49.94
N MET B 387 -10.44 -5.60 48.82
CA MET B 387 -10.47 -6.97 48.33
C MET B 387 -9.75 -7.94 49.27
N PRO B 388 -10.40 -9.07 49.59
CA PRO B 388 -9.77 -10.10 50.41
C PRO B 388 -8.53 -10.67 49.72
N PRO B 389 -7.54 -11.15 50.50
CA PRO B 389 -6.17 -11.53 50.11
C PRO B 389 -5.97 -12.71 49.14
N PRO B 390 -6.92 -13.63 49.04
CA PRO B 390 -6.70 -14.90 48.34
C PRO B 390 -5.57 -15.71 48.99
N LEU C 29 -22.62 -45.01 -1.63
CA LEU C 29 -21.90 -43.74 -1.82
C LEU C 29 -22.80 -42.52 -1.72
N PRO C 30 -22.82 -41.87 -0.54
CA PRO C 30 -23.56 -40.63 -0.30
C PRO C 30 -23.33 -39.57 -1.37
N PRO C 31 -24.33 -38.70 -1.60
CA PRO C 31 -24.22 -37.67 -2.63
C PRO C 31 -23.17 -36.61 -2.29
N GLY C 32 -22.31 -36.28 -3.23
CA GLY C 32 -21.25 -35.30 -2.99
C GLY C 32 -20.04 -35.88 -2.29
N ARG C 33 -20.06 -37.19 -2.02
CA ARG C 33 -18.91 -37.91 -1.50
C ARG C 33 -18.08 -38.49 -2.65
N LEU C 34 -16.78 -38.64 -2.44
CA LEU C 34 -15.87 -39.09 -3.49
C LEU C 34 -15.56 -40.58 -3.43
N ALA C 35 -15.51 -41.12 -2.20
CA ALA C 35 -15.36 -42.56 -2.00
C ALA C 35 -16.05 -42.99 -0.71
N THR C 36 -16.30 -44.27 -0.56
CA THR C 36 -17.01 -44.78 0.60
C THR C 36 -16.11 -44.79 1.82
N THR C 37 -16.73 -44.79 2.99
CA THR C 37 -15.97 -44.90 4.22
C THR C 37 -15.25 -46.26 4.22
N GLU C 38 -15.93 -47.29 3.74
CA GLU C 38 -15.28 -48.60 3.60
C GLU C 38 -13.98 -48.51 2.78
N ASP C 39 -14.02 -47.82 1.65
CA ASP C 39 -12.82 -47.65 0.81
C ASP C 39 -11.65 -47.01 1.57
N TYR C 40 -11.91 -46.00 2.41
CA TYR C 40 -10.84 -45.33 3.14
C TYR C 40 -10.20 -46.25 4.18
N PHE C 41 -11.05 -46.93 4.95
CA PHE C 41 -10.54 -47.82 5.99
C PHE C 41 -9.87 -49.08 5.42
N ALA C 42 -10.13 -49.41 4.16
CA ALA C 42 -9.52 -50.56 3.51
C ALA C 42 -8.18 -50.29 2.84
N GLN C 43 -7.72 -49.04 2.79
CA GLN C 43 -6.52 -48.69 2.00
C GLN C 43 -5.27 -49.44 2.45
N GLN C 44 -5.10 -49.62 3.76
CA GLN C 44 -3.92 -50.32 4.28
C GLN C 44 -3.93 -51.76 3.86
N ALA C 45 -5.09 -52.40 4.00
CA ALA C 45 -5.25 -53.80 3.59
C ALA C 45 -4.96 -53.96 2.09
N LYS C 46 -5.40 -52.99 1.30
CA LYS C 46 -5.24 -53.02 -0.16
C LYS C 46 -3.86 -52.61 -0.62
N GLN C 47 -3.11 -51.95 0.25
CA GLN C 47 -1.81 -51.38 -0.12
C GLN C 47 -1.95 -50.41 -1.28
N ALA C 48 -2.97 -49.56 -1.21
CA ALA C 48 -3.26 -48.59 -2.28
C ALA C 48 -4.19 -47.49 -1.79
N VAL C 49 -3.84 -46.23 -2.03
CA VAL C 49 -4.73 -45.14 -1.64
C VAL C 49 -5.92 -45.06 -2.61
N THR C 50 -7.01 -44.46 -2.16
CA THR C 50 -8.18 -44.29 -3.01
C THR C 50 -7.83 -43.26 -4.10
N PRO C 51 -8.61 -43.23 -5.20
CA PRO C 51 -8.30 -42.27 -6.26
C PRO C 51 -8.33 -40.81 -5.79
N ASP C 52 -9.26 -40.46 -4.91
CA ASP C 52 -9.36 -39.07 -4.47
C ASP C 52 -8.20 -38.72 -3.53
N VAL C 53 -7.69 -39.69 -2.79
CA VAL C 53 -6.52 -39.44 -1.97
C VAL C 53 -5.31 -39.25 -2.89
N MET C 54 -5.25 -40.04 -3.95
CA MET C 54 -4.20 -39.87 -4.94
C MET C 54 -4.31 -38.46 -5.58
N ALA C 55 -5.53 -38.03 -5.86
CA ALA C 55 -5.74 -36.69 -6.43
C ALA C 55 -5.35 -35.56 -5.46
N GLN C 56 -5.46 -35.83 -4.17
CA GLN C 56 -5.03 -34.87 -3.16
C GLN C 56 -3.51 -34.84 -3.15
N LEU C 57 -2.87 -35.98 -3.38
CA LEU C 57 -1.41 -36.02 -3.46
C LEU C 57 -0.95 -35.25 -4.70
N ALA C 58 -1.77 -35.29 -5.73
CA ALA C 58 -1.51 -34.55 -6.98
C ALA C 58 -1.57 -33.06 -6.71
N TYR C 59 -2.62 -32.60 -6.03
CA TYR C 59 -2.69 -31.21 -5.60
C TYR C 59 -1.44 -30.81 -4.83
N MET C 60 -1.00 -31.68 -3.92
CA MET C 60 0.14 -31.36 -3.06
C MET C 60 1.47 -31.30 -3.83
N ASN C 61 1.55 -31.98 -4.97
CA ASN C 61 2.83 -32.27 -5.64
C ASN C 61 2.94 -31.86 -7.12
N TYR C 62 1.82 -31.68 -7.82
CA TYR C 62 1.87 -31.74 -9.29
C TYR C 62 2.39 -30.44 -9.96
N ILE C 63 1.72 -29.33 -9.70
CA ILE C 63 1.98 -28.09 -10.43
C ILE C 63 3.23 -27.34 -9.94
N ASP C 64 4.14 -27.08 -10.87
CA ASP C 64 5.35 -26.30 -10.60
C ASP C 64 5.08 -25.03 -9.81
N PHE C 65 5.99 -24.75 -8.87
CA PHE C 65 6.03 -23.51 -8.10
C PHE C 65 4.89 -23.28 -7.10
N ILE C 66 3.66 -23.60 -7.46
CA ILE C 66 2.55 -23.24 -6.58
C ILE C 66 1.98 -24.41 -5.77
N SER C 67 2.39 -25.64 -6.06
CA SER C 67 1.95 -26.75 -5.23
C SER C 67 2.71 -26.67 -3.90
N PRO C 68 2.03 -26.99 -2.79
CA PRO C 68 2.66 -26.77 -1.48
C PRO C 68 3.97 -27.55 -1.30
N PHE C 69 4.06 -28.74 -1.89
CA PHE C 69 5.26 -29.57 -1.72
C PHE C 69 6.15 -29.59 -2.97
N TYR C 70 6.23 -28.45 -3.63
CA TYR C 70 7.04 -28.35 -4.83
C TYR C 70 8.54 -28.24 -4.51
N SER C 71 8.86 -27.47 -3.48
CA SER C 71 10.23 -27.06 -3.23
C SER C 71 10.60 -27.04 -1.75
N ARG C 72 11.86 -27.35 -1.46
CA ARG C 72 12.45 -27.16 -0.14
C ARG C 72 12.46 -25.70 0.32
N GLY C 73 12.46 -24.78 -0.65
CA GLY C 73 12.67 -23.37 -0.36
C GLY C 73 11.62 -22.66 0.47
N CYS C 74 11.91 -21.40 0.80
CA CYS C 74 11.00 -20.65 1.66
C CYS C 74 9.98 -19.88 0.82
N SER C 75 9.22 -20.64 0.04
CA SER C 75 8.16 -20.10 -0.80
C SER C 75 6.81 -20.67 -0.33
N PHE C 76 5.82 -19.79 -0.21
CA PHE C 76 4.55 -20.16 0.40
C PHE C 76 3.35 -19.78 -0.44
N GLU C 77 3.53 -19.83 -1.76
CA GLU C 77 2.49 -19.48 -2.73
C GLU C 77 1.21 -20.30 -2.59
N ALA C 78 1.36 -21.59 -2.34
CA ALA C 78 0.20 -22.47 -2.16
C ALA C 78 -0.66 -21.98 -1.00
N TRP C 79 -0.03 -21.53 0.08
CA TRP C 79 -0.75 -21.04 1.25
C TRP C 79 -1.30 -19.63 1.03
N GLU C 80 -0.59 -18.83 0.23
CA GLU C 80 -1.10 -17.53 -0.22
C GLU C 80 -2.39 -17.67 -1.02
N LEU C 81 -2.38 -18.58 -1.99
CA LEU C 81 -3.56 -18.87 -2.82
C LEU C 81 -4.73 -19.41 -2.00
N LYS C 82 -4.42 -20.07 -0.88
CA LYS C 82 -5.46 -20.59 0.00
C LYS C 82 -5.88 -19.60 1.08
N HIS C 83 -5.19 -18.46 1.12
CA HIS C 83 -5.41 -17.41 2.13
C HIS C 83 -5.24 -17.95 3.55
N THR C 84 -4.27 -18.83 3.73
CA THR C 84 -3.94 -19.31 5.07
C THR C 84 -3.34 -18.19 5.91
N PRO C 85 -3.95 -17.88 7.06
CA PRO C 85 -3.36 -16.87 7.96
C PRO C 85 -1.96 -17.31 8.36
N GLN C 86 -1.01 -16.36 8.48
CA GLN C 86 0.37 -16.70 8.84
C GLN C 86 0.49 -17.68 10.01
N ARG C 87 -0.29 -17.47 11.07
CA ARG C 87 -0.16 -18.25 12.30
C ARG C 87 -0.58 -19.70 12.15
N VAL C 88 -1.28 -20.00 11.06
CA VAL C 88 -1.91 -21.30 10.88
C VAL C 88 -1.02 -22.18 9.98
N ILE C 89 -0.06 -21.55 9.30
CA ILE C 89 0.76 -22.28 8.34
C ILE C 89 1.51 -23.46 8.98
N LYS C 90 2.09 -23.25 10.16
CA LYS C 90 2.82 -24.33 10.85
C LYS C 90 1.95 -25.55 11.03
N TYR C 91 0.68 -25.34 11.36
CA TYR C 91 -0.23 -26.47 11.58
C TYR C 91 -0.59 -27.15 10.27
N SER C 92 -0.76 -26.33 9.23
CA SER C 92 -1.03 -26.83 7.89
C SER C 92 0.06 -27.78 7.42
N ILE C 93 1.31 -27.34 7.57
CA ILE C 93 2.45 -28.18 7.22
C ILE C 93 2.50 -29.43 8.10
N ALA C 94 2.21 -29.24 9.39
CA ALA C 94 2.26 -30.35 10.33
C ALA C 94 1.27 -31.44 9.94
N PHE C 95 0.02 -31.08 9.72
CA PHE C 95 -1.01 -32.09 9.45
C PHE C 95 -0.84 -32.74 8.08
N TYR C 96 -0.32 -32.00 7.11
CA TYR C 96 0.10 -32.62 5.85
C TYR C 96 1.14 -33.69 6.11
N ALA C 97 2.11 -33.37 6.95
CA ALA C 97 3.21 -34.29 7.22
C ALA C 97 2.70 -35.58 7.87
N TYR C 98 1.73 -35.46 8.77
CA TYR C 98 1.18 -36.62 9.46
C TYR C 98 0.41 -37.52 8.51
N GLY C 99 -0.34 -36.91 7.59
CA GLY C 99 -1.04 -37.65 6.56
C GLY C 99 -0.07 -38.36 5.65
N LEU C 100 1.05 -37.69 5.37
CA LEU C 100 2.03 -38.28 4.46
C LEU C 100 2.63 -39.54 5.08
N ALA C 101 2.92 -39.48 6.38
CA ALA C 101 3.50 -40.62 7.07
C ALA C 101 2.60 -41.85 6.96
N SER C 102 1.28 -41.64 6.98
CA SER C 102 0.35 -42.75 6.85
C SER C 102 0.35 -43.28 5.43
N VAL C 103 0.49 -42.39 4.45
CA VAL C 103 0.53 -42.80 3.05
C VAL C 103 1.70 -43.76 2.84
N ALA C 104 2.84 -43.40 3.44
CA ALA C 104 4.03 -44.25 3.40
C ALA C 104 3.72 -45.65 3.90
N LEU C 105 2.85 -45.72 4.92
CA LEU C 105 2.44 -47.00 5.51
C LEU C 105 1.49 -47.75 4.58
N ILE C 106 0.54 -47.03 4.00
CA ILE C 106 -0.48 -47.63 3.16
C ILE C 106 0.11 -48.25 1.88
N ASP C 107 0.93 -47.48 1.16
CA ASP C 107 1.42 -47.94 -0.13
C ASP C 107 2.95 -47.85 -0.22
N PRO C 108 3.62 -49.00 -0.19
CA PRO C 108 5.07 -49.08 -0.32
C PRO C 108 5.56 -48.38 -1.58
N LYS C 109 4.75 -48.38 -2.62
CA LYS C 109 5.11 -47.71 -3.88
C LYS C 109 5.10 -46.18 -3.75
N LEU C 110 4.41 -45.64 -2.75
CA LEU C 110 4.41 -44.19 -2.54
C LEU C 110 5.28 -43.75 -1.37
N ARG C 111 6.01 -44.70 -0.77
CA ARG C 111 6.79 -44.39 0.43
C ARG C 111 7.97 -43.47 0.15
N ALA C 112 8.62 -43.68 -1.00
CA ALA C 112 9.71 -42.80 -1.42
C ALA C 112 9.17 -41.36 -1.61
N LEU C 113 8.02 -41.25 -2.25
CA LEU C 113 7.37 -39.95 -2.47
C LEU C 113 7.02 -39.26 -1.14
N ALA C 114 6.37 -40.00 -0.25
CA ALA C 114 5.95 -39.48 1.05
C ALA C 114 7.15 -38.95 1.82
N GLY C 115 8.26 -39.70 1.73
CA GLY C 115 9.49 -39.30 2.39
C GLY C 115 10.09 -38.03 1.82
N HIS C 116 10.09 -37.91 0.49
CA HIS C 116 10.45 -36.67 -0.17
C HIS C 116 9.59 -35.48 0.31
N ASP C 117 8.27 -35.68 0.36
CA ASP C 117 7.36 -34.64 0.81
C ASP C 117 7.63 -34.28 2.28
N LEU C 118 7.98 -35.27 3.09
CA LEU C 118 8.26 -35.05 4.51
C LEU C 118 9.54 -34.23 4.69
N ASP C 119 10.53 -34.50 3.85
CA ASP C 119 11.77 -33.73 3.79
C ASP C 119 11.47 -32.24 3.52
N ILE C 120 10.62 -32.02 2.52
CA ILE C 120 10.17 -30.68 2.21
C ILE C 120 9.38 -30.07 3.36
N ALA C 121 8.54 -30.87 4.02
CA ALA C 121 7.74 -30.37 5.15
C ALA C 121 8.63 -29.80 6.25
N VAL C 122 9.66 -30.56 6.59
CA VAL C 122 10.61 -30.14 7.61
C VAL C 122 11.38 -28.88 7.18
N SER C 123 11.86 -28.83 5.94
CA SER C 123 12.52 -27.62 5.42
C SER C 123 11.63 -26.39 5.56
N LYS C 124 10.40 -26.48 5.06
CA LYS C 124 9.50 -25.33 5.10
C LYS C 124 9.13 -24.96 6.53
N MET C 125 9.01 -25.96 7.38
N MET C 125 9.01 -25.96 7.38
CA MET C 125 8.65 -25.76 8.78
CA MET C 125 8.64 -25.74 8.78
C MET C 125 9.65 -24.85 9.50
C MET C 125 9.65 -24.82 9.47
N LYS C 126 10.88 -24.82 8.98
CA LYS C 126 11.93 -24.05 9.62
C LYS C 126 12.10 -22.64 9.04
N CYS C 127 11.32 -22.30 8.02
CA CYS C 127 11.38 -20.95 7.45
C CYS C 127 10.75 -19.94 8.38
N LYS C 128 11.27 -18.72 8.35
CA LYS C 128 10.83 -17.67 9.26
C LYS C 128 9.38 -17.25 9.02
N ARG C 129 8.90 -17.38 7.78
CA ARG C 129 7.47 -17.17 7.52
C ARG C 129 6.60 -18.01 8.46
N VAL C 130 7.08 -19.22 8.77
CA VAL C 130 6.28 -20.17 9.54
C VAL C 130 6.36 -19.89 11.03
N TRP C 131 7.57 -19.77 11.59
CA TRP C 131 7.72 -19.56 13.04
C TRP C 131 7.83 -18.09 13.50
N GLY C 132 7.87 -17.15 12.55
CA GLY C 132 8.12 -15.74 12.84
C GLY C 132 7.19 -15.03 13.81
N ASP C 133 5.93 -15.45 13.90
CA ASP C 133 4.98 -14.85 14.84
C ASP C 133 5.51 -14.84 16.28
N TRP C 134 6.37 -15.80 16.61
CA TRP C 134 7.03 -15.85 17.92
C TRP C 134 7.86 -14.58 18.19
N GLU C 135 8.64 -14.19 17.18
CA GLU C 135 9.46 -12.98 17.26
C GLU C 135 8.61 -11.70 17.16
N GLU C 136 7.64 -11.69 16.25
CA GLU C 136 6.76 -10.53 16.10
C GLU C 136 5.95 -10.26 17.35
N ASP C 137 5.53 -11.32 18.05
CA ASP C 137 4.75 -11.15 19.27
C ASP C 137 5.62 -10.65 20.42
N GLY C 138 6.93 -10.61 20.21
CA GLY C 138 7.86 -10.11 21.20
C GLY C 138 8.45 -11.16 22.13
N PHE C 139 8.25 -12.44 21.81
CA PHE C 139 8.62 -13.52 22.74
C PHE C 139 10.08 -13.95 22.62
N GLY C 140 10.77 -13.50 21.57
CA GLY C 140 12.17 -13.86 21.39
C GLY C 140 12.54 -14.12 19.94
N THR C 141 13.83 -14.18 19.67
CA THR C 141 14.33 -14.39 18.31
C THR C 141 14.62 -15.86 18.01
N ASP C 142 14.58 -16.71 19.04
CA ASP C 142 14.77 -18.13 18.81
C ASP C 142 13.48 -18.88 19.10
N PRO C 143 12.95 -19.57 18.07
CA PRO C 143 11.67 -20.26 18.25
C PRO C 143 11.73 -21.59 19.01
N ILE C 144 12.85 -22.17 19.22
CA ILE C 144 13.03 -23.42 19.96
C ILE C 144 13.59 -23.37 21.34
N GLU C 145 14.34 -22.40 21.72
CA GLU C 145 14.90 -22.27 23.06
C GLU C 145 13.97 -22.57 24.24
N LYS C 146 12.78 -22.02 24.27
CA LYS C 146 11.75 -22.37 25.16
C LYS C 146 10.46 -22.00 24.74
N GLU C 147 9.56 -22.55 25.43
CA GLU C 147 8.21 -22.33 25.36
C GLU C 147 7.47 -22.32 24.04
N ASN C 148 7.97 -22.54 22.86
CA ASN C 148 7.06 -22.43 21.70
C ASN C 148 6.56 -23.83 21.45
N ILE C 149 5.94 -24.52 22.33
CA ILE C 149 5.68 -25.95 22.10
C ILE C 149 4.63 -26.17 21.01
N MET C 150 3.78 -25.17 20.77
CA MET C 150 2.84 -25.23 19.64
C MET C 150 3.60 -25.37 18.31
N TYR C 151 4.82 -24.84 18.27
CA TYR C 151 5.64 -24.94 17.08
C TYR C 151 6.64 -26.10 17.14
N LYS C 152 7.47 -26.12 18.17
CA LYS C 152 8.60 -27.05 18.17
C LYS C 152 8.15 -28.50 18.48
N GLY C 153 6.97 -28.65 19.06
CA GLY C 153 6.41 -29.97 19.26
C GLY C 153 6.11 -30.64 17.92
N HIS C 154 5.45 -29.90 17.04
CA HIS C 154 5.14 -30.37 15.71
C HIS C 154 6.41 -30.61 14.93
N LEU C 155 7.37 -29.69 15.05
CA LEU C 155 8.63 -29.88 14.34
C LEU C 155 9.35 -31.13 14.84
N ASN C 156 9.30 -31.41 16.13
CA ASN C 156 10.04 -32.56 16.64
C ASN C 156 9.40 -33.86 16.19
N LEU C 157 8.07 -33.90 16.21
CA LEU C 157 7.34 -35.06 15.69
C LEU C 157 7.67 -35.26 14.20
N MET C 158 7.73 -34.18 13.42
CA MET C 158 8.03 -34.28 11.97
C MET C 158 9.44 -34.79 11.68
N TYR C 159 10.43 -34.27 12.39
CA TYR C 159 11.78 -34.85 12.40
C TYR C 159 11.73 -36.37 12.53
N GLY C 160 10.95 -36.82 13.50
CA GLY C 160 10.85 -38.23 13.80
C GLY C 160 10.16 -39.01 12.71
N LEU C 161 9.00 -38.51 12.28
CA LEU C 161 8.23 -39.21 11.27
C LEU C 161 9.04 -39.31 9.97
N TYR C 162 9.74 -38.24 9.62
CA TYR C 162 10.62 -38.26 8.43
C TYR C 162 11.62 -39.43 8.52
N GLN C 163 12.29 -39.56 9.65
CA GLN C 163 13.30 -40.60 9.82
C GLN C 163 12.68 -42.00 9.83
N LEU C 164 11.49 -42.15 10.40
CA LEU C 164 10.81 -43.44 10.35
C LEU C 164 10.45 -43.83 8.91
N VAL C 165 10.02 -42.85 8.11
CA VAL C 165 9.60 -43.14 6.74
C VAL C 165 10.79 -43.46 5.84
N THR C 166 11.87 -42.70 5.98
CA THR C 166 12.97 -42.73 5.03
C THR C 166 14.23 -43.41 5.54
N GLY C 167 14.37 -43.52 6.86
CA GLY C 167 15.61 -44.02 7.43
C GLY C 167 16.79 -43.06 7.29
N SER C 168 16.54 -41.87 6.74
CA SER C 168 17.59 -40.86 6.56
C SER C 168 17.99 -40.20 7.87
N ARG C 169 19.27 -39.86 8.02
CA ARG C 169 19.77 -39.26 9.26
C ARG C 169 20.07 -37.78 9.03
N ARG C 170 19.49 -37.26 7.95
CA ARG C 170 19.62 -35.88 7.53
C ARG C 170 19.38 -34.87 8.67
N TYR C 171 18.36 -35.12 9.48
CA TYR C 171 18.00 -34.21 10.55
C TYR C 171 18.31 -34.77 11.94
N GLU C 172 19.15 -35.79 12.02
CA GLU C 172 19.28 -36.52 13.28
C GLU C 172 19.86 -35.63 14.38
N ALA C 173 20.85 -34.82 14.02
CA ALA C 173 21.45 -33.89 14.97
C ALA C 173 20.43 -32.90 15.55
N GLU C 174 19.62 -32.31 14.67
CA GLU C 174 18.58 -31.36 15.10
C GLU C 174 17.51 -32.07 15.92
N HIS C 175 17.18 -33.28 15.50
CA HIS C 175 16.16 -34.09 16.18
C HIS C 175 16.58 -34.33 17.62
N ALA C 176 17.86 -34.65 17.80
CA ALA C 176 18.41 -34.93 19.12
C ALA C 176 18.40 -33.67 19.98
N HIS C 177 18.89 -32.58 19.43
CA HIS C 177 18.95 -31.29 20.12
C HIS C 177 17.56 -30.90 20.62
N LEU C 178 16.60 -30.94 19.72
CA LEU C 178 15.24 -30.49 20.02
C LEU C 178 14.57 -31.40 21.03
N THR C 179 14.82 -32.70 20.91
CA THR C 179 14.28 -33.66 21.86
C THR C 179 14.84 -33.44 23.28
N ARG C 180 16.12 -33.07 23.40
CA ARG C 180 16.69 -32.79 24.73
C ARG C 180 16.10 -31.52 25.33
N ILE C 181 15.90 -30.52 24.49
CA ILE C 181 15.29 -29.27 24.93
C ILE C 181 13.92 -29.59 25.53
N ILE C 182 13.16 -30.39 24.80
CA ILE C 182 11.81 -30.72 25.21
C ILE C 182 11.82 -31.54 26.50
N HIS C 183 12.61 -32.60 26.56
CA HIS C 183 12.68 -33.41 27.76
C HIS C 183 13.10 -32.56 28.95
N ASP C 184 14.15 -31.75 28.78
CA ASP C 184 14.65 -30.94 29.89
C ASP C 184 13.60 -29.97 30.39
N GLU C 185 12.90 -29.32 29.47
CA GLU C 185 11.89 -28.32 29.82
C GLU C 185 10.74 -28.98 30.56
N ILE C 186 10.32 -30.16 30.12
CA ILE C 186 9.30 -30.92 30.85
C ILE C 186 9.77 -31.22 32.27
N ALA C 187 11.01 -31.67 32.38
CA ALA C 187 11.55 -32.10 33.67
C ALA C 187 11.64 -30.96 34.68
N ALA C 188 11.92 -29.75 34.19
CA ALA C 188 12.14 -28.60 35.06
C ALA C 188 10.85 -27.93 35.56
N ASN C 189 9.76 -28.11 34.82
CA ASN C 189 8.49 -27.46 35.18
C ASN C 189 7.79 -28.15 36.36
N PRO C 190 7.12 -27.36 37.21
CA PRO C 190 6.32 -27.83 38.35
C PRO C 190 5.01 -28.50 37.94
N PHE C 191 4.53 -28.17 36.74
CA PHE C 191 3.40 -28.83 36.10
C PHE C 191 3.96 -29.83 35.07
N ALA C 192 3.15 -30.80 34.65
CA ALA C 192 3.62 -31.78 33.67
C ALA C 192 3.45 -31.31 32.22
N GLY C 193 4.53 -30.88 31.58
CA GLY C 193 4.46 -30.42 30.20
C GLY C 193 5.22 -29.14 29.91
N ILE C 194 4.83 -28.45 28.84
CA ILE C 194 5.50 -27.24 28.36
C ILE C 194 4.44 -26.23 27.89
N VAL C 195 4.67 -24.93 28.07
CA VAL C 195 3.71 -23.90 27.65
C VAL C 195 3.84 -23.58 26.16
N CYS C 196 2.90 -22.81 25.61
CA CYS C 196 2.99 -22.30 24.23
C CYS C 196 3.50 -20.86 24.27
N GLU C 197 2.60 -19.90 24.15
CA GLU C 197 2.93 -18.54 24.57
C GLU C 197 3.26 -18.62 26.06
N PRO C 198 4.11 -17.72 26.57
CA PRO C 198 4.43 -17.75 28.01
C PRO C 198 3.17 -17.77 28.89
N ASP C 199 3.16 -18.65 29.88
CA ASP C 199 2.02 -18.86 30.79
C ASP C 199 0.74 -19.40 30.13
N ASN C 200 0.85 -19.89 28.90
CA ASN C 200 -0.29 -20.54 28.26
C ASN C 200 -0.04 -22.03 28.06
N TYR C 201 -0.82 -22.89 28.71
CA TYR C 201 -0.64 -24.32 28.58
C TYR C 201 -1.81 -24.93 27.83
N PHE C 202 -1.54 -25.65 26.75
CA PHE C 202 -2.58 -26.30 25.98
C PHE C 202 -2.36 -27.81 25.95
N VAL C 203 -3.37 -28.56 26.34
CA VAL C 203 -3.21 -30.01 26.41
C VAL C 203 -2.95 -30.58 25.01
N GLN C 204 -3.57 -30.03 23.96
CA GLN C 204 -3.41 -30.63 22.64
C GLN C 204 -2.00 -30.44 22.11
N CYS C 205 -1.40 -29.28 22.37
CA CYS C 205 -0.05 -29.00 21.89
C CYS C 205 0.98 -29.86 22.63
N ASN C 206 0.71 -30.15 23.90
CA ASN C 206 1.57 -31.03 24.66
C ASN C 206 1.55 -32.45 24.12
N SER C 207 0.38 -32.92 23.70
CA SER C 207 0.27 -34.28 23.22
C SER C 207 1.08 -34.49 21.94
N VAL C 208 1.30 -33.42 21.16
CA VAL C 208 2.23 -33.50 20.03
C VAL C 208 3.65 -33.75 20.50
N ALA C 209 4.07 -32.97 21.51
CA ALA C 209 5.41 -33.05 22.06
C ALA C 209 5.69 -34.43 22.67
N TYR C 210 4.72 -34.95 23.43
CA TYR C 210 4.93 -36.24 24.08
C TYR C 210 5.00 -37.33 23.03
N LEU C 211 4.04 -37.33 22.11
CA LEU C 211 4.09 -38.25 20.97
C LEU C 211 5.46 -38.22 20.30
N SER C 212 6.08 -37.05 20.22
CA SER C 212 7.36 -36.93 19.53
C SER C 212 8.48 -37.60 20.31
N LEU C 213 8.33 -37.63 21.63
CA LEU C 213 9.23 -38.37 22.50
C LEU C 213 9.13 -39.89 22.27
N TRP C 214 7.90 -40.38 22.13
CA TRP C 214 7.71 -41.79 21.79
C TRP C 214 8.40 -42.14 20.48
N VAL C 215 8.31 -41.26 19.48
CA VAL C 215 8.95 -41.54 18.20
C VAL C 215 10.48 -41.53 18.31
N TYR C 216 11.03 -40.58 19.05
CA TYR C 216 12.48 -40.55 19.22
C TYR C 216 12.95 -41.83 19.93
N ASP C 217 12.15 -42.33 20.87
CA ASP C 217 12.50 -43.55 21.59
C ASP C 217 12.52 -44.77 20.68
N ARG C 218 11.55 -44.84 19.76
CA ARG C 218 11.47 -45.93 18.81
C ARG C 218 12.69 -45.98 17.91
N LEU C 219 13.17 -44.81 17.52
CA LEU C 219 14.34 -44.71 16.64
C LEU C 219 15.65 -45.03 17.33
N HIS C 220 15.74 -44.72 18.62
CA HIS C 220 17.04 -44.74 19.29
C HIS C 220 17.09 -45.58 20.58
N GLY C 221 15.96 -46.17 20.95
CA GLY C 221 15.94 -47.08 22.10
C GLY C 221 16.14 -46.35 23.41
N THR C 222 15.78 -45.07 23.42
CA THR C 222 15.87 -44.24 24.60
C THR C 222 14.58 -44.35 25.42
N ASP C 223 14.50 -43.67 26.55
CA ASP C 223 13.29 -43.69 27.34
C ASP C 223 12.77 -42.30 27.72
N TYR C 224 12.75 -41.38 26.76
CA TYR C 224 12.18 -40.05 26.99
C TYR C 224 10.69 -40.12 27.25
N ARG C 225 10.05 -41.15 26.70
CA ARG C 225 8.61 -41.30 26.84
C ARG C 225 8.19 -41.63 28.27
N ALA C 226 9.16 -41.75 29.18
CA ALA C 226 8.89 -42.12 30.56
C ALA C 226 8.10 -41.03 31.25
N ALA C 227 8.26 -39.80 30.75
CA ALA C 227 7.58 -38.63 31.29
C ALA C 227 6.05 -38.69 31.08
N THR C 228 5.62 -39.51 30.14
CA THR C 228 4.22 -39.58 29.73
C THR C 228 3.23 -39.92 30.86
N ARG C 229 3.64 -40.77 31.78
CA ARG C 229 2.72 -41.19 32.83
C ARG C 229 2.30 -40.05 33.74
N ALA C 230 3.27 -39.25 34.18
CA ALA C 230 2.98 -38.08 35.01
C ALA C 230 2.06 -37.11 34.28
N TRP C 231 2.31 -36.92 32.99
CA TRP C 231 1.52 -36.05 32.15
C TRP C 231 0.08 -36.51 32.04
N LEU C 232 -0.12 -37.80 31.77
CA LEU C 232 -1.45 -38.38 31.71
C LEU C 232 -2.17 -38.25 33.06
N ASP C 233 -1.42 -38.38 34.15
CA ASP C 233 -2.00 -38.22 35.49
C ASP C 233 -2.42 -36.77 35.71
N PHE C 234 -1.52 -35.85 35.37
CA PHE C 234 -1.76 -34.42 35.52
C PHE C 234 -2.99 -33.93 34.76
N ILE C 235 -3.07 -34.23 33.45
CA ILE C 235 -4.16 -33.71 32.64
C ILE C 235 -5.51 -34.31 33.06
N GLN C 236 -5.48 -35.47 33.70
CA GLN C 236 -6.72 -36.05 34.21
C GLN C 236 -7.16 -35.45 35.53
N LYS C 237 -6.28 -34.72 36.20
CA LYS C 237 -6.61 -34.27 37.54
C LYS C 237 -7.33 -32.91 37.57
N ASP C 238 -6.89 -31.96 36.75
CA ASP C 238 -7.54 -30.65 36.73
C ASP C 238 -7.97 -30.20 35.32
N LEU C 239 -7.33 -30.74 34.30
CA LEU C 239 -7.54 -30.21 32.95
C LEU C 239 -8.73 -30.85 32.26
N ILE C 240 -9.32 -31.86 32.89
CA ILE C 240 -10.42 -32.58 32.26
C ILE C 240 -11.67 -32.60 33.13
N ASP C 241 -12.82 -32.52 32.48
CA ASP C 241 -14.10 -32.87 33.08
C ASP C 241 -14.34 -34.36 32.78
N PRO C 242 -14.07 -35.23 33.76
CA PRO C 242 -14.08 -36.68 33.51
C PRO C 242 -15.47 -37.18 33.15
N GLU C 243 -16.48 -36.61 33.79
CA GLU C 243 -17.85 -37.00 33.56
C GLU C 243 -18.26 -36.77 32.11
N ARG C 244 -17.87 -35.62 31.55
CA ARG C 244 -18.25 -35.26 30.18
C ARG C 244 -17.19 -35.71 29.16
N GLY C 245 -16.07 -36.21 29.66
CA GLY C 245 -14.97 -36.65 28.83
C GLY C 245 -14.45 -35.53 27.96
N ALA C 246 -14.23 -34.36 28.57
CA ALA C 246 -13.83 -33.18 27.79
C ALA C 246 -12.77 -32.36 28.51
N PHE C 247 -11.76 -31.91 27.76
CA PHE C 247 -10.71 -31.09 28.33
C PHE C 247 -11.12 -29.62 28.37
N TYR C 248 -10.66 -28.90 29.38
CA TYR C 248 -10.86 -27.46 29.44
C TYR C 248 -9.95 -26.78 28.43
N LEU C 249 -10.33 -25.57 28.04
CA LEU C 249 -9.65 -24.89 26.95
C LEU C 249 -8.14 -24.77 27.17
N SER C 250 -7.74 -24.40 28.38
CA SER C 250 -6.32 -24.18 28.65
C SER C 250 -6.05 -23.96 30.13
N TYR C 251 -4.77 -24.04 30.49
CA TYR C 251 -4.32 -23.92 31.86
C TYR C 251 -3.21 -22.88 31.92
N HIS C 252 -3.07 -22.21 33.06
CA HIS C 252 -2.17 -21.06 33.14
C HIS C 252 -1.46 -21.11 34.50
N PRO C 253 -0.29 -21.75 34.52
CA PRO C 253 0.41 -22.17 35.75
C PRO C 253 0.68 -21.04 36.76
N GLU C 254 1.03 -19.84 36.31
CA GLU C 254 1.41 -18.79 37.26
C GLU C 254 0.22 -18.30 38.11
N SER C 255 -0.98 -18.36 37.55
CA SER C 255 -2.18 -17.99 38.28
C SER C 255 -2.92 -19.21 38.79
N GLY C 256 -2.58 -20.38 38.24
CA GLY C 256 -3.29 -21.60 38.57
C GLY C 256 -4.59 -21.76 37.81
N ALA C 257 -4.93 -20.76 36.99
CA ALA C 257 -6.21 -20.73 36.30
C ALA C 257 -6.40 -21.87 35.28
N VAL C 258 -7.57 -22.49 35.33
CA VAL C 258 -8.01 -23.36 34.25
C VAL C 258 -9.24 -22.70 33.64
N LYS C 259 -9.16 -22.32 32.37
CA LYS C 259 -10.29 -21.67 31.71
C LYS C 259 -11.54 -22.53 31.81
N PRO C 260 -12.66 -21.93 32.26
CA PRO C 260 -13.91 -22.59 32.64
C PRO C 260 -14.65 -23.32 31.52
N TRP C 261 -14.27 -23.13 30.26
CA TRP C 261 -14.99 -23.76 29.15
C TRP C 261 -14.31 -25.04 28.64
N ILE C 262 -15.12 -26.06 28.38
CA ILE C 262 -14.62 -27.27 27.71
C ILE C 262 -14.64 -27.06 26.20
N SER C 263 -13.69 -27.68 25.51
CA SER C 263 -13.49 -27.49 24.08
C SER C 263 -13.46 -28.83 23.33
N ALA C 264 -14.36 -28.99 22.38
CA ALA C 264 -14.44 -30.20 21.57
C ALA C 264 -13.21 -30.40 20.68
N TYR C 265 -12.82 -29.38 19.91
CA TYR C 265 -11.72 -29.59 18.99
C TYR C 265 -10.45 -29.90 19.79
N THR C 266 -10.33 -29.26 20.95
CA THR C 266 -9.22 -29.53 21.86
C THR C 266 -9.21 -30.99 22.34
N THR C 267 -10.38 -31.47 22.76
CA THR C 267 -10.51 -32.83 23.26
C THR C 267 -10.30 -33.87 22.14
N ALA C 268 -10.88 -33.62 20.97
CA ALA C 268 -10.79 -34.56 19.85
C ALA C 268 -9.34 -34.79 19.43
N TRP C 269 -8.62 -33.69 19.24
CA TRP C 269 -7.21 -33.72 18.88
C TRP C 269 -6.40 -34.49 19.94
N THR C 270 -6.55 -34.09 21.20
CA THR C 270 -5.80 -34.66 22.31
C THR C 270 -6.05 -36.16 22.50
N LEU C 271 -7.33 -36.55 22.46
CA LEU C 271 -7.68 -37.96 22.59
C LEU C 271 -7.11 -38.76 21.43
N ALA C 272 -7.10 -38.17 20.23
CA ALA C 272 -6.61 -38.88 19.04
C ALA C 272 -5.17 -39.26 19.25
N MET C 273 -4.38 -38.30 19.72
CA MET C 273 -2.96 -38.53 19.82
C MET C 273 -2.56 -39.30 21.08
N VAL C 274 -3.32 -39.09 22.16
CA VAL C 274 -3.10 -39.85 23.39
C VAL C 274 -3.38 -41.33 23.12
N HIS C 275 -4.35 -41.60 22.25
CA HIS C 275 -4.72 -42.96 21.87
C HIS C 275 -3.52 -43.75 21.34
N GLY C 276 -2.55 -43.05 20.76
CA GLY C 276 -1.36 -43.70 20.25
C GLY C 276 -0.31 -44.01 21.31
N MET C 277 -0.46 -43.41 22.47
CA MET C 277 0.45 -43.64 23.61
C MET C 277 -0.24 -44.48 24.70
N ASP C 278 -1.53 -44.24 24.93
CA ASP C 278 -2.29 -44.93 25.97
C ASP C 278 -3.73 -45.14 25.51
N PRO C 279 -3.96 -46.24 24.76
CA PRO C 279 -5.29 -46.47 24.17
C PRO C 279 -6.42 -46.52 25.19
N ALA C 280 -6.18 -47.11 26.36
CA ALA C 280 -7.25 -47.22 27.37
C ALA C 280 -7.73 -45.84 27.83
N PHE C 281 -6.82 -44.88 27.85
CA PHE C 281 -7.14 -43.50 28.21
C PHE C 281 -8.24 -42.95 27.31
N SER C 282 -7.97 -42.96 26.02
CA SER C 282 -8.92 -42.46 25.05
C SER C 282 -10.20 -43.30 24.98
N GLU C 283 -10.06 -44.62 25.07
CA GLU C 283 -11.25 -45.47 25.05
C GLU C 283 -12.15 -45.17 26.24
N ARG C 284 -11.57 -44.74 27.34
CA ARG C 284 -12.38 -44.35 28.50
C ARG C 284 -13.22 -43.09 28.22
N TYR C 285 -12.61 -42.06 27.65
CA TYR C 285 -13.33 -40.80 27.52
C TYR C 285 -14.07 -40.64 26.20
N TYR C 286 -13.75 -41.47 25.21
CA TYR C 286 -14.31 -41.31 23.87
C TYR C 286 -15.85 -41.33 23.83
N PRO C 287 -16.50 -42.32 24.47
CA PRO C 287 -17.96 -42.28 24.38
C PRO C 287 -18.60 -41.12 25.18
N ARG C 288 -17.91 -40.60 26.18
CA ARG C 288 -18.44 -39.47 26.95
C ARG C 288 -18.31 -38.17 26.13
N PHE C 289 -17.14 -37.98 25.53
CA PHE C 289 -16.90 -36.93 24.56
C PHE C 289 -18.02 -36.86 23.51
N LYS C 290 -18.33 -38.01 22.89
CA LYS C 290 -19.40 -38.07 21.90
C LYS C 290 -20.73 -37.62 22.48
N GLN C 291 -21.01 -38.09 23.69
CA GLN C 291 -22.21 -37.77 24.42
C GLN C 291 -22.31 -36.24 24.61
N THR C 292 -21.19 -35.63 24.97
CA THR C 292 -21.12 -34.19 25.24
C THR C 292 -21.25 -33.29 23.99
N PHE C 293 -20.52 -33.62 22.92
CA PHE C 293 -20.36 -32.67 21.81
C PHE C 293 -21.00 -33.05 20.47
N VAL C 294 -21.22 -34.34 20.23
CA VAL C 294 -21.63 -34.78 18.90
C VAL C 294 -23.15 -34.79 18.73
N GLU C 295 -23.61 -34.09 17.69
CA GLU C 295 -25.00 -34.09 17.32
C GLU C 295 -25.19 -34.87 16.02
N VAL C 296 -25.79 -36.05 16.13
CA VAL C 296 -26.17 -36.81 14.95
C VAL C 296 -27.45 -36.21 14.38
N TYR C 297 -27.57 -36.14 13.05
CA TYR C 297 -28.80 -35.64 12.46
C TYR C 297 -29.04 -36.24 11.09
N ASP C 298 -30.10 -35.78 10.43
CA ASP C 298 -30.52 -36.30 9.14
C ASP C 298 -30.71 -37.83 9.18
N GLU C 299 -31.58 -38.28 10.08
CA GLU C 299 -31.89 -39.68 10.28
C GLU C 299 -30.65 -40.56 10.35
N GLY C 300 -29.60 -40.06 11.00
CA GLY C 300 -28.40 -40.83 11.27
C GLY C 300 -27.33 -40.78 10.18
N ARG C 301 -27.61 -40.11 9.07
CA ARG C 301 -26.66 -40.06 7.96
C ARG C 301 -25.51 -39.06 8.12
N LYS C 302 -25.70 -38.11 9.03
CA LYS C 302 -24.75 -37.00 9.19
C LYS C 302 -24.53 -36.66 10.67
N ALA C 303 -23.42 -36.00 10.96
CA ALA C 303 -23.19 -35.49 12.32
C ALA C 303 -22.43 -34.15 12.29
N ARG C 304 -22.73 -33.33 13.30
CA ARG C 304 -22.15 -32.01 13.58
C ARG C 304 -21.51 -32.05 14.96
N VAL C 305 -20.41 -31.33 15.18
CA VAL C 305 -19.87 -31.25 16.53
C VAL C 305 -19.94 -29.84 17.13
N ARG C 306 -20.55 -29.71 18.31
CA ARG C 306 -20.57 -28.47 19.06
C ARG C 306 -19.18 -28.25 19.65
N GLU C 307 -18.72 -27.01 19.68
CA GLU C 307 -17.37 -26.70 20.15
C GLU C 307 -17.29 -26.63 21.66
N THR C 308 -18.37 -26.23 22.33
CA THR C 308 -18.35 -26.13 23.79
C THR C 308 -19.73 -26.44 24.40
N ALA C 309 -19.81 -26.53 25.72
CA ALA C 309 -21.06 -26.78 26.42
C ALA C 309 -21.95 -25.55 26.44
N GLY C 310 -23.23 -25.78 26.74
CA GLY C 310 -24.20 -24.71 26.82
C GLY C 310 -24.48 -24.01 25.50
N THR C 311 -24.50 -24.76 24.40
CA THR C 311 -24.87 -24.18 23.12
C THR C 311 -25.47 -25.25 22.19
N ASP C 312 -26.21 -24.80 21.18
CA ASP C 312 -26.73 -25.71 20.17
C ASP C 312 -25.94 -25.57 18.88
N ASP C 313 -25.11 -24.53 18.82
CA ASP C 313 -24.35 -24.24 17.60
C ASP C 313 -23.24 -25.25 17.37
N ALA C 314 -23.09 -25.67 16.13
CA ALA C 314 -21.96 -26.50 15.70
C ALA C 314 -20.75 -25.65 15.33
N ASP C 315 -19.57 -26.20 15.62
CA ASP C 315 -18.31 -25.65 15.11
C ASP C 315 -18.15 -24.16 15.34
N GLY C 316 -18.49 -23.70 16.55
CA GLY C 316 -18.15 -22.37 17.00
C GLY C 316 -16.66 -22.27 17.28
N GLY C 317 -16.23 -21.21 17.95
CA GLY C 317 -14.81 -21.05 18.25
C GLY C 317 -13.97 -21.02 16.97
N VAL C 318 -12.91 -21.80 16.93
CA VAL C 318 -12.04 -21.80 15.74
C VAL C 318 -12.61 -22.59 14.55
N GLY C 319 -13.74 -23.27 14.76
CA GLY C 319 -14.46 -23.88 13.66
C GLY C 319 -13.97 -25.25 13.25
N LEU C 320 -13.12 -25.85 14.08
CA LEU C 320 -12.47 -27.11 13.74
C LEU C 320 -12.98 -28.33 14.50
N ALA C 321 -14.08 -28.17 15.24
CA ALA C 321 -14.62 -29.25 16.06
C ALA C 321 -14.95 -30.49 15.23
N SER C 322 -15.62 -30.30 14.10
CA SER C 322 -16.07 -31.43 13.30
C SER C 322 -14.89 -32.12 12.61
N ALA C 323 -13.97 -31.33 12.06
CA ALA C 323 -12.79 -31.87 11.37
C ALA C 323 -11.89 -32.66 12.34
N PHE C 324 -11.62 -32.12 13.51
CA PHE C 324 -10.75 -32.87 14.43
C PHE C 324 -11.48 -34.09 14.97
N THR C 325 -12.81 -34.03 15.07
CA THR C 325 -13.55 -35.19 15.49
C THR C 325 -13.53 -36.25 14.38
N LEU C 326 -13.47 -35.81 13.12
CA LEU C 326 -13.32 -36.74 12.00
C LEU C 326 -12.02 -37.53 12.12
N LEU C 327 -10.94 -36.86 12.48
CA LEU C 327 -9.67 -37.53 12.72
C LEU C 327 -9.74 -38.48 13.94
N LEU C 328 -10.41 -38.05 15.01
CA LEU C 328 -10.50 -38.90 16.22
C LEU C 328 -11.28 -40.17 15.91
N ALA C 329 -12.41 -40.01 15.24
CA ALA C 329 -13.19 -41.15 14.80
C ALA C 329 -12.36 -42.14 13.97
N ARG C 330 -11.45 -41.63 13.14
CA ARG C 330 -10.63 -42.51 12.33
C ARG C 330 -9.66 -43.25 13.24
N GLU C 331 -9.05 -42.52 14.16
CA GLU C 331 -8.10 -43.11 15.11
C GLU C 331 -8.75 -44.22 15.96
N MET C 332 -10.02 -44.03 16.31
CA MET C 332 -10.72 -44.96 17.19
C MET C 332 -11.41 -46.10 16.44
N GLY C 333 -11.30 -46.10 15.12
CA GLY C 333 -11.94 -47.12 14.31
C GLY C 333 -13.46 -47.01 14.23
N ASP C 334 -13.97 -45.82 14.58
CA ASP C 334 -15.41 -45.55 14.61
C ASP C 334 -15.89 -45.20 13.20
N GLN C 335 -16.20 -46.21 12.40
CA GLN C 335 -16.50 -45.96 10.99
C GLN C 335 -17.84 -45.27 10.85
N GLN C 336 -18.77 -45.56 11.77
CA GLN C 336 -20.07 -44.92 11.66
C GLN C 336 -19.97 -43.39 11.84
N LEU C 337 -19.23 -42.96 12.85
CA LEU C 337 -19.12 -41.52 13.11
C LEU C 337 -18.33 -40.86 11.97
N PHE C 338 -17.26 -41.52 11.52
CA PHE C 338 -16.44 -41.04 10.42
C PHE C 338 -17.32 -40.77 9.22
N ASP C 339 -18.20 -41.73 8.91
CA ASP C 339 -19.04 -41.61 7.73
C ASP C 339 -19.99 -40.44 7.92
N GLN C 340 -20.49 -40.30 9.15
CA GLN C 340 -21.46 -39.26 9.46
C GLN C 340 -20.84 -37.87 9.35
N LEU C 341 -19.64 -37.69 9.92
CA LEU C 341 -18.94 -36.42 9.88
C LEU C 341 -18.53 -36.04 8.45
N LEU C 342 -18.08 -37.01 7.67
CA LEU C 342 -17.62 -36.74 6.31
C LEU C 342 -18.82 -36.35 5.45
N ASN C 343 -19.99 -36.94 5.70
CA ASN C 343 -21.22 -36.58 4.99
C ASN C 343 -21.65 -35.15 5.27
N HIS C 344 -21.21 -34.62 6.41
CA HIS C 344 -21.51 -33.25 6.79
C HIS C 344 -20.48 -32.27 6.21
N LEU C 345 -19.22 -32.69 6.24
CA LEU C 345 -18.10 -31.83 5.90
C LEU C 345 -17.82 -31.74 4.40
N GLU C 346 -17.80 -32.87 3.71
CA GLU C 346 -17.33 -32.83 2.34
C GLU C 346 -18.32 -32.28 1.29
N PRO C 347 -19.58 -32.74 1.29
CA PRO C 347 -20.49 -32.27 0.22
C PRO C 347 -20.64 -30.76 0.05
N PRO C 348 -20.86 -29.97 1.14
CA PRO C 348 -20.99 -28.53 0.86
C PRO C 348 -19.70 -27.91 0.37
N ALA C 349 -18.56 -28.55 0.66
CA ALA C 349 -17.28 -28.01 0.21
C ALA C 349 -17.15 -28.14 -1.31
N LYS C 350 -18.00 -28.98 -1.91
CA LYS C 350 -18.06 -29.17 -3.37
C LYS C 350 -16.73 -29.66 -3.93
N PRO C 351 -16.35 -30.91 -3.63
CA PRO C 351 -15.12 -31.46 -4.20
C PRO C 351 -15.24 -31.70 -5.70
N SER C 352 -14.17 -31.44 -6.44
CA SER C 352 -14.09 -31.94 -7.81
C SER C 352 -12.66 -32.39 -8.15
N ILE C 353 -12.57 -33.33 -9.08
CA ILE C 353 -11.29 -33.80 -9.55
C ILE C 353 -11.09 -33.33 -10.98
N VAL C 354 -10.10 -32.49 -11.21
CA VAL C 354 -9.80 -31.96 -12.54
C VAL C 354 -8.37 -32.31 -12.87
N SER C 355 -8.18 -32.97 -14.01
CA SER C 355 -6.85 -33.40 -14.46
C SER C 355 -6.17 -34.25 -13.38
N ALA C 356 -6.94 -35.19 -12.83
CA ALA C 356 -6.50 -36.09 -11.76
C ALA C 356 -6.01 -35.33 -10.51
N SER C 357 -6.62 -34.20 -10.20
CA SER C 357 -6.18 -33.42 -9.05
C SER C 357 -7.36 -32.84 -8.28
N LEU C 358 -7.34 -33.01 -6.96
CA LEU C 358 -8.45 -32.62 -6.09
C LEU C 358 -8.52 -31.13 -5.75
N ARG C 359 -9.72 -30.55 -5.90
CA ARG C 359 -9.99 -29.18 -5.47
CA ARG C 359 -10.01 -29.17 -5.48
C ARG C 359 -11.30 -29.12 -4.68
N TYR C 360 -11.34 -28.24 -3.68
CA TYR C 360 -12.59 -27.91 -2.99
C TYR C 360 -12.97 -26.50 -3.40
N GLU C 361 -14.19 -26.30 -3.87
CA GLU C 361 -14.61 -24.96 -4.23
C GLU C 361 -14.96 -24.10 -2.99
N HIS C 362 -15.56 -24.71 -1.98
CA HIS C 362 -15.90 -23.95 -0.76
C HIS C 362 -15.41 -24.61 0.53
N PRO C 363 -14.09 -24.61 0.76
CA PRO C 363 -13.56 -25.14 2.03
C PRO C 363 -14.31 -24.55 3.22
N GLY C 364 -14.82 -25.43 4.09
CA GLY C 364 -15.71 -25.00 5.15
C GLY C 364 -15.03 -24.36 6.34
N SER C 365 -13.70 -24.47 6.38
CA SER C 365 -12.96 -23.98 7.52
C SER C 365 -11.48 -23.79 7.19
N LEU C 366 -10.73 -23.32 8.18
CA LEU C 366 -9.27 -23.37 8.14
C LEU C 366 -8.81 -24.82 8.08
N LEU C 367 -7.62 -25.04 7.55
CA LEU C 367 -7.01 -26.37 7.53
C LEU C 367 -7.94 -27.43 6.94
N PHE C 368 -8.78 -27.05 5.98
CA PHE C 368 -9.81 -27.97 5.51
C PHE C 368 -9.27 -29.17 4.70
N ASP C 369 -8.53 -28.94 3.62
CA ASP C 369 -8.07 -30.08 2.84
C ASP C 369 -6.99 -30.86 3.60
N GLU C 370 -6.26 -30.16 4.47
CA GLU C 370 -5.26 -30.78 5.34
C GLU C 370 -5.91 -31.83 6.24
N LEU C 371 -6.94 -31.43 6.98
CA LEU C 371 -7.57 -32.31 7.96
C LEU C 371 -8.38 -33.41 7.29
N LEU C 372 -9.03 -33.08 6.18
CA LEU C 372 -9.75 -34.11 5.43
C LEU C 372 -8.78 -35.15 4.84
N PHE C 373 -7.63 -34.69 4.36
CA PHE C 373 -6.58 -35.60 3.89
C PHE C 373 -6.08 -36.50 4.99
N LEU C 374 -5.72 -35.89 6.12
CA LEU C 374 -5.22 -36.62 7.27
C LEU C 374 -6.19 -37.68 7.73
N ALA C 375 -7.46 -37.31 7.84
CA ALA C 375 -8.46 -38.26 8.32
C ALA C 375 -8.69 -39.42 7.33
N LYS C 376 -8.58 -39.15 6.03
CA LYS C 376 -8.82 -40.19 5.04
C LYS C 376 -7.73 -41.25 5.05
N VAL C 377 -6.49 -40.84 5.33
CA VAL C 377 -5.41 -41.81 5.32
C VAL C 377 -4.94 -42.26 6.70
N HIS C 378 -5.42 -41.62 7.78
CA HIS C 378 -4.81 -41.84 9.10
C HIS C 378 -4.79 -43.32 9.53
N ALA C 379 -3.57 -43.82 9.75
CA ALA C 379 -3.35 -45.21 10.09
C ALA C 379 -3.36 -45.45 11.61
N GLY C 380 -3.53 -44.37 12.37
CA GLY C 380 -3.37 -44.41 13.82
C GLY C 380 -1.98 -43.94 14.24
N PHE C 381 -1.92 -43.10 15.25
CA PHE C 381 -0.62 -42.61 15.69
C PHE C 381 0.17 -43.78 16.33
N GLY C 382 -0.54 -44.79 16.81
CA GLY C 382 0.09 -46.02 17.31
C GLY C 382 0.80 -46.79 16.22
N ALA C 383 0.18 -46.85 15.04
CA ALA C 383 0.80 -47.52 13.88
C ALA C 383 1.99 -46.71 13.34
N LEU C 384 1.86 -45.39 13.30
CA LEU C 384 2.94 -44.55 12.81
C LEU C 384 4.17 -44.75 13.68
N LEU C 385 3.92 -44.79 14.98
CA LEU C 385 4.95 -45.03 15.98
C LEU C 385 5.78 -46.29 15.69
N ARG C 386 5.15 -47.34 15.19
CA ARG C 386 5.84 -48.62 15.04
C ARG C 386 6.05 -48.98 13.58
N MET C 387 6.29 -47.95 12.78
CA MET C 387 6.49 -48.13 11.34
C MET C 387 7.67 -49.04 10.96
N PRO C 388 7.42 -50.04 10.09
CA PRO C 388 8.43 -50.93 9.50
C PRO C 388 9.52 -50.16 8.73
N PRO C 389 10.77 -50.67 8.75
CA PRO C 389 12.01 -50.08 8.21
C PRO C 389 11.98 -49.53 6.78
N PRO C 390 11.72 -50.37 5.78
CA PRO C 390 11.87 -49.95 4.39
C PRO C 390 11.27 -50.95 3.42
N LEU D 29 -8.64 -22.03 -45.43
CA LEU D 29 -8.77 -21.29 -44.18
C LEU D 29 -9.54 -22.07 -43.10
N PRO D 30 -9.28 -21.74 -41.82
CA PRO D 30 -10.15 -21.80 -40.63
C PRO D 30 -10.43 -20.36 -40.15
N PRO D 31 -11.19 -20.16 -39.06
CA PRO D 31 -11.50 -18.79 -38.64
C PRO D 31 -10.86 -18.33 -37.31
N GLY D 32 -9.91 -17.41 -37.41
CA GLY D 32 -9.15 -16.99 -36.25
C GLY D 32 -7.71 -17.46 -36.39
N ARG D 33 -7.44 -18.19 -37.47
CA ARG D 33 -6.09 -18.51 -37.89
C ARG D 33 -5.57 -17.37 -38.74
N LEU D 34 -4.26 -17.17 -38.76
CA LEU D 34 -3.69 -16.03 -39.47
C LEU D 34 -2.96 -16.42 -40.75
N ALA D 35 -2.42 -17.63 -40.78
CA ALA D 35 -1.75 -18.12 -41.97
C ALA D 35 -1.89 -19.64 -41.96
N THR D 36 -1.74 -20.26 -43.14
CA THR D 36 -1.85 -21.70 -43.23
C THR D 36 -0.63 -22.39 -42.65
N THR D 37 -0.80 -23.65 -42.27
CA THR D 37 0.31 -24.45 -41.77
C THR D 37 1.41 -24.62 -42.82
N GLU D 38 0.97 -24.86 -44.05
CA GLU D 38 1.89 -24.94 -45.18
C GLU D 38 2.75 -23.67 -45.26
N ASP D 39 2.13 -22.51 -45.04
CA ASP D 39 2.86 -21.24 -45.01
C ASP D 39 3.94 -21.18 -43.92
N TYR D 40 3.63 -21.59 -42.70
CA TYR D 40 4.65 -21.57 -41.65
C TYR D 40 5.82 -22.53 -41.97
N PHE D 41 5.49 -23.72 -42.48
CA PHE D 41 6.54 -24.69 -42.78
C PHE D 41 7.36 -24.29 -44.02
N ALA D 42 6.82 -23.41 -44.86
CA ALA D 42 7.55 -22.98 -46.06
C ALA D 42 8.44 -21.76 -45.84
N GLN D 43 8.47 -21.21 -44.62
CA GLN D 43 9.16 -19.94 -44.44
C GLN D 43 10.64 -20.06 -44.77
N GLN D 44 11.27 -21.12 -44.28
CA GLN D 44 12.69 -21.24 -44.52
C GLN D 44 13.02 -21.43 -46.01
N ALA D 45 12.19 -22.20 -46.71
CA ALA D 45 12.36 -22.37 -48.17
C ALA D 45 12.18 -21.06 -48.93
N LYS D 46 11.21 -20.25 -48.51
CA LYS D 46 10.92 -18.95 -49.15
C LYS D 46 11.83 -17.82 -48.66
N GLN D 47 12.65 -18.12 -47.66
CA GLN D 47 13.53 -17.14 -47.00
C GLN D 47 12.80 -15.85 -46.61
N ALA D 48 11.63 -16.02 -46.00
CA ALA D 48 10.76 -14.91 -45.62
C ALA D 48 9.80 -15.39 -44.54
N VAL D 49 9.65 -14.60 -43.47
CA VAL D 49 8.69 -14.93 -42.43
C VAL D 49 7.29 -14.54 -42.92
N THR D 50 6.26 -15.21 -42.42
CA THR D 50 4.89 -14.83 -42.77
C THR D 50 4.51 -13.45 -42.18
N PRO D 51 3.44 -12.83 -42.69
CA PRO D 51 3.10 -11.52 -42.12
C PRO D 51 2.72 -11.55 -40.63
N ASP D 52 2.10 -12.62 -40.12
CA ASP D 52 1.73 -12.65 -38.70
C ASP D 52 2.98 -12.84 -37.83
N VAL D 53 4.00 -13.53 -38.34
CA VAL D 53 5.28 -13.60 -37.65
C VAL D 53 5.98 -12.22 -37.64
N MET D 54 5.96 -11.52 -38.77
CA MET D 54 6.56 -10.19 -38.80
C MET D 54 5.82 -9.31 -37.80
N ALA D 55 4.49 -9.47 -37.76
CA ALA D 55 3.65 -8.70 -36.84
C ALA D 55 3.95 -9.05 -35.38
N GLN D 56 4.38 -10.29 -35.13
CA GLN D 56 4.82 -10.69 -33.79
C GLN D 56 6.16 -10.05 -33.47
N LEU D 57 7.07 -10.05 -34.44
CA LEU D 57 8.34 -9.35 -34.30
C LEU D 57 8.12 -7.87 -34.01
N ALA D 58 7.03 -7.29 -34.54
CA ALA D 58 6.72 -5.88 -34.28
C ALA D 58 6.30 -5.68 -32.85
N TYR D 59 5.47 -6.59 -32.33
CA TYR D 59 5.11 -6.52 -30.93
C TYR D 59 6.39 -6.54 -30.10
N MET D 60 7.32 -7.42 -30.46
CA MET D 60 8.55 -7.57 -29.69
C MET D 60 9.48 -6.33 -29.72
N ASN D 61 9.45 -5.58 -30.81
CA ASN D 61 10.44 -4.51 -31.06
C ASN D 61 9.90 -3.08 -31.24
N TYR D 62 8.60 -2.88 -31.39
CA TYR D 62 8.16 -1.59 -31.98
C TYR D 62 8.03 -0.44 -30.99
N ILE D 63 7.13 -0.58 -30.03
CA ILE D 63 6.74 0.57 -29.25
C ILE D 63 7.82 0.91 -28.22
N ASP D 64 8.17 2.19 -28.12
CA ASP D 64 9.13 2.67 -27.11
C ASP D 64 8.79 2.24 -25.68
N PHE D 65 9.83 1.87 -24.93
CA PHE D 65 9.76 1.56 -23.49
C PHE D 65 9.01 0.27 -23.11
N ILE D 66 7.90 -0.04 -23.76
CA ILE D 66 7.08 -1.16 -23.27
C ILE D 66 7.13 -2.43 -24.12
N SER D 67 7.82 -2.41 -25.26
CA SER D 67 7.97 -3.64 -26.05
C SER D 67 9.05 -4.46 -25.35
N PRO D 68 8.94 -5.80 -25.40
CA PRO D 68 9.82 -6.67 -24.62
C PRO D 68 11.29 -6.44 -24.93
N PHE D 69 11.59 -6.15 -26.19
CA PHE D 69 12.97 -6.07 -26.61
C PHE D 69 13.42 -4.65 -26.90
N TYR D 70 12.95 -3.72 -26.08
CA TYR D 70 13.30 -2.32 -26.23
C TYR D 70 14.73 -1.99 -25.85
N SER D 71 15.17 -2.42 -24.67
CA SER D 71 16.56 -2.14 -24.30
C SER D 71 17.16 -3.25 -23.43
N ARG D 72 18.48 -3.20 -23.30
CA ARG D 72 19.25 -4.12 -22.48
C ARG D 72 18.96 -3.88 -21.00
N GLY D 73 18.33 -2.75 -20.71
CA GLY D 73 18.07 -2.36 -19.34
C GLY D 73 17.25 -3.36 -18.56
N CYS D 74 17.35 -3.27 -17.23
CA CYS D 74 16.55 -4.09 -16.34
C CYS D 74 15.15 -3.49 -16.10
N SER D 75 14.37 -3.45 -17.19
CA SER D 75 13.01 -2.96 -17.15
C SER D 75 12.11 -4.03 -17.75
N PHE D 76 11.03 -4.36 -17.07
CA PHE D 76 10.22 -5.49 -17.49
C PHE D 76 8.75 -5.11 -17.65
N GLU D 77 8.50 -3.86 -18.05
CA GLU D 77 7.16 -3.35 -18.26
C GLU D 77 6.35 -4.22 -19.23
N ALA D 78 7.01 -4.76 -20.25
CA ALA D 78 6.32 -5.62 -21.21
C ALA D 78 5.70 -6.80 -20.49
N TRP D 79 6.42 -7.30 -19.50
CA TRP D 79 6.00 -8.47 -18.76
C TRP D 79 4.98 -8.10 -17.69
N GLU D 80 5.14 -6.90 -17.14
CA GLU D 80 4.15 -6.38 -16.21
C GLU D 80 2.80 -6.18 -16.92
N LEU D 81 2.83 -5.60 -18.12
CA LEU D 81 1.60 -5.46 -18.91
C LEU D 81 0.94 -6.81 -19.25
N LYS D 82 1.71 -7.88 -19.37
CA LYS D 82 1.15 -9.21 -19.65
C LYS D 82 0.76 -9.99 -18.39
N HIS D 83 1.05 -9.42 -17.23
CA HIS D 83 0.85 -10.10 -15.94
C HIS D 83 1.66 -11.39 -15.81
N THR D 84 2.81 -11.44 -16.48
CA THR D 84 3.74 -12.55 -16.29
C THR D 84 4.18 -12.63 -14.82
N PRO D 85 3.96 -13.79 -14.18
CA PRO D 85 4.49 -14.04 -12.83
C PRO D 85 6.01 -13.92 -12.84
N GLN D 86 6.59 -13.45 -11.74
CA GLN D 86 8.04 -13.25 -11.66
C GLN D 86 8.80 -14.51 -12.09
N ARG D 87 8.41 -15.65 -11.55
CA ARG D 87 9.14 -16.90 -11.79
C ARG D 87 9.12 -17.36 -13.25
N VAL D 88 8.22 -16.81 -14.04
CA VAL D 88 8.07 -17.31 -15.40
C VAL D 88 8.88 -16.46 -16.41
N ILE D 89 9.32 -15.28 -15.98
CA ILE D 89 9.99 -14.35 -16.89
C ILE D 89 11.24 -14.97 -17.53
N LYS D 90 12.00 -15.78 -16.79
CA LYS D 90 13.20 -16.41 -17.34
C LYS D 90 12.84 -17.31 -18.51
N TYR D 91 11.69 -17.99 -18.42
CA TYR D 91 11.27 -18.87 -19.51
C TYR D 91 10.74 -18.10 -20.72
N SER D 92 10.05 -16.99 -20.44
CA SER D 92 9.56 -16.15 -21.52
C SER D 92 10.71 -15.63 -22.38
N ILE D 93 11.75 -15.14 -21.73
CA ILE D 93 12.92 -14.62 -22.44
C ILE D 93 13.56 -15.74 -23.26
N ALA D 94 13.70 -16.92 -22.64
CA ALA D 94 14.41 -18.00 -23.28
C ALA D 94 13.68 -18.43 -24.54
N PHE D 95 12.38 -18.67 -24.43
CA PHE D 95 11.64 -19.11 -25.61
C PHE D 95 11.57 -18.04 -26.72
N TYR D 96 11.51 -16.76 -26.35
CA TYR D 96 11.67 -15.68 -27.34
C TYR D 96 12.99 -15.85 -28.04
N ALA D 97 14.04 -16.07 -27.26
CA ALA D 97 15.39 -16.23 -27.80
C ALA D 97 15.49 -17.40 -28.80
N TYR D 98 14.85 -18.52 -28.49
CA TYR D 98 14.95 -19.70 -29.36
C TYR D 98 14.21 -19.44 -30.68
N GLY D 99 13.08 -18.73 -30.59
CA GLY D 99 12.35 -18.33 -31.78
C GLY D 99 13.13 -17.32 -32.63
N LEU D 100 13.82 -16.38 -32.00
CA LEU D 100 14.62 -15.41 -32.75
C LEU D 100 15.77 -16.09 -33.49
N ALA D 101 16.31 -17.16 -32.89
CA ALA D 101 17.39 -17.93 -33.50
C ALA D 101 16.94 -18.52 -34.83
N SER D 102 15.71 -19.04 -34.89
CA SER D 102 15.18 -19.55 -36.15
C SER D 102 14.88 -18.45 -37.16
N VAL D 103 14.40 -17.31 -36.67
CA VAL D 103 14.15 -16.16 -37.52
C VAL D 103 15.43 -15.83 -38.31
N ALA D 104 16.57 -15.85 -37.60
CA ALA D 104 17.88 -15.62 -38.19
C ALA D 104 18.15 -16.57 -39.36
N LEU D 105 17.76 -17.82 -39.19
CA LEU D 105 17.93 -18.85 -40.22
C LEU D 105 16.96 -18.66 -41.40
N ILE D 106 15.74 -18.21 -41.12
CA ILE D 106 14.73 -18.03 -42.15
C ILE D 106 15.03 -16.87 -43.11
N ASP D 107 15.32 -15.68 -42.58
CA ASP D 107 15.52 -14.50 -43.44
C ASP D 107 16.82 -13.79 -43.09
N PRO D 108 17.79 -13.84 -44.01
CA PRO D 108 19.10 -13.18 -43.90
C PRO D 108 18.97 -11.69 -43.59
N LYS D 109 17.95 -11.04 -44.15
CA LYS D 109 17.74 -9.61 -43.92
C LYS D 109 17.24 -9.31 -42.50
N LEU D 110 16.82 -10.34 -41.77
CA LEU D 110 16.37 -10.17 -40.41
C LEU D 110 17.38 -10.68 -39.40
N ARG D 111 18.52 -11.17 -39.89
CA ARG D 111 19.47 -11.83 -39.01
C ARG D 111 20.14 -10.83 -38.09
N ALA D 112 20.35 -9.60 -38.58
CA ALA D 112 20.94 -8.54 -37.74
C ALA D 112 19.97 -8.15 -36.63
N LEU D 113 18.70 -7.98 -36.99
CA LEU D 113 17.67 -7.71 -35.99
C LEU D 113 17.61 -8.82 -34.93
N ALA D 114 17.57 -10.07 -35.39
CA ALA D 114 17.44 -11.22 -34.51
C ALA D 114 18.60 -11.25 -33.54
N GLY D 115 19.78 -10.92 -34.06
CA GLY D 115 20.98 -10.88 -33.25
C GLY D 115 20.92 -9.76 -32.23
N HIS D 116 20.45 -8.59 -32.65
CA HIS D 116 20.21 -7.49 -31.71
C HIS D 116 19.27 -7.93 -30.57
N ASP D 117 18.15 -8.57 -30.91
CA ASP D 117 17.17 -8.99 -29.90
C ASP D 117 17.76 -10.03 -28.96
N LEU D 118 18.57 -10.94 -29.50
CA LEU D 118 19.23 -11.98 -28.69
C LEU D 118 20.21 -11.35 -27.72
N ASP D 119 20.82 -10.24 -28.13
CA ASP D 119 21.74 -9.52 -27.26
C ASP D 119 20.95 -8.94 -26.08
N ILE D 120 19.80 -8.36 -26.37
CA ILE D 120 18.94 -7.84 -25.33
C ILE D 120 18.40 -8.99 -24.45
N ALA D 121 18.09 -10.13 -25.05
CA ALA D 121 17.61 -11.29 -24.28
C ALA D 121 18.62 -11.70 -23.22
N VAL D 122 19.87 -11.82 -23.63
CA VAL D 122 20.90 -12.24 -22.70
C VAL D 122 21.05 -11.24 -21.58
N SER D 123 21.08 -9.95 -21.92
CA SER D 123 21.24 -8.92 -20.90
C SER D 123 20.10 -8.93 -19.89
N LYS D 124 18.86 -8.97 -20.38
CA LYS D 124 17.72 -9.02 -19.49
C LYS D 124 17.73 -10.32 -18.65
N MET D 125 18.20 -11.42 -19.25
CA MET D 125 18.26 -12.71 -18.56
C MET D 125 19.09 -12.62 -17.27
N LYS D 126 20.02 -11.68 -17.25
CA LYS D 126 20.96 -11.58 -16.13
C LYS D 126 20.49 -10.60 -15.06
N CYS D 127 19.35 -9.96 -15.25
CA CYS D 127 18.80 -9.04 -14.26
C CYS D 127 18.22 -9.78 -13.05
N LYS D 128 18.41 -9.19 -11.88
CA LYS D 128 17.98 -9.83 -10.64
C LYS D 128 16.48 -10.03 -10.62
N ARG D 129 15.71 -9.15 -11.27
CA ARG D 129 14.28 -9.40 -11.42
C ARG D 129 14.03 -10.80 -11.99
N VAL D 130 14.89 -11.23 -12.90
CA VAL D 130 14.67 -12.50 -13.57
C VAL D 130 15.10 -13.71 -12.73
N TRP D 131 16.27 -13.66 -12.10
CA TRP D 131 16.75 -14.83 -11.37
C TRP D 131 16.55 -14.70 -9.86
N GLY D 132 16.14 -13.52 -9.39
CA GLY D 132 16.05 -13.25 -7.96
C GLY D 132 15.22 -14.19 -7.09
N ASP D 133 14.33 -14.98 -7.68
CA ASP D 133 13.58 -15.99 -6.91
C ASP D 133 14.51 -17.02 -6.26
N TRP D 134 15.64 -17.29 -6.89
CA TRP D 134 16.66 -18.18 -6.33
C TRP D 134 17.12 -17.66 -4.96
N GLU D 135 17.31 -16.35 -4.83
CA GLU D 135 17.78 -15.81 -3.55
C GLU D 135 16.63 -15.62 -2.55
N GLU D 136 15.48 -15.15 -3.03
CA GLU D 136 14.31 -15.03 -2.17
C GLU D 136 13.87 -16.36 -1.54
N ASP D 137 14.02 -17.46 -2.25
CA ASP D 137 13.65 -18.79 -1.76
C ASP D 137 14.63 -19.32 -0.71
N GLY D 138 15.75 -18.64 -0.56
CA GLY D 138 16.77 -19.02 0.42
C GLY D 138 17.83 -19.98 -0.13
N PHE D 139 17.96 -20.04 -1.46
CA PHE D 139 18.85 -21.01 -2.09
C PHE D 139 20.29 -20.51 -2.34
N GLY D 140 20.51 -19.21 -2.21
CA GLY D 140 21.82 -18.64 -2.46
C GLY D 140 21.78 -17.27 -3.12
N THR D 141 22.85 -16.49 -2.99
CA THR D 141 22.91 -15.16 -3.59
C THR D 141 23.38 -15.24 -5.03
N ASP D 142 24.06 -16.34 -5.36
CA ASP D 142 24.60 -16.56 -6.70
C ASP D 142 23.77 -17.58 -7.48
N PRO D 143 23.21 -17.17 -8.63
CA PRO D 143 22.25 -18.01 -9.36
C PRO D 143 22.87 -19.05 -10.29
N ILE D 144 24.18 -19.02 -10.51
CA ILE D 144 24.74 -19.98 -11.45
C ILE D 144 25.77 -20.92 -10.82
N GLU D 145 26.21 -20.65 -9.59
CA GLU D 145 27.37 -21.38 -9.06
C GLU D 145 27.07 -22.88 -8.81
N LYS D 146 25.85 -23.20 -8.37
CA LYS D 146 25.42 -24.59 -8.23
C LYS D 146 23.92 -24.73 -8.45
N GLU D 147 23.49 -25.90 -8.94
CA GLU D 147 22.07 -26.20 -9.09
C GLU D 147 21.37 -25.21 -10.03
N ASN D 148 20.08 -24.97 -9.84
CA ASN D 148 19.36 -23.94 -10.61
C ASN D 148 19.53 -24.10 -12.13
N ILE D 149 19.48 -25.34 -12.60
CA ILE D 149 19.72 -25.57 -14.02
C ILE D 149 18.54 -25.03 -14.83
N MET D 150 17.35 -24.96 -14.21
CA MET D 150 16.18 -24.30 -14.80
C MET D 150 16.51 -22.89 -15.30
N TYR D 151 17.36 -22.18 -14.58
CA TYR D 151 17.79 -20.85 -14.99
C TYR D 151 19.07 -20.90 -15.84
N LYS D 152 20.11 -21.52 -15.33
CA LYS D 152 21.40 -21.36 -15.97
C LYS D 152 21.54 -22.25 -17.21
N GLY D 153 20.66 -23.23 -17.37
CA GLY D 153 20.63 -24.02 -18.59
C GLY D 153 20.21 -23.16 -19.77
N HIS D 154 19.09 -22.46 -19.62
CA HIS D 154 18.60 -21.55 -20.63
C HIS D 154 19.62 -20.43 -20.93
N LEU D 155 20.15 -19.82 -19.88
CA LEU D 155 21.17 -18.78 -20.03
C LEU D 155 22.37 -19.28 -20.88
N ASN D 156 22.81 -20.50 -20.64
CA ASN D 156 23.98 -20.98 -21.37
C ASN D 156 23.65 -21.32 -22.84
N LEU D 157 22.44 -21.81 -23.09
CA LEU D 157 22.00 -22.04 -24.46
C LEU D 157 21.89 -20.70 -25.19
N MET D 158 21.43 -19.68 -24.46
CA MET D 158 21.27 -18.35 -25.03
C MET D 158 22.60 -17.69 -25.37
N TYR D 159 23.58 -17.81 -24.49
CA TYR D 159 24.94 -17.36 -24.77
C TYR D 159 25.41 -17.91 -26.11
N GLY D 160 25.22 -19.21 -26.30
CA GLY D 160 25.65 -19.89 -27.51
C GLY D 160 24.86 -19.50 -28.75
N LEU D 161 23.55 -19.35 -28.60
CA LEU D 161 22.72 -19.03 -29.75
C LEU D 161 23.03 -17.60 -30.23
N TYR D 162 23.24 -16.69 -29.30
CA TYR D 162 23.66 -15.33 -29.64
C TYR D 162 24.93 -15.32 -30.49
N GLN D 163 25.93 -16.09 -30.08
CA GLN D 163 27.21 -16.11 -30.80
C GLN D 163 27.07 -16.77 -32.16
N LEU D 164 26.31 -17.85 -32.24
CA LEU D 164 26.06 -18.51 -33.53
C LEU D 164 25.37 -17.57 -34.49
N VAL D 165 24.46 -16.75 -33.98
CA VAL D 165 23.68 -15.89 -34.84
C VAL D 165 24.51 -14.70 -35.31
N THR D 166 25.33 -14.15 -34.41
CA THR D 166 25.98 -12.86 -34.67
C THR D 166 27.47 -12.92 -35.01
N GLY D 167 28.14 -13.99 -34.59
CA GLY D 167 29.58 -14.06 -34.70
C GLY D 167 30.29 -13.28 -33.62
N SER D 168 29.54 -12.56 -32.79
CA SER D 168 30.13 -11.69 -31.78
C SER D 168 30.68 -12.46 -30.57
N ARG D 169 31.78 -11.97 -29.99
CA ARG D 169 32.41 -12.66 -28.88
C ARG D 169 32.15 -11.93 -27.57
N ARG D 170 31.12 -11.09 -27.59
CA ARG D 170 30.73 -10.24 -26.47
C ARG D 170 30.57 -10.99 -25.15
N TYR D 171 30.00 -12.19 -25.19
CA TYR D 171 29.76 -12.95 -23.95
C TYR D 171 30.64 -14.18 -23.83
N GLU D 172 31.68 -14.26 -24.65
CA GLU D 172 32.44 -15.50 -24.78
C GLU D 172 33.02 -15.96 -23.43
N ALA D 173 33.48 -15.01 -22.62
CA ALA D 173 34.09 -15.34 -21.34
C ALA D 173 33.08 -15.89 -20.34
N GLU D 174 31.91 -15.24 -20.28
CA GLU D 174 30.82 -15.72 -19.44
C GLU D 174 30.33 -17.09 -19.91
N HIS D 175 30.26 -17.26 -21.23
CA HIS D 175 29.82 -18.50 -21.85
C HIS D 175 30.72 -19.67 -21.46
N ALA D 176 32.03 -19.46 -21.55
CA ALA D 176 33.01 -20.46 -21.16
C ALA D 176 32.89 -20.77 -19.67
N HIS D 177 32.77 -19.73 -18.84
CA HIS D 177 32.66 -19.91 -17.40
C HIS D 177 31.46 -20.81 -17.03
N LEU D 178 30.28 -20.47 -17.54
CA LEU D 178 29.08 -21.22 -17.23
C LEU D 178 29.08 -22.62 -17.81
N THR D 179 29.64 -22.78 -19.02
CA THR D 179 29.72 -24.09 -19.64
C THR D 179 30.56 -25.03 -18.77
N ARG D 180 31.66 -24.50 -18.24
CA ARG D 180 32.51 -25.30 -17.37
C ARG D 180 31.82 -25.61 -16.04
N ILE D 181 31.00 -24.69 -15.54
CA ILE D 181 30.21 -24.96 -14.34
C ILE D 181 29.28 -26.15 -14.55
N ILE D 182 28.58 -26.15 -15.68
CA ILE D 182 27.65 -27.21 -16.02
C ILE D 182 28.37 -28.54 -16.26
N HIS D 183 29.48 -28.49 -16.99
CA HIS D 183 30.29 -29.67 -17.24
C HIS D 183 30.79 -30.31 -15.93
N ASP D 184 31.32 -29.49 -15.03
CA ASP D 184 31.87 -29.99 -13.76
C ASP D 184 30.80 -30.58 -12.87
N GLU D 185 29.64 -29.94 -12.83
CA GLU D 185 28.54 -30.36 -11.95
C GLU D 185 27.98 -31.69 -12.43
N ILE D 186 27.89 -31.85 -13.75
CA ILE D 186 27.47 -33.12 -14.34
C ILE D 186 28.45 -34.22 -13.96
N ALA D 187 29.74 -33.97 -14.15
CA ALA D 187 30.76 -34.96 -13.83
C ALA D 187 30.73 -35.38 -12.35
N ALA D 188 30.31 -34.47 -11.49
CA ALA D 188 30.36 -34.70 -10.04
C ALA D 188 29.13 -35.41 -9.46
N ASN D 189 28.05 -35.49 -10.23
CA ASN D 189 26.82 -36.08 -9.72
C ASN D 189 26.69 -37.59 -9.97
N PRO D 190 26.18 -38.34 -8.99
CA PRO D 190 25.96 -39.78 -9.14
C PRO D 190 24.89 -40.08 -10.21
N PHE D 191 23.83 -39.29 -10.22
CA PHE D 191 22.81 -39.30 -11.28
C PHE D 191 23.30 -38.46 -12.47
N ALA D 192 22.83 -38.76 -13.69
CA ALA D 192 23.22 -37.98 -14.87
C ALA D 192 22.49 -36.62 -14.95
N GLY D 193 23.23 -35.54 -14.79
CA GLY D 193 22.64 -34.23 -14.98
C GLY D 193 22.76 -33.36 -13.74
N ILE D 194 21.81 -32.42 -13.61
CA ILE D 194 21.90 -31.38 -12.60
C ILE D 194 20.49 -31.08 -12.07
N VAL D 195 20.37 -30.71 -10.82
CA VAL D 195 19.10 -30.36 -10.25
C VAL D 195 18.72 -28.90 -10.42
N CYS D 196 17.46 -28.58 -10.22
CA CYS D 196 16.96 -27.22 -10.31
C CYS D 196 17.04 -26.70 -8.90
N GLU D 197 15.97 -26.82 -8.13
CA GLU D 197 16.00 -26.44 -6.75
C GLU D 197 16.73 -27.63 -6.14
N PRO D 198 17.34 -27.46 -4.98
CA PRO D 198 17.98 -28.57 -4.27
C PRO D 198 17.09 -29.81 -4.20
N ASP D 199 17.62 -30.97 -4.62
CA ASP D 199 16.93 -32.27 -4.63
C ASP D 199 15.70 -32.35 -5.56
N ASN D 200 15.58 -31.42 -6.51
CA ASN D 200 14.56 -31.52 -7.56
C ASN D 200 15.21 -31.68 -8.93
N TYR D 201 15.04 -32.84 -9.54
CA TYR D 201 15.57 -33.12 -10.86
C TYR D 201 14.46 -33.11 -11.92
N PHE D 202 14.64 -32.33 -12.97
CA PHE D 202 13.64 -32.27 -14.05
C PHE D 202 14.27 -32.60 -15.39
N VAL D 203 13.71 -33.59 -16.09
CA VAL D 203 14.30 -34.01 -17.35
C VAL D 203 14.30 -32.89 -18.42
N GLN D 204 13.31 -31.99 -18.40
CA GLN D 204 13.21 -30.99 -19.48
C GLN D 204 14.22 -29.87 -19.27
N CYS D 205 14.48 -29.53 -18.00
CA CYS D 205 15.46 -28.50 -17.68
C CYS D 205 16.86 -28.99 -18.02
N ASN D 206 17.10 -30.28 -17.83
CA ASN D 206 18.38 -30.85 -18.22
C ASN D 206 18.59 -30.88 -19.73
N SER D 207 17.53 -31.05 -20.49
CA SER D 207 17.66 -31.14 -21.93
C SER D 207 18.18 -29.83 -22.51
N VAL D 208 17.80 -28.70 -21.89
CA VAL D 208 18.30 -27.38 -22.28
C VAL D 208 19.80 -27.28 -22.05
N ALA D 209 20.22 -27.74 -20.88
CA ALA D 209 21.63 -27.70 -20.48
C ALA D 209 22.51 -28.53 -21.41
N TYR D 210 22.08 -29.76 -21.69
CA TYR D 210 22.88 -30.62 -22.57
C TYR D 210 22.94 -30.03 -23.98
N LEU D 211 21.82 -29.52 -24.46
CA LEU D 211 21.80 -28.91 -25.77
C LEU D 211 22.75 -27.71 -25.79
N SER D 212 22.85 -26.99 -24.68
CA SER D 212 23.78 -25.88 -24.59
C SER D 212 25.23 -26.36 -24.67
N LEU D 213 25.47 -27.62 -24.30
CA LEU D 213 26.83 -28.18 -24.40
C LEU D 213 27.17 -28.43 -25.87
N TRP D 214 26.22 -28.96 -26.63
CA TRP D 214 26.40 -29.17 -28.07
C TRP D 214 26.69 -27.87 -28.79
N VAL D 215 26.02 -26.79 -28.39
CA VAL D 215 26.20 -25.50 -29.06
C VAL D 215 27.60 -24.98 -28.76
N TYR D 216 28.06 -25.17 -27.53
CA TYR D 216 29.38 -24.72 -27.16
C TYR D 216 30.44 -25.46 -27.98
N ASP D 217 30.24 -26.77 -28.14
CA ASP D 217 31.15 -27.62 -28.91
C ASP D 217 31.21 -27.21 -30.39
N ARG D 218 30.05 -26.86 -30.95
CA ARG D 218 29.96 -26.41 -32.32
C ARG D 218 30.75 -25.12 -32.52
N LEU D 219 30.77 -24.27 -31.51
CA LEU D 219 31.46 -22.99 -31.60
C LEU D 219 32.97 -23.10 -31.36
N HIS D 220 33.40 -24.14 -30.65
CA HIS D 220 34.76 -24.19 -30.16
C HIS D 220 35.52 -25.47 -30.47
N GLY D 221 34.86 -26.40 -31.16
CA GLY D 221 35.49 -27.66 -31.52
C GLY D 221 35.72 -28.58 -30.34
N THR D 222 35.19 -28.20 -29.18
CA THR D 222 35.33 -29.00 -27.96
C THR D 222 34.41 -30.22 -27.94
N ASP D 223 34.41 -30.95 -26.83
CA ASP D 223 33.63 -32.17 -26.75
C ASP D 223 32.89 -32.29 -25.42
N TYR D 224 32.32 -31.18 -24.97
CA TYR D 224 31.52 -31.17 -23.75
C TYR D 224 30.30 -32.05 -23.91
N ARG D 225 29.85 -32.22 -25.15
CA ARG D 225 28.62 -32.97 -25.45
C ARG D 225 28.75 -34.48 -25.23
N ALA D 226 29.95 -34.96 -24.91
CA ALA D 226 30.15 -36.40 -24.74
C ALA D 226 29.32 -36.98 -23.59
N ALA D 227 28.99 -36.12 -22.62
CA ALA D 227 28.19 -36.49 -21.45
C ALA D 227 26.74 -36.87 -21.77
N THR D 228 26.32 -36.55 -22.99
CA THR D 228 24.93 -36.72 -23.40
C THR D 228 24.52 -38.17 -23.39
N ARG D 229 25.44 -39.05 -23.78
CA ARG D 229 25.16 -40.47 -23.89
C ARG D 229 24.65 -41.05 -22.57
N ALA D 230 25.42 -40.82 -21.51
CA ALA D 230 25.04 -41.27 -20.18
C ALA D 230 23.69 -40.67 -19.76
N TRP D 231 23.45 -39.42 -20.16
CA TRP D 231 22.22 -38.76 -19.78
C TRP D 231 21.02 -39.44 -20.44
N LEU D 232 21.10 -39.64 -21.75
CA LEU D 232 20.06 -40.34 -22.51
C LEU D 232 19.75 -41.74 -21.97
N ASP D 233 20.78 -42.43 -21.47
CA ASP D 233 20.59 -43.77 -20.88
C ASP D 233 19.85 -43.68 -19.56
N PHE D 234 20.32 -42.78 -18.70
CA PHE D 234 19.73 -42.54 -17.38
C PHE D 234 18.24 -42.20 -17.42
N ILE D 235 17.85 -41.26 -18.28
CA ILE D 235 16.45 -40.80 -18.29
C ILE D 235 15.53 -41.87 -18.89
N GLN D 236 16.11 -42.86 -19.53
CA GLN D 236 15.30 -43.96 -20.08
C GLN D 236 15.12 -45.12 -19.07
N LYS D 237 15.62 -44.97 -17.87
CA LYS D 237 15.42 -46.01 -16.88
C LYS D 237 14.15 -45.75 -16.08
N ASP D 238 14.27 -45.13 -14.91
CA ASP D 238 13.10 -44.93 -14.06
C ASP D 238 12.33 -43.65 -14.41
N LEU D 239 12.97 -42.75 -15.15
CA LEU D 239 12.33 -41.46 -15.43
C LEU D 239 11.30 -41.53 -16.56
N ILE D 240 11.34 -42.60 -17.38
CA ILE D 240 10.36 -42.72 -18.45
C ILE D 240 9.46 -43.93 -18.32
N ASP D 241 8.24 -43.81 -18.81
CA ASP D 241 7.41 -44.97 -19.10
C ASP D 241 7.60 -45.29 -20.58
N PRO D 242 8.42 -46.31 -20.88
CA PRO D 242 8.86 -46.55 -22.27
C PRO D 242 7.71 -46.86 -23.24
N GLU D 243 6.73 -47.63 -22.79
CA GLU D 243 5.60 -47.99 -23.66
C GLU D 243 4.71 -46.80 -23.95
N ARG D 244 4.44 -45.96 -22.95
CA ARG D 244 3.58 -44.81 -23.16
C ARG D 244 4.36 -43.63 -23.73
N GLY D 245 5.68 -43.75 -23.79
CA GLY D 245 6.54 -42.72 -24.34
C GLY D 245 6.44 -41.42 -23.54
N ALA D 246 6.32 -41.56 -22.23
CA ALA D 246 6.05 -40.40 -21.37
C ALA D 246 6.98 -40.35 -20.17
N PHE D 247 7.56 -39.18 -19.93
CA PHE D 247 8.39 -38.97 -18.75
C PHE D 247 7.54 -38.72 -17.51
N TYR D 248 8.04 -39.14 -16.35
CA TYR D 248 7.43 -38.79 -15.09
C TYR D 248 7.76 -37.33 -14.74
N LEU D 249 6.94 -36.71 -13.88
CA LEU D 249 7.08 -35.29 -13.55
C LEU D 249 8.48 -34.87 -13.10
N SER D 250 9.08 -35.64 -12.21
CA SER D 250 10.39 -35.25 -11.67
C SER D 250 11.04 -36.39 -10.89
N TYR D 251 12.31 -36.17 -10.57
CA TYR D 251 13.14 -37.15 -9.89
C TYR D 251 13.76 -36.45 -8.68
N HIS D 252 13.97 -37.19 -7.60
CA HIS D 252 14.45 -36.59 -6.36
C HIS D 252 15.51 -37.48 -5.73
N PRO D 253 16.79 -37.25 -6.13
CA PRO D 253 17.91 -38.17 -5.92
C PRO D 253 18.22 -38.47 -4.45
N GLU D 254 17.89 -37.57 -3.54
CA GLU D 254 18.12 -37.86 -2.13
C GLU D 254 17.24 -38.99 -1.60
N SER D 255 15.95 -38.96 -1.93
CA SER D 255 15.01 -39.99 -1.49
C SER D 255 14.85 -41.12 -2.51
N GLY D 256 15.41 -40.94 -3.70
CA GLY D 256 15.20 -41.89 -4.79
C GLY D 256 13.83 -41.82 -5.46
N ALA D 257 12.95 -40.96 -4.94
CA ALA D 257 11.58 -40.89 -5.45
C ALA D 257 11.48 -40.43 -6.93
N VAL D 258 10.65 -41.12 -7.69
CA VAL D 258 10.17 -40.61 -8.96
C VAL D 258 8.68 -40.32 -8.73
N LYS D 259 8.24 -39.09 -9.04
CA LYS D 259 6.84 -38.74 -8.83
C LYS D 259 5.97 -39.52 -9.80
N PRO D 260 4.89 -40.13 -9.29
CA PRO D 260 4.16 -41.19 -10.02
C PRO D 260 3.22 -40.72 -11.14
N TRP D 261 3.31 -39.46 -11.54
CA TRP D 261 2.46 -38.98 -12.62
C TRP D 261 3.31 -38.75 -13.89
N ILE D 262 2.81 -39.18 -15.04
CA ILE D 262 3.48 -38.85 -16.28
C ILE D 262 2.96 -37.47 -16.72
N SER D 263 3.79 -36.71 -17.42
CA SER D 263 3.45 -35.34 -17.75
C SER D 263 3.67 -35.05 -19.21
N ALA D 264 2.63 -34.58 -19.90
CA ALA D 264 2.70 -34.32 -21.33
C ALA D 264 3.58 -33.13 -21.68
N TYR D 265 3.43 -32.02 -20.94
CA TYR D 265 4.18 -30.81 -21.31
C TYR D 265 5.66 -31.11 -21.12
N THR D 266 5.96 -31.87 -20.08
CA THR D 266 7.32 -32.28 -19.75
C THR D 266 7.90 -33.13 -20.86
N THR D 267 7.09 -34.08 -21.32
CA THR D 267 7.55 -35.00 -22.36
C THR D 267 7.74 -34.28 -23.70
N ALA D 268 6.76 -33.46 -24.08
CA ALA D 268 6.82 -32.76 -25.39
C ALA D 268 8.04 -31.86 -25.48
N TRP D 269 8.27 -31.09 -24.42
CA TRP D 269 9.43 -30.22 -24.34
C TRP D 269 10.73 -31.05 -24.43
N THR D 270 10.85 -32.08 -23.59
CA THR D 270 12.06 -32.90 -23.58
C THR D 270 12.34 -33.56 -24.94
N LEU D 271 11.31 -34.19 -25.52
CA LEU D 271 11.48 -34.84 -26.82
C LEU D 271 11.86 -33.83 -27.91
N ALA D 272 11.29 -32.62 -27.84
CA ALA D 272 11.64 -31.60 -28.83
C ALA D 272 13.14 -31.30 -28.75
N MET D 273 13.64 -31.07 -27.55
CA MET D 273 15.06 -30.72 -27.40
C MET D 273 16.00 -31.89 -27.72
N VAL D 274 15.64 -33.07 -27.25
CA VAL D 274 16.48 -34.24 -27.43
C VAL D 274 16.57 -34.54 -28.92
N HIS D 275 15.56 -34.17 -29.69
CA HIS D 275 15.52 -34.48 -31.11
C HIS D 275 16.66 -33.78 -31.88
N GLY D 276 17.21 -32.73 -31.29
CA GLY D 276 18.35 -32.04 -31.89
C GLY D 276 19.69 -32.70 -31.59
N MET D 277 19.70 -33.61 -30.61
CA MET D 277 20.93 -34.28 -30.19
C MET D 277 20.93 -35.77 -30.56
N ASP D 278 19.78 -36.42 -30.36
CA ASP D 278 19.58 -37.83 -30.70
C ASP D 278 18.20 -38.00 -31.34
N PRO D 279 18.11 -37.76 -32.65
CA PRO D 279 16.80 -37.77 -33.31
C PRO D 279 16.08 -39.11 -33.20
N ALA D 280 16.83 -40.22 -33.23
CA ALA D 280 16.21 -41.54 -33.15
C ALA D 280 15.47 -41.74 -31.82
N PHE D 281 16.03 -41.18 -30.74
CA PHE D 281 15.41 -41.19 -29.41
C PHE D 281 13.98 -40.64 -29.48
N SER D 282 13.85 -39.41 -29.96
CA SER D 282 12.55 -38.76 -30.06
C SER D 282 11.65 -39.43 -31.07
N GLU D 283 12.21 -39.81 -32.22
CA GLU D 283 11.42 -40.49 -33.26
C GLU D 283 10.82 -41.79 -32.72
N ARG D 284 11.58 -42.48 -31.86
CA ARG D 284 11.09 -43.69 -31.18
C ARG D 284 9.89 -43.47 -30.23
N TYR D 285 9.90 -42.39 -29.47
CA TYR D 285 8.88 -42.22 -28.46
C TYR D 285 7.70 -41.40 -28.94
N TYR D 286 7.93 -40.54 -29.93
CA TYR D 286 6.92 -39.57 -30.39
C TYR D 286 5.54 -40.16 -30.70
N PRO D 287 5.48 -41.28 -31.46
CA PRO D 287 4.16 -41.87 -31.72
C PRO D 287 3.45 -42.41 -30.47
N ARG D 288 4.20 -42.92 -29.49
CA ARG D 288 3.61 -43.40 -28.24
C ARG D 288 3.10 -42.25 -27.39
N PHE D 289 3.89 -41.18 -27.33
CA PHE D 289 3.49 -39.95 -26.69
C PHE D 289 2.14 -39.52 -27.21
N LYS D 290 2.01 -39.47 -28.55
CA LYS D 290 0.77 -39.00 -29.16
C LYS D 290 -0.39 -39.90 -28.75
N GLN D 291 -0.16 -41.20 -28.81
CA GLN D 291 -1.14 -42.17 -28.35
C GLN D 291 -1.56 -41.87 -26.91
N THR D 292 -0.57 -41.64 -26.05
CA THR D 292 -0.85 -41.41 -24.65
C THR D 292 -1.66 -40.13 -24.35
N PHE D 293 -1.27 -39.00 -24.94
CA PHE D 293 -1.79 -37.71 -24.49
C PHE D 293 -2.67 -36.95 -25.49
N VAL D 294 -2.49 -37.19 -26.78
CA VAL D 294 -3.10 -36.30 -27.76
C VAL D 294 -4.51 -36.72 -28.13
N GLU D 295 -5.46 -35.80 -27.98
CA GLU D 295 -6.84 -36.07 -28.39
C GLU D 295 -7.22 -35.33 -29.67
N VAL D 296 -7.34 -36.05 -30.78
CA VAL D 296 -7.86 -35.47 -32.02
C VAL D 296 -9.38 -35.33 -31.85
N TYR D 297 -9.95 -34.22 -32.27
CA TYR D 297 -11.39 -34.05 -32.17
C TYR D 297 -11.88 -33.19 -33.34
N ASP D 298 -13.18 -32.95 -33.41
CA ASP D 298 -13.78 -32.24 -34.54
C ASP D 298 -13.43 -32.86 -35.88
N GLU D 299 -13.64 -34.17 -36.00
CA GLU D 299 -13.40 -34.91 -37.24
C GLU D 299 -12.01 -34.68 -37.83
N GLY D 300 -10.99 -34.68 -36.98
CA GLY D 300 -9.62 -34.57 -37.45
C GLY D 300 -9.12 -33.15 -37.60
N ARG D 301 -9.99 -32.17 -37.35
CA ARG D 301 -9.63 -30.75 -37.58
C ARG D 301 -8.79 -30.15 -36.46
N LYS D 302 -9.00 -30.63 -35.24
CA LYS D 302 -8.38 -30.02 -34.08
C LYS D 302 -7.80 -31.09 -33.18
N ALA D 303 -7.02 -30.66 -32.20
CA ALA D 303 -6.37 -31.57 -31.28
C ALA D 303 -6.07 -30.80 -30.03
N ARG D 304 -6.10 -31.50 -28.91
CA ARG D 304 -5.79 -30.91 -27.61
C ARG D 304 -5.09 -32.00 -26.81
N VAL D 305 -4.30 -31.62 -25.83
CA VAL D 305 -3.42 -32.58 -25.20
C VAL D 305 -3.71 -32.65 -23.71
N ARG D 306 -3.97 -33.87 -23.24
CA ARG D 306 -4.08 -34.16 -21.82
C ARG D 306 -2.72 -34.01 -21.16
N GLU D 307 -2.68 -33.42 -19.97
CA GLU D 307 -1.41 -33.17 -19.28
C GLU D 307 -0.90 -34.42 -18.58
N THR D 308 -1.79 -35.29 -18.16
CA THR D 308 -1.38 -36.49 -17.45
C THR D 308 -2.34 -37.65 -17.73
N ALA D 309 -1.99 -38.85 -17.26
CA ALA D 309 -2.82 -40.03 -17.49
C ALA D 309 -4.02 -40.04 -16.56
N GLY D 310 -5.02 -40.85 -16.88
CA GLY D 310 -6.15 -41.04 -15.99
C GLY D 310 -7.09 -39.86 -15.90
N THR D 311 -7.09 -39.01 -16.91
CA THR D 311 -8.05 -37.93 -16.97
C THR D 311 -8.52 -37.76 -18.42
N ASP D 312 -9.66 -37.12 -18.58
CA ASP D 312 -10.12 -36.71 -19.92
C ASP D 312 -9.84 -35.23 -20.14
N ASP D 313 -9.50 -34.51 -19.07
CA ASP D 313 -9.29 -33.07 -19.18
C ASP D 313 -8.02 -32.71 -19.93
N ALA D 314 -8.13 -31.69 -20.76
CA ALA D 314 -7.00 -31.23 -21.56
C ALA D 314 -6.32 -30.04 -20.88
N ASP D 315 -5.01 -29.97 -21.01
CA ASP D 315 -4.22 -28.84 -20.52
C ASP D 315 -4.38 -28.54 -19.03
N GLY D 316 -4.38 -29.56 -18.21
CA GLY D 316 -4.30 -29.36 -16.77
C GLY D 316 -2.88 -29.02 -16.33
N GLY D 317 -2.67 -29.03 -15.01
CA GLY D 317 -1.36 -28.69 -14.48
C GLY D 317 -1.01 -27.25 -14.81
N VAL D 318 0.17 -27.02 -15.39
CA VAL D 318 0.57 -25.68 -15.75
C VAL D 318 -0.12 -25.18 -17.04
N GLY D 319 -0.84 -26.05 -17.73
CA GLY D 319 -1.65 -25.65 -18.87
C GLY D 319 -0.89 -25.47 -20.19
N LEU D 320 0.29 -26.06 -20.29
CA LEU D 320 1.14 -25.85 -21.44
C LEU D 320 1.28 -27.09 -22.33
N ALA D 321 0.54 -28.16 -22.02
CA ALA D 321 0.70 -29.42 -22.75
C ALA D 321 0.47 -29.24 -24.26
N SER D 322 -0.60 -28.54 -24.65
CA SER D 322 -0.85 -28.32 -26.09
C SER D 322 0.16 -27.39 -26.72
N ALA D 323 0.53 -26.32 -26.02
CA ALA D 323 1.48 -25.36 -26.57
C ALA D 323 2.84 -26.00 -26.81
N PHE D 324 3.26 -26.87 -25.89
CA PHE D 324 4.55 -27.52 -26.07
C PHE D 324 4.46 -28.64 -27.11
N THR D 325 3.28 -29.25 -27.25
CA THR D 325 3.13 -30.30 -28.26
C THR D 325 3.11 -29.65 -29.64
N LEU D 326 2.68 -28.40 -29.71
CA LEU D 326 2.77 -27.61 -30.93
C LEU D 326 4.23 -27.48 -31.34
N LEU D 327 5.10 -27.14 -30.40
CA LEU D 327 6.52 -27.03 -30.71
C LEU D 327 7.09 -28.38 -31.13
N LEU D 328 6.69 -29.43 -30.43
CA LEU D 328 7.18 -30.77 -30.78
C LEU D 328 6.73 -31.19 -32.17
N ALA D 329 5.45 -30.97 -32.50
CA ALA D 329 4.93 -31.26 -33.83
C ALA D 329 5.77 -30.57 -34.90
N ARG D 330 6.13 -29.31 -34.66
CA ARG D 330 7.02 -28.59 -35.57
C ARG D 330 8.40 -29.25 -35.68
N GLU D 331 8.98 -29.58 -34.53
CA GLU D 331 10.30 -30.18 -34.47
C GLU D 331 10.34 -31.54 -35.22
N MET D 332 9.25 -32.29 -35.13
CA MET D 332 9.15 -33.60 -35.77
C MET D 332 8.64 -33.51 -37.21
N GLY D 333 8.31 -32.31 -37.66
CA GLY D 333 7.83 -32.15 -39.02
C GLY D 333 6.43 -32.71 -39.23
N ASP D 334 5.68 -32.86 -38.14
CA ASP D 334 4.32 -33.40 -38.17
C ASP D 334 3.31 -32.29 -38.48
N GLN D 335 3.11 -32.01 -39.76
CA GLN D 335 2.28 -30.88 -40.18
C GLN D 335 0.81 -31.07 -39.81
N GLN D 336 0.34 -32.32 -39.83
CA GLN D 336 -1.05 -32.58 -39.50
C GLN D 336 -1.37 -32.24 -38.02
N LEU D 337 -0.47 -32.62 -37.12
CA LEU D 337 -0.75 -32.36 -35.70
C LEU D 337 -0.56 -30.87 -35.39
N PHE D 338 0.47 -30.28 -35.99
CA PHE D 338 0.67 -28.84 -35.89
C PHE D 338 -0.60 -28.09 -36.24
N ASP D 339 -1.18 -28.42 -37.39
CA ASP D 339 -2.38 -27.75 -37.85
C ASP D 339 -3.54 -27.93 -36.88
N GLN D 340 -3.71 -29.16 -36.39
CA GLN D 340 -4.79 -29.49 -35.45
C GLN D 340 -4.64 -28.73 -34.14
N LEU D 341 -3.42 -28.67 -33.62
CA LEU D 341 -3.19 -27.99 -32.37
C LEU D 341 -3.40 -26.47 -32.53
N LEU D 342 -2.91 -25.88 -33.62
CA LEU D 342 -3.04 -24.44 -33.80
C LEU D 342 -4.51 -24.05 -33.95
N ASN D 343 -5.31 -24.90 -34.59
CA ASN D 343 -6.75 -24.65 -34.69
C ASN D 343 -7.44 -24.68 -33.33
N HIS D 344 -6.88 -25.46 -32.41
CA HIS D 344 -7.35 -25.47 -31.03
C HIS D 344 -6.87 -24.24 -30.27
N LEU D 345 -5.59 -23.92 -30.41
CA LEU D 345 -4.95 -22.91 -29.56
C LEU D 345 -5.22 -21.46 -29.97
N GLU D 346 -5.08 -21.16 -31.26
CA GLU D 346 -5.03 -19.77 -31.67
C GLU D 346 -6.39 -19.06 -31.74
N PRO D 347 -7.43 -19.68 -32.34
CA PRO D 347 -8.66 -18.88 -32.46
C PRO D 347 -9.29 -18.41 -31.14
N PRO D 348 -9.35 -19.26 -30.10
CA PRO D 348 -10.01 -18.67 -28.92
C PRO D 348 -9.16 -17.58 -28.25
N ALA D 349 -7.88 -17.50 -28.63
CA ALA D 349 -7.04 -16.44 -28.09
C ALA D 349 -7.33 -15.08 -28.76
N LYS D 350 -8.18 -15.07 -29.78
CA LYS D 350 -8.61 -13.84 -30.48
C LYS D 350 -7.43 -13.00 -30.92
N PRO D 351 -6.71 -13.45 -31.96
CA PRO D 351 -5.60 -12.61 -32.42
C PRO D 351 -6.09 -11.43 -33.22
N SER D 352 -5.40 -10.30 -33.13
CA SER D 352 -5.65 -9.22 -34.07
C SER D 352 -4.32 -8.60 -34.49
N ILE D 353 -4.30 -7.97 -35.66
CA ILE D 353 -3.15 -7.20 -36.11
C ILE D 353 -3.53 -5.73 -36.26
N VAL D 354 -3.05 -4.92 -35.32
CA VAL D 354 -3.32 -3.49 -35.30
C VAL D 354 -2.03 -2.73 -35.54
N SER D 355 -2.04 -1.80 -36.50
CA SER D 355 -0.84 -1.08 -36.90
C SER D 355 0.34 -2.03 -37.18
N ALA D 356 0.06 -3.09 -37.94
CA ALA D 356 1.05 -4.11 -38.29
C ALA D 356 1.72 -4.81 -37.08
N SER D 357 1.04 -4.86 -35.94
CA SER D 357 1.60 -5.54 -34.79
C SER D 357 0.59 -6.53 -34.15
N LEU D 358 1.07 -7.71 -33.78
CA LEU D 358 0.20 -8.78 -33.34
C LEU D 358 -0.18 -8.66 -31.86
N ARG D 359 -1.47 -8.79 -31.57
CA ARG D 359 -1.94 -8.93 -30.19
C ARG D 359 -2.95 -10.08 -30.05
N TYR D 360 -2.91 -10.77 -28.92
CA TYR D 360 -3.95 -11.74 -28.57
C TYR D 360 -4.78 -11.15 -27.44
N GLU D 361 -6.10 -11.11 -27.60
CA GLU D 361 -6.90 -10.52 -26.55
C GLU D 361 -7.09 -11.49 -25.36
N HIS D 362 -7.14 -12.79 -25.64
CA HIS D 362 -7.33 -13.76 -24.55
C HIS D 362 -6.30 -14.88 -24.59
N PRO D 363 -5.06 -14.59 -24.21
CA PRO D 363 -4.05 -15.66 -24.16
C PRO D 363 -4.54 -16.83 -23.32
N GLY D 364 -4.43 -18.03 -23.88
CA GLY D 364 -5.04 -19.19 -23.22
C GLY D 364 -4.23 -19.74 -22.08
N SER D 365 -3.01 -19.25 -21.92
CA SER D 365 -2.08 -19.79 -20.93
C SER D 365 -0.91 -18.84 -20.72
N LEU D 366 -0.06 -19.18 -19.77
CA LEU D 366 1.25 -18.54 -19.63
C LEU D 366 2.07 -18.82 -20.88
N LEU D 367 3.05 -17.96 -21.15
CA LEU D 367 4.00 -18.19 -22.24
C LEU D 367 3.32 -18.34 -23.61
N PHE D 368 2.10 -17.83 -23.73
CA PHE D 368 1.29 -18.09 -24.93
C PHE D 368 1.91 -17.51 -26.22
N ASP D 369 2.12 -16.20 -26.27
CA ASP D 369 2.62 -15.63 -27.53
C ASP D 369 4.07 -16.06 -27.77
N GLU D 370 4.81 -16.31 -26.69
CA GLU D 370 6.16 -16.86 -26.78
C GLU D 370 6.16 -18.23 -27.46
N LEU D 371 5.29 -19.12 -27.00
CA LEU D 371 5.31 -20.49 -27.53
C LEU D 371 4.76 -20.59 -28.97
N LEU D 372 3.72 -19.81 -29.27
CA LEU D 372 3.16 -19.77 -30.62
C LEU D 372 4.14 -19.17 -31.62
N PHE D 373 4.80 -18.07 -31.24
CA PHE D 373 5.90 -17.50 -32.02
C PHE D 373 6.95 -18.58 -32.28
N LEU D 374 7.43 -19.23 -31.22
CA LEU D 374 8.47 -20.22 -31.34
C LEU D 374 8.05 -21.35 -32.26
N ALA D 375 6.86 -21.90 -32.05
CA ALA D 375 6.38 -22.99 -32.92
C ALA D 375 6.26 -22.59 -34.39
N LYS D 376 5.80 -21.38 -34.63
CA LYS D 376 5.58 -20.91 -36.01
C LYS D 376 6.87 -20.85 -36.81
N VAL D 377 7.97 -20.53 -36.14
CA VAL D 377 9.22 -20.27 -36.87
C VAL D 377 10.25 -21.37 -36.69
N HIS D 378 10.01 -22.29 -35.77
CA HIS D 378 11.07 -23.20 -35.32
C HIS D 378 11.70 -24.02 -36.46
N ALA D 379 13.01 -23.87 -36.63
CA ALA D 379 13.74 -24.53 -37.71
C ALA D 379 14.23 -25.92 -37.30
N GLY D 380 14.09 -26.26 -36.03
CA GLY D 380 14.60 -27.53 -35.54
C GLY D 380 15.87 -27.25 -34.77
N PHE D 381 16.00 -27.90 -33.62
CA PHE D 381 17.10 -27.58 -32.73
C PHE D 381 18.41 -28.08 -33.32
N GLY D 382 18.32 -29.15 -34.12
CA GLY D 382 19.49 -29.65 -34.83
C GLY D 382 19.99 -28.62 -35.84
N ALA D 383 19.06 -27.99 -36.54
CA ALA D 383 19.37 -26.94 -37.50
C ALA D 383 19.96 -25.71 -36.82
N LEU D 384 19.45 -25.37 -35.64
CA LEU D 384 19.95 -24.20 -34.92
C LEU D 384 21.39 -24.47 -34.52
N LEU D 385 21.63 -25.71 -34.09
CA LEU D 385 22.93 -26.17 -33.66
C LEU D 385 23.97 -26.14 -34.79
N ARG D 386 23.52 -26.35 -36.02
CA ARG D 386 24.44 -26.40 -37.16
C ARG D 386 24.30 -25.16 -38.03
N MET D 387 23.88 -24.08 -37.41
CA MET D 387 23.67 -22.81 -38.05
C MET D 387 24.90 -22.25 -38.74
N PRO D 388 24.70 -21.93 -40.07
CA PRO D 388 25.87 -21.38 -40.75
C PRO D 388 26.23 -19.99 -40.32
N PRO D 389 27.56 -19.65 -40.47
CA PRO D 389 27.91 -18.31 -40.00
C PRO D 389 27.32 -17.13 -40.73
N PRO D 390 27.46 -16.00 -40.07
CA PRO D 390 27.00 -14.73 -40.53
C PRO D 390 27.56 -14.36 -41.89
N LEU E 29 -33.43 37.07 9.37
CA LEU E 29 -32.52 35.93 9.30
C LEU E 29 -32.80 35.06 8.07
N PRO E 30 -31.99 35.23 7.01
CA PRO E 30 -32.11 34.44 5.77
C PRO E 30 -32.07 32.94 6.05
N PRO E 31 -32.55 32.11 5.11
CA PRO E 31 -32.51 30.65 5.40
C PRO E 31 -31.09 30.09 5.25
N GLY E 32 -30.74 29.09 6.04
CA GLY E 32 -29.39 28.56 6.04
C GLY E 32 -28.34 29.44 6.74
N ARG E 33 -28.76 30.59 7.24
CA ARG E 33 -27.87 31.43 8.02
C ARG E 33 -28.06 31.12 9.51
N LEU E 34 -27.01 31.33 10.30
CA LEU E 34 -27.05 31.03 11.73
C LEU E 34 -27.27 32.25 12.60
N ALA E 35 -26.81 33.40 12.12
CA ALA E 35 -27.02 34.64 12.84
C ALA E 35 -27.00 35.77 11.85
N THR E 36 -27.53 36.93 12.24
CA THR E 36 -27.61 38.04 11.31
C THR E 36 -26.26 38.72 11.19
N THR E 37 -26.10 39.49 10.13
CA THR E 37 -24.86 40.22 9.94
C THR E 37 -24.71 41.26 11.03
N GLU E 38 -25.82 41.90 11.35
CA GLU E 38 -25.87 42.83 12.48
C GLU E 38 -25.32 42.20 13.76
N ASP E 39 -25.75 40.96 14.04
CA ASP E 39 -25.24 40.22 15.19
C ASP E 39 -23.72 40.05 15.16
N TYR E 40 -23.14 39.74 14.00
CA TYR E 40 -21.70 39.53 13.95
C TYR E 40 -20.97 40.85 14.21
N PHE E 41 -21.44 41.94 13.59
CA PHE E 41 -20.77 43.23 13.74
C PHE E 41 -20.94 43.82 15.14
N ALA E 42 -21.95 43.35 15.86
CA ALA E 42 -22.22 43.85 17.21
C ALA E 42 -21.48 43.11 18.34
N GLN E 43 -20.78 42.03 17.98
CA GLN E 43 -20.18 41.16 18.98
C GLN E 43 -19.24 41.91 19.91
N GLN E 44 -18.38 42.75 19.34
CA GLN E 44 -17.40 43.44 20.13
C GLN E 44 -18.07 44.44 21.09
N ALA E 45 -19.06 45.17 20.59
CA ALA E 45 -19.77 46.15 21.41
C ALA E 45 -20.49 45.45 22.56
N LYS E 46 -21.06 44.28 22.28
CA LYS E 46 -21.79 43.52 23.30
C LYS E 46 -20.89 42.62 24.13
N GLN E 47 -19.60 42.64 23.85
CA GLN E 47 -18.64 41.81 24.60
C GLN E 47 -18.99 40.32 24.65
N ALA E 48 -19.55 39.78 23.58
CA ALA E 48 -19.88 38.35 23.54
C ALA E 48 -19.96 37.81 22.11
N VAL E 49 -19.43 36.61 21.89
CA VAL E 49 -19.55 36.00 20.57
C VAL E 49 -20.99 35.51 20.38
N THR E 50 -21.42 35.40 19.13
CA THR E 50 -22.71 34.83 18.83
C THR E 50 -22.69 33.34 19.17
N PRO E 51 -23.88 32.72 19.28
CA PRO E 51 -23.89 31.29 19.63
C PRO E 51 -23.25 30.39 18.55
N ASP E 52 -23.35 30.72 17.25
CA ASP E 52 -22.68 29.88 16.25
C ASP E 52 -21.14 30.02 16.32
N VAL E 53 -20.64 31.19 16.69
CA VAL E 53 -19.19 31.34 16.91
C VAL E 53 -18.75 30.53 18.13
N MET E 54 -19.58 30.48 19.16
CA MET E 54 -19.30 29.64 20.31
C MET E 54 -19.29 28.16 19.87
N ALA E 55 -20.23 27.77 19.01
CA ALA E 55 -20.32 26.38 18.54
C ALA E 55 -19.10 26.01 17.71
N GLN E 56 -18.56 26.98 16.99
CA GLN E 56 -17.31 26.81 16.26
C GLN E 56 -16.11 26.66 17.19
N LEU E 57 -16.08 27.42 18.29
CA LEU E 57 -15.00 27.25 19.28
C LEU E 57 -15.11 25.85 19.92
N ALA E 58 -16.33 25.34 20.02
CA ALA E 58 -16.57 24.00 20.52
C ALA E 58 -15.99 22.95 19.55
N TYR E 59 -16.31 23.06 18.27
CA TYR E 59 -15.67 22.19 17.29
C TYR E 59 -14.15 22.21 17.45
N MET E 60 -13.60 23.41 17.63
CA MET E 60 -12.15 23.59 17.71
C MET E 60 -11.55 22.97 18.98
N ASN E 61 -12.34 22.91 20.05
CA ASN E 61 -11.79 22.57 21.38
C ASN E 61 -12.34 21.35 22.09
N TYR E 62 -13.47 20.82 21.65
CA TYR E 62 -14.25 19.97 22.56
C TYR E 62 -13.85 18.49 22.61
N ILE E 63 -13.85 17.79 21.53
CA ILE E 63 -13.65 16.41 21.43
C ILE E 63 -12.22 15.86 21.65
N ASP E 64 -12.06 14.98 22.61
CA ASP E 64 -10.79 14.36 22.85
C ASP E 64 -10.20 13.85 21.52
N PHE E 65 -8.91 14.09 21.34
CA PHE E 65 -8.07 13.73 20.25
C PHE E 65 -8.28 14.28 18.90
N ILE E 66 -9.47 14.41 18.41
CA ILE E 66 -9.71 14.90 17.12
C ILE E 66 -10.05 16.41 16.88
N SER E 67 -10.29 17.24 17.81
CA SER E 67 -10.58 18.57 17.69
C SER E 67 -9.33 19.18 17.37
N PRO E 68 -9.18 20.22 16.61
CA PRO E 68 -7.88 20.72 16.13
C PRO E 68 -7.03 21.34 17.23
N PHE E 69 -7.63 21.87 18.29
CA PHE E 69 -6.84 22.50 19.34
C PHE E 69 -6.86 21.69 20.63
N TYR E 70 -6.93 20.39 20.48
CA TYR E 70 -6.92 19.51 21.64
C TYR E 70 -5.57 19.48 22.33
N SER E 71 -4.51 19.34 21.54
CA SER E 71 -3.20 19.10 22.08
C SER E 71 -2.11 19.93 21.40
N ARG E 72 -1.11 20.28 22.19
CA ARG E 72 0.10 20.93 21.75
C ARG E 72 0.96 20.06 20.80
N GLY E 73 0.68 18.76 20.76
CA GLY E 73 1.52 17.81 20.04
C GLY E 73 1.39 17.77 18.53
N CYS E 74 2.24 16.94 17.91
CA CYS E 74 2.29 16.85 16.46
C CYS E 74 1.30 15.86 15.91
N SER E 75 0.04 16.06 16.28
CA SER E 75 -1.08 15.26 15.79
C SER E 75 -1.97 16.10 14.89
N PHE E 76 -2.38 15.54 13.75
CA PHE E 76 -3.19 16.34 12.83
C PHE E 76 -4.43 15.59 12.35
N GLU E 77 -5.01 14.79 13.26
CA GLU E 77 -6.26 14.08 13.02
C GLU E 77 -7.41 14.97 12.53
N ALA E 78 -7.58 16.14 13.15
CA ALA E 78 -8.62 17.07 12.74
C ALA E 78 -8.48 17.42 11.26
N TRP E 79 -7.26 17.60 10.80
CA TRP E 79 -7.05 18.03 9.42
C TRP E 79 -7.14 16.85 8.48
N GLU E 80 -6.73 15.66 8.95
CA GLU E 80 -6.91 14.46 8.16
C GLU E 80 -8.41 14.24 7.91
N LEU E 81 -9.22 14.40 8.95
CA LEU E 81 -10.68 14.25 8.85
C LEU E 81 -11.31 15.22 7.84
N LYS E 82 -10.76 16.41 7.71
CA LYS E 82 -11.29 17.39 6.76
C LYS E 82 -10.64 17.26 5.40
N HIS E 83 -9.73 16.30 5.27
CA HIS E 83 -8.98 16.08 4.02
C HIS E 83 -8.17 17.32 3.62
N THR E 84 -7.66 18.04 4.61
CA THR E 84 -6.78 19.16 4.34
C THR E 84 -5.50 18.68 3.69
N PRO E 85 -5.21 19.17 2.47
CA PRO E 85 -3.94 18.81 1.83
C PRO E 85 -2.79 19.30 2.68
N GLN E 86 -1.66 18.59 2.65
CA GLN E 86 -0.52 18.91 3.51
C GLN E 86 -0.10 20.38 3.39
N ARG E 87 -0.03 20.89 2.16
CA ARG E 87 0.49 22.25 1.91
C ARG E 87 -0.38 23.38 2.52
N VAL E 88 -1.62 23.05 2.81
CA VAL E 88 -2.61 24.03 3.24
C VAL E 88 -2.72 24.07 4.77
N ILE E 89 -2.15 23.07 5.45
CA ILE E 89 -2.32 22.99 6.91
C ILE E 89 -1.78 24.24 7.60
N LYS E 90 -0.62 24.72 7.15
CA LYS E 90 -0.03 25.93 7.73
C LYS E 90 -0.97 27.14 7.65
N TYR E 91 -1.74 27.24 6.57
CA TYR E 91 -2.66 28.38 6.41
C TYR E 91 -3.90 28.23 7.28
N SER E 92 -4.33 26.98 7.44
CA SER E 92 -5.45 26.65 8.32
C SER E 92 -5.18 27.07 9.76
N ILE E 93 -4.04 26.63 10.27
CA ILE E 93 -3.63 26.97 11.61
C ILE E 93 -3.58 28.48 11.77
N ALA E 94 -2.94 29.13 10.80
CA ALA E 94 -2.71 30.56 10.88
C ALA E 94 -4.04 31.29 10.88
N PHE E 95 -4.94 30.93 9.98
CA PHE E 95 -6.22 31.65 9.95
C PHE E 95 -7.08 31.39 11.20
N TYR E 96 -6.96 30.20 11.79
CA TYR E 96 -7.58 29.95 13.08
C TYR E 96 -7.02 30.91 14.11
N ALA E 97 -5.69 31.07 14.09
CA ALA E 97 -5.01 31.89 15.07
C ALA E 97 -5.48 33.34 14.97
N TYR E 98 -5.64 33.84 13.74
CA TYR E 98 -6.03 35.24 13.59
C TYR E 98 -7.45 35.46 14.13
N GLY E 99 -8.32 34.48 13.94
CA GLY E 99 -9.68 34.54 14.45
C GLY E 99 -9.70 34.50 15.97
N LEU E 100 -8.87 33.62 16.55
CA LEU E 100 -8.77 33.50 18.01
C LEU E 100 -8.31 34.81 18.66
N ALA E 101 -7.46 35.53 17.94
CA ALA E 101 -6.99 36.82 18.43
C ALA E 101 -8.14 37.82 18.51
N SER E 102 -9.07 37.77 17.56
CA SER E 102 -10.25 38.62 17.64
C SER E 102 -11.20 38.17 18.76
N VAL E 103 -11.37 36.86 18.93
CA VAL E 103 -12.18 36.35 20.04
C VAL E 103 -11.69 36.91 21.37
N ALA E 104 -10.37 36.96 21.55
CA ALA E 104 -9.75 37.52 22.75
C ALA E 104 -10.19 38.97 22.95
N LEU E 105 -10.30 39.69 21.85
CA LEU E 105 -10.65 41.10 21.87
C LEU E 105 -12.13 41.30 22.10
N ILE E 106 -12.95 40.45 21.47
CA ILE E 106 -14.39 40.47 21.70
C ILE E 106 -14.80 40.16 23.15
N ASP E 107 -14.33 39.04 23.70
CA ASP E 107 -14.87 38.60 24.99
C ASP E 107 -13.78 38.23 26.00
N PRO E 108 -13.59 39.10 27.00
CA PRO E 108 -12.59 38.91 28.07
C PRO E 108 -12.72 37.58 28.83
N LYS E 109 -13.91 36.98 28.87
CA LYS E 109 -14.03 35.67 29.52
C LYS E 109 -13.54 34.53 28.63
N LEU E 110 -13.24 34.81 27.36
CA LEU E 110 -12.71 33.78 26.47
C LEU E 110 -11.24 34.01 26.17
N ARG E 111 -10.67 35.06 26.75
CA ARG E 111 -9.30 35.44 26.43
C ARG E 111 -8.31 34.38 26.88
N ALA E 112 -8.56 33.78 28.04
CA ALA E 112 -7.71 32.68 28.51
C ALA E 112 -7.76 31.48 27.53
N LEU E 113 -8.97 31.06 27.17
CA LEU E 113 -9.15 30.04 26.14
C LEU E 113 -8.45 30.42 24.83
N ALA E 114 -8.72 31.63 24.36
CA ALA E 114 -8.12 32.14 23.12
C ALA E 114 -6.60 32.03 23.18
N GLY E 115 -6.04 32.46 24.30
CA GLY E 115 -4.60 32.38 24.47
C GLY E 115 -4.06 30.97 24.52
N HIS E 116 -4.79 30.08 25.21
CA HIS E 116 -4.40 28.69 25.28
C HIS E 116 -4.38 28.06 23.89
N ASP E 117 -5.42 28.35 23.10
CA ASP E 117 -5.50 27.86 21.72
C ASP E 117 -4.37 28.42 20.83
N LEU E 118 -4.01 29.69 21.03
CA LEU E 118 -2.94 30.34 20.27
C LEU E 118 -1.59 29.70 20.62
N ASP E 119 -1.41 29.34 21.88
CA ASP E 119 -0.27 28.55 22.34
C ASP E 119 -0.12 27.25 21.55
N ILE E 120 -1.20 26.47 21.53
CA ILE E 120 -1.25 25.26 20.73
C ILE E 120 -0.99 25.53 19.23
N ALA E 121 -1.55 26.62 18.71
CA ALA E 121 -1.38 26.95 17.29
C ALA E 121 0.09 27.15 16.92
N VAL E 122 0.80 27.91 17.75
CA VAL E 122 2.21 28.15 17.51
C VAL E 122 2.96 26.82 17.59
N SER E 123 2.63 26.05 18.62
CA SER E 123 3.29 24.76 18.80
C SER E 123 3.05 23.80 17.63
N LYS E 124 1.83 23.70 17.15
CA LYS E 124 1.56 22.84 16.00
C LYS E 124 2.23 23.38 14.73
N MET E 125 2.26 24.71 14.60
CA MET E 125 2.81 25.37 13.42
C MET E 125 4.26 24.95 13.20
N LYS E 126 4.94 24.61 14.29
CA LYS E 126 6.35 24.24 14.22
C LYS E 126 6.58 22.75 13.95
N CYS E 127 5.51 21.97 13.79
CA CYS E 127 5.66 20.55 13.49
C CYS E 127 6.06 20.33 12.03
N LYS E 128 6.83 19.29 11.77
CA LYS E 128 7.35 18.99 10.45
C LYS E 128 6.25 18.61 9.46
N ARG E 129 5.15 18.06 9.96
CA ARG E 129 4.00 17.82 9.09
C ARG E 129 3.60 19.10 8.37
N VAL E 130 3.76 20.22 9.08
CA VAL E 130 3.30 21.52 8.64
C VAL E 130 4.26 22.20 7.67
N TRP E 131 5.55 22.25 8.03
CA TRP E 131 6.50 22.98 7.19
C TRP E 131 7.33 22.07 6.27
N GLY E 132 7.22 20.77 6.48
CA GLY E 132 8.05 19.80 5.77
C GLY E 132 8.00 19.78 4.25
N ASP E 133 6.96 20.35 3.66
CA ASP E 133 6.92 20.48 2.20
C ASP E 133 8.13 21.24 1.67
N TRP E 134 8.67 22.12 2.50
CA TRP E 134 9.83 22.93 2.13
C TRP E 134 11.02 21.99 1.92
N GLU E 135 11.16 20.99 2.78
CA GLU E 135 12.27 20.05 2.61
C GLU E 135 12.01 19.05 1.48
N GLU E 136 10.79 18.52 1.41
CA GLU E 136 10.43 17.59 0.36
C GLU E 136 10.62 18.16 -1.05
N ASP E 137 10.35 19.45 -1.21
CA ASP E 137 10.50 20.10 -2.51
C ASP E 137 11.97 20.25 -2.88
N GLY E 138 12.84 20.11 -1.89
CA GLY E 138 14.27 20.23 -2.11
C GLY E 138 14.79 21.62 -1.85
N PHE E 139 14.05 22.42 -1.10
CA PHE E 139 14.40 23.82 -0.88
C PHE E 139 15.29 24.05 0.35
N GLY E 140 15.46 23.02 1.16
CA GLY E 140 16.32 23.11 2.33
C GLY E 140 15.74 22.37 3.52
N THR E 141 16.55 22.16 4.54
CA THR E 141 16.10 21.41 5.71
C THR E 141 15.63 22.33 6.83
N ASP E 142 15.97 23.61 6.73
CA ASP E 142 15.56 24.61 7.73
C ASP E 142 14.52 25.55 7.09
N PRO E 143 13.30 25.58 7.65
CA PRO E 143 12.20 26.31 7.02
C PRO E 143 12.16 27.82 7.30
N ILE E 144 13.04 28.36 8.14
CA ILE E 144 12.98 29.79 8.42
C ILE E 144 14.24 30.55 7.99
N GLU E 145 15.33 29.82 7.76
CA GLU E 145 16.64 30.42 7.47
C GLU E 145 16.61 31.52 6.40
N LYS E 146 16.07 31.20 5.23
CA LYS E 146 15.90 32.16 4.16
C LYS E 146 14.63 31.83 3.36
N GLU E 147 14.07 32.84 2.71
CA GLU E 147 12.92 32.65 1.82
C GLU E 147 11.74 32.06 2.61
N ASN E 148 10.83 31.39 1.90
CA ASN E 148 9.70 30.73 2.56
C ASN E 148 8.89 31.70 3.42
N ILE E 149 8.59 32.90 2.91
CA ILE E 149 7.84 33.85 3.73
C ILE E 149 6.38 33.41 3.91
N MET E 150 5.88 32.55 3.01
CA MET E 150 4.55 31.93 3.16
C MET E 150 4.41 31.20 4.49
N TYR E 151 5.48 30.55 4.92
CA TYR E 151 5.48 29.84 6.20
C TYR E 151 5.87 30.75 7.36
N LYS E 152 7.07 31.34 7.31
CA LYS E 152 7.60 32.00 8.50
C LYS E 152 6.98 33.39 8.73
N GLY E 153 6.31 33.91 7.71
CA GLY E 153 5.52 35.13 7.87
C GLY E 153 4.35 34.91 8.80
N HIS E 154 3.61 33.82 8.61
CA HIS E 154 2.49 33.49 9.47
C HIS E 154 2.96 33.09 10.87
N LEU E 155 4.04 32.32 10.93
CA LEU E 155 4.60 31.93 12.21
C LEU E 155 5.01 33.15 13.03
N ASN E 156 5.70 34.10 12.39
CA ASN E 156 6.13 35.30 13.10
C ASN E 156 4.93 36.10 13.58
N LEU E 157 3.91 36.19 12.75
CA LEU E 157 2.72 36.95 13.13
C LEU E 157 2.02 36.25 14.32
N MET E 158 2.01 34.92 14.32
CA MET E 158 1.40 34.14 15.40
C MET E 158 2.15 34.27 16.73
N TYR E 159 3.48 34.21 16.68
CA TYR E 159 4.31 34.48 17.85
C TYR E 159 3.85 35.79 18.49
N GLY E 160 3.66 36.79 17.65
CA GLY E 160 3.29 38.13 18.10
C GLY E 160 1.91 38.18 18.72
N LEU E 161 0.92 37.63 18.02
CA LEU E 161 -0.47 37.68 18.47
C LEU E 161 -0.63 36.87 19.75
N TYR E 162 0.09 35.76 19.86
CA TYR E 162 0.08 34.97 21.08
C TYR E 162 0.51 35.84 22.26
N GLN E 163 1.59 36.59 22.08
CA GLN E 163 2.13 37.38 23.19
C GLN E 163 1.31 38.64 23.46
N LEU E 164 0.66 39.19 22.44
CA LEU E 164 -0.26 40.31 22.66
C LEU E 164 -1.44 39.87 23.53
N VAL E 165 -1.91 38.67 23.28
CA VAL E 165 -3.11 38.16 23.90
C VAL E 165 -2.84 37.69 25.34
N THR E 166 -1.75 36.96 25.54
CA THR E 166 -1.48 36.30 26.83
C THR E 166 -0.48 37.03 27.71
N GLY E 167 0.44 37.78 27.10
CA GLY E 167 1.52 38.40 27.87
C GLY E 167 2.64 37.42 28.16
N SER E 168 2.46 36.17 27.77
CA SER E 168 3.47 35.13 27.95
C SER E 168 4.73 35.37 27.11
N ARG E 169 5.90 35.12 27.70
CA ARG E 169 7.20 35.28 27.03
C ARG E 169 7.77 33.94 26.54
N ARG E 170 6.92 32.92 26.53
CA ARG E 170 7.30 31.57 26.14
C ARG E 170 8.06 31.49 24.80
N TYR E 171 7.66 32.29 23.83
CA TYR E 171 8.29 32.27 22.51
C TYR E 171 9.08 33.53 22.16
N GLU E 172 9.37 34.35 23.16
CA GLU E 172 10.04 35.63 22.92
C GLU E 172 11.36 35.51 22.16
N ALA E 173 12.19 34.59 22.60
CA ALA E 173 13.51 34.39 21.99
C ALA E 173 13.35 33.97 20.53
N GLU E 174 12.51 32.98 20.28
CA GLU E 174 12.22 32.55 18.90
C GLU E 174 11.62 33.69 18.09
N HIS E 175 10.73 34.44 18.73
CA HIS E 175 10.05 35.55 18.07
C HIS E 175 11.06 36.60 17.64
N ALA E 176 11.97 36.94 18.53
CA ALA E 176 13.01 37.93 18.22
C ALA E 176 13.96 37.40 17.14
N HIS E 177 14.26 36.11 17.20
CA HIS E 177 15.16 35.49 16.24
C HIS E 177 14.58 35.55 14.82
N LEU E 178 13.34 35.10 14.66
CA LEU E 178 12.67 35.15 13.36
C LEU E 178 12.45 36.57 12.84
N THR E 179 12.13 37.50 13.74
CA THR E 179 11.88 38.88 13.32
C THR E 179 13.13 39.53 12.70
N ARG E 180 14.30 39.25 13.28
CA ARG E 180 15.57 39.72 12.73
C ARG E 180 15.88 39.09 11.38
N ILE E 181 15.61 37.78 11.27
CA ILE E 181 15.76 37.09 9.99
C ILE E 181 14.93 37.80 8.93
N ILE E 182 13.69 38.11 9.28
CA ILE E 182 12.79 38.72 8.33
C ILE E 182 13.28 40.14 7.99
N HIS E 183 13.66 40.91 9.01
CA HIS E 183 14.20 42.25 8.82
C HIS E 183 15.46 42.29 7.95
N ASP E 184 16.41 41.41 8.24
CA ASP E 184 17.68 41.36 7.50
C ASP E 184 17.49 40.92 6.07
N GLU E 185 16.49 40.06 5.83
CA GLU E 185 16.24 39.57 4.49
C GLU E 185 15.66 40.70 3.64
N ILE E 186 14.72 41.45 4.22
CA ILE E 186 14.15 42.60 3.53
C ILE E 186 15.24 43.64 3.19
N ALA E 187 16.09 43.93 4.16
CA ALA E 187 17.19 44.88 3.96
C ALA E 187 18.12 44.45 2.83
N ALA E 188 18.30 43.15 2.66
CA ALA E 188 19.26 42.61 1.69
C ALA E 188 18.71 42.50 0.25
N ASN E 189 17.39 42.42 0.09
CA ASN E 189 16.80 42.23 -1.24
C ASN E 189 16.65 43.54 -2.01
N PRO E 190 16.85 43.48 -3.34
CA PRO E 190 16.66 44.60 -4.29
C PRO E 190 15.19 44.99 -4.42
N PHE E 191 14.32 43.99 -4.35
CA PHE E 191 12.89 44.19 -4.32
C PHE E 191 12.47 44.41 -2.88
N ALA E 192 11.34 45.06 -2.66
CA ALA E 192 10.84 45.24 -1.29
C ALA E 192 10.10 43.96 -0.83
N GLY E 193 10.71 43.21 0.08
CA GLY E 193 10.05 42.03 0.64
C GLY E 193 10.87 40.76 0.56
N ILE E 194 10.20 39.61 0.59
CA ILE E 194 10.84 38.31 0.68
C ILE E 194 10.12 37.30 -0.22
N VAL E 195 10.85 36.41 -0.90
CA VAL E 195 10.19 35.39 -1.72
C VAL E 195 9.64 34.23 -0.87
N CYS E 196 8.76 33.43 -1.48
CA CYS E 196 8.28 32.19 -0.86
C CYS E 196 9.20 31.04 -1.29
N GLU E 197 8.78 30.29 -2.32
CA GLU E 197 9.70 29.40 -3.02
C GLU E 197 10.75 30.29 -3.67
N PRO E 198 11.97 29.77 -3.85
CA PRO E 198 13.01 30.52 -4.56
C PRO E 198 12.46 31.17 -5.84
N ASP E 199 12.72 32.47 -6.00
CA ASP E 199 12.27 33.29 -7.13
C ASP E 199 10.75 33.43 -7.32
N ASN E 200 9.98 33.12 -6.27
CA ASN E 200 8.52 33.36 -6.28
C ASN E 200 8.12 34.40 -5.24
N TYR E 201 7.68 35.57 -5.71
CA TYR E 201 7.28 36.65 -4.83
C TYR E 201 5.76 36.83 -4.85
N PHE E 202 5.13 36.77 -3.68
CA PHE E 202 3.68 36.92 -3.56
C PHE E 202 3.36 38.08 -2.62
N VAL E 203 2.51 39.01 -3.04
CA VAL E 203 2.22 40.15 -2.18
C VAL E 203 1.45 39.75 -0.91
N GLN E 204 0.49 38.84 -1.03
CA GLN E 204 -0.31 38.46 0.13
C GLN E 204 0.57 37.85 1.22
N CYS E 205 1.58 37.08 0.82
CA CYS E 205 2.47 36.46 1.80
C CYS E 205 3.38 37.49 2.44
N ASN E 206 3.77 38.49 1.66
CA ASN E 206 4.57 39.57 2.21
C ASN E 206 3.77 40.41 3.18
N SER E 207 2.47 40.60 2.90
CA SER E 207 1.65 41.44 3.78
C SER E 207 1.60 40.86 5.20
N VAL E 208 1.54 39.54 5.33
CA VAL E 208 1.58 38.91 6.66
C VAL E 208 2.89 39.23 7.36
N ALA E 209 3.99 39.10 6.63
CA ALA E 209 5.30 39.32 7.21
C ALA E 209 5.44 40.74 7.74
N TYR E 210 4.95 41.72 6.97
CA TYR E 210 5.07 43.11 7.40
C TYR E 210 4.19 43.38 8.61
N LEU E 211 2.96 42.87 8.59
CA LEU E 211 2.09 43.01 9.73
C LEU E 211 2.73 42.41 10.99
N SER E 212 3.46 41.31 10.83
CA SER E 212 4.15 40.71 11.97
C SER E 212 5.19 41.66 12.55
N LEU E 213 5.76 42.52 11.71
CA LEU E 213 6.73 43.52 12.15
C LEU E 213 6.07 44.62 12.99
N TRP E 214 4.86 45.00 12.61
CA TRP E 214 4.09 45.98 13.37
C TRP E 214 3.79 45.43 14.75
N VAL E 215 3.43 44.15 14.81
CA VAL E 215 3.10 43.54 16.08
C VAL E 215 4.36 43.49 16.96
N TYR E 216 5.49 43.19 16.36
CA TYR E 216 6.72 43.14 17.13
C TYR E 216 7.06 44.52 17.70
N ASP E 217 6.87 45.57 16.90
CA ASP E 217 7.13 46.92 17.37
C ASP E 217 6.22 47.30 18.54
N ARG E 218 4.96 46.92 18.44
CA ARG E 218 3.98 47.23 19.47
C ARG E 218 4.35 46.54 20.80
N LEU E 219 4.88 45.33 20.70
CA LEU E 219 5.32 44.60 21.88
C LEU E 219 6.59 45.18 22.48
N HIS E 220 7.47 45.72 21.63
CA HIS E 220 8.85 45.99 22.07
C HIS E 220 9.37 47.41 21.81
N GLY E 221 8.51 48.31 21.33
CA GLY E 221 8.90 49.70 21.14
C GLY E 221 9.90 49.94 20.02
N THR E 222 10.20 48.89 19.26
CA THR E 222 11.14 48.98 18.13
C THR E 222 10.52 49.64 16.90
N ASP E 223 11.27 49.65 15.80
CA ASP E 223 10.79 50.30 14.59
C ASP E 223 11.10 49.46 13.34
N TYR E 224 10.82 48.15 13.42
CA TYR E 224 10.98 47.29 12.25
C TYR E 224 9.99 47.65 11.16
N ARG E 225 8.85 48.20 11.56
CA ARG E 225 7.78 48.53 10.65
C ARG E 225 8.16 49.66 9.67
N ALA E 226 9.31 50.29 9.89
CA ALA E 226 9.76 51.39 9.05
C ALA E 226 9.83 50.99 7.58
N ALA E 227 10.12 49.71 7.33
CA ALA E 227 10.28 49.20 5.96
C ALA E 227 8.95 49.10 5.19
N THR E 228 7.84 49.39 5.85
CA THR E 228 6.53 49.25 5.23
C THR E 228 6.33 50.23 4.06
N ARG E 229 6.83 51.46 4.23
CA ARG E 229 6.66 52.50 3.20
C ARG E 229 7.27 52.05 1.86
N ALA E 230 8.51 51.55 1.90
CA ALA E 230 9.17 51.04 0.70
C ALA E 230 8.38 49.89 0.07
N TRP E 231 7.85 49.02 0.92
CA TRP E 231 7.09 47.87 0.43
C TRP E 231 5.79 48.31 -0.25
N LEU E 232 5.04 49.20 0.39
CA LEU E 232 3.80 49.70 -0.22
C LEU E 232 4.07 50.45 -1.54
N ASP E 233 5.19 51.17 -1.62
CA ASP E 233 5.57 51.83 -2.85
C ASP E 233 5.86 50.78 -3.94
N PHE E 234 6.65 49.77 -3.59
CA PHE E 234 7.03 48.73 -4.54
C PHE E 234 5.81 47.98 -5.09
N ILE E 235 4.90 47.53 -4.22
CA ILE E 235 3.80 46.70 -4.70
C ILE E 235 2.81 47.50 -5.55
N GLN E 236 2.91 48.81 -5.50
CA GLN E 236 2.05 49.68 -6.27
C GLN E 236 2.66 50.01 -7.61
N LYS E 237 3.91 49.66 -7.78
CA LYS E 237 4.63 49.90 -9.01
C LYS E 237 4.21 48.97 -10.13
N ASP E 238 4.78 47.78 -10.21
CA ASP E 238 4.39 46.87 -11.28
C ASP E 238 3.52 45.71 -10.85
N LEU E 239 3.30 45.56 -9.57
CA LEU E 239 2.52 44.45 -9.03
C LEU E 239 1.04 44.73 -9.02
N ILE E 240 0.64 45.98 -9.26
CA ILE E 240 -0.78 46.25 -9.25
C ILE E 240 -1.28 46.83 -10.57
N ASP E 241 -2.49 46.43 -10.93
CA ASP E 241 -3.27 47.02 -12.02
C ASP E 241 -4.14 48.14 -11.43
N PRO E 242 -3.73 49.40 -11.61
CA PRO E 242 -4.35 50.54 -10.93
C PRO E 242 -5.85 50.64 -11.20
N GLU E 243 -6.25 50.51 -12.45
CA GLU E 243 -7.64 50.71 -12.80
C GLU E 243 -8.56 49.67 -12.19
N ARG E 244 -8.09 48.43 -12.14
CA ARG E 244 -8.93 47.35 -11.61
C ARG E 244 -8.73 47.16 -10.12
N GLY E 245 -7.79 47.90 -9.54
CA GLY E 245 -7.48 47.78 -8.12
C GLY E 245 -7.16 46.35 -7.73
N ALA E 246 -6.36 45.66 -8.55
CA ALA E 246 -6.07 44.26 -8.30
C ALA E 246 -4.60 43.96 -8.50
N PHE E 247 -4.02 43.17 -7.60
CA PHE E 247 -2.65 42.70 -7.76
C PHE E 247 -2.57 41.60 -8.81
N TYR E 248 -1.46 41.58 -9.56
CA TYR E 248 -1.14 40.44 -10.40
C TYR E 248 -0.72 39.26 -9.51
N LEU E 249 -0.76 38.06 -10.07
CA LEU E 249 -0.61 36.81 -9.32
C LEU E 249 0.70 36.73 -8.53
N SER E 250 1.81 37.04 -9.18
CA SER E 250 3.11 36.85 -8.55
C SER E 250 4.20 37.55 -9.34
N TYR E 251 5.35 37.74 -8.70
CA TYR E 251 6.48 38.43 -9.31
C TYR E 251 7.70 37.55 -9.17
N HIS E 252 8.60 37.60 -10.15
CA HIS E 252 9.73 36.68 -10.19
C HIS E 252 11.02 37.44 -10.51
N PRO E 253 11.75 37.84 -9.45
CA PRO E 253 12.93 38.73 -9.51
C PRO E 253 13.96 38.35 -10.57
N GLU E 254 14.29 37.06 -10.69
CA GLU E 254 15.32 36.64 -11.65
C GLU E 254 15.02 37.05 -13.10
N SER E 255 13.81 36.78 -13.55
CA SER E 255 13.41 37.10 -14.90
C SER E 255 12.74 38.45 -14.99
N GLY E 256 12.39 39.01 -13.84
CA GLY E 256 11.63 40.25 -13.80
C GLY E 256 10.17 40.06 -14.19
N ALA E 257 9.76 38.84 -14.51
CA ALA E 257 8.38 38.56 -14.91
C ALA E 257 7.37 38.93 -13.82
N VAL E 258 6.25 39.49 -14.24
CA VAL E 258 5.08 39.67 -13.38
C VAL E 258 3.99 38.92 -14.11
N LYS E 259 3.37 37.93 -13.47
CA LYS E 259 2.39 37.09 -14.18
C LYS E 259 1.23 37.97 -14.59
N PRO E 260 0.78 37.81 -15.83
CA PRO E 260 -0.17 38.74 -16.46
C PRO E 260 -1.63 38.58 -16.02
N TRP E 261 -1.91 37.70 -15.06
CA TRP E 261 -3.30 37.52 -14.57
C TRP E 261 -3.48 38.20 -13.22
N ILE E 262 -4.57 38.96 -13.04
CA ILE E 262 -4.91 39.52 -11.72
C ILE E 262 -5.71 38.48 -10.92
N SER E 263 -5.54 38.49 -9.61
CA SER E 263 -6.18 37.49 -8.75
C SER E 263 -7.02 38.14 -7.66
N ALA E 264 -8.30 37.80 -7.61
CA ALA E 264 -9.18 38.36 -6.58
C ALA E 264 -8.78 37.93 -5.17
N TYR E 265 -8.52 36.64 -4.96
CA TYR E 265 -8.28 36.16 -3.59
C TYR E 265 -6.97 36.78 -3.11
N THR E 266 -6.00 36.91 -4.01
CA THR E 266 -4.73 37.56 -3.69
C THR E 266 -4.94 39.01 -3.24
N THR E 267 -5.82 39.70 -3.96
CA THR E 267 -6.08 41.11 -3.69
C THR E 267 -6.86 41.27 -2.37
N ALA E 268 -7.93 40.49 -2.23
CA ALA E 268 -8.76 40.56 -1.02
C ALA E 268 -7.92 40.36 0.23
N TRP E 269 -7.09 39.32 0.21
CA TRP E 269 -6.26 39.00 1.35
C TRP E 269 -5.32 40.15 1.63
N THR E 270 -4.66 40.66 0.60
CA THR E 270 -3.66 41.71 0.76
C THR E 270 -4.23 43.05 1.24
N LEU E 271 -5.35 43.45 0.65
CA LEU E 271 -5.99 44.70 1.01
C LEU E 271 -6.48 44.66 2.45
N ALA E 272 -6.92 43.48 2.90
CA ALA E 272 -7.40 43.31 4.26
C ALA E 272 -6.28 43.53 5.26
N MET E 273 -5.13 42.92 5.00
CA MET E 273 -4.02 43.08 5.92
C MET E 273 -3.33 44.44 5.82
N VAL E 274 -3.16 44.96 4.61
CA VAL E 274 -2.60 46.30 4.46
C VAL E 274 -3.50 47.34 5.13
N HIS E 275 -4.81 47.13 5.10
CA HIS E 275 -5.72 48.08 5.72
C HIS E 275 -5.39 48.31 7.21
N GLY E 276 -4.74 47.32 7.83
CA GLY E 276 -4.31 47.44 9.21
C GLY E 276 -3.06 48.30 9.40
N MET E 277 -2.28 48.49 8.33
CA MET E 277 -1.01 49.21 8.41
C MET E 277 -1.15 50.61 7.77
N ASP E 278 -1.93 50.68 6.70
CA ASP E 278 -2.13 51.91 5.96
C ASP E 278 -3.53 51.87 5.39
N PRO E 279 -4.53 52.31 6.19
CA PRO E 279 -5.92 52.19 5.75
C PRO E 279 -6.23 52.96 4.45
N ALA E 280 -5.52 54.07 4.19
CA ALA E 280 -5.80 54.83 2.99
C ALA E 280 -5.46 54.02 1.73
N PHE E 281 -4.41 53.21 1.83
CA PHE E 281 -4.05 52.29 0.75
C PHE E 281 -5.26 51.45 0.37
N SER E 282 -5.78 50.63 1.30
CA SER E 282 -6.88 49.73 0.98
C SER E 282 -8.15 50.49 0.58
N GLU E 283 -8.39 51.64 1.22
CA GLU E 283 -9.54 52.48 0.90
C GLU E 283 -9.51 52.98 -0.55
N ARG E 284 -8.32 53.27 -1.05
CA ARG E 284 -8.14 53.71 -2.44
C ARG E 284 -8.53 52.61 -3.44
N TYR E 285 -8.11 51.37 -3.19
CA TYR E 285 -8.32 50.31 -4.16
C TYR E 285 -9.61 49.49 -4.00
N TYR E 286 -10.17 49.49 -2.78
CA TYR E 286 -11.33 48.63 -2.48
C TYR E 286 -12.53 48.80 -3.43
N PRO E 287 -12.96 50.05 -3.71
CA PRO E 287 -14.10 50.11 -4.64
C PRO E 287 -13.73 49.66 -6.06
N ARG E 288 -12.45 49.77 -6.42
CA ARG E 288 -12.02 49.35 -7.76
C ARG E 288 -12.06 47.82 -7.80
N PHE E 289 -11.45 47.21 -6.80
CA PHE E 289 -11.49 45.76 -6.59
C PHE E 289 -12.91 45.23 -6.71
N LYS E 290 -13.85 45.84 -6.00
CA LYS E 290 -15.23 45.35 -6.04
C LYS E 290 -15.85 45.41 -7.45
N GLN E 291 -15.63 46.50 -8.19
CA GLN E 291 -16.17 46.56 -9.55
C GLN E 291 -15.56 45.49 -10.45
N THR E 292 -14.27 45.27 -10.31
CA THR E 292 -13.56 44.26 -11.09
C THR E 292 -14.08 42.84 -10.88
N PHE E 293 -14.26 42.45 -9.62
CA PHE E 293 -14.45 41.02 -9.29
C PHE E 293 -15.81 40.60 -8.71
N VAL E 294 -16.52 41.53 -8.08
CA VAL E 294 -17.69 41.14 -7.29
C VAL E 294 -18.98 41.10 -8.12
N GLU E 295 -19.63 39.95 -8.17
CA GLU E 295 -20.91 39.83 -8.83
C GLU E 295 -22.05 39.71 -7.81
N VAL E 296 -22.81 40.79 -7.67
CA VAL E 296 -24.05 40.76 -6.91
C VAL E 296 -25.10 40.03 -7.71
N TYR E 297 -25.85 39.14 -7.09
CA TYR E 297 -26.93 38.47 -7.77
C TYR E 297 -28.07 38.20 -6.78
N ASP E 298 -29.10 37.48 -7.23
CA ASP E 298 -30.31 37.24 -6.45
C ASP E 298 -30.94 38.55 -5.93
N GLU E 299 -31.03 39.55 -6.82
CA GLU E 299 -31.63 40.84 -6.53
C GLU E 299 -30.98 41.56 -5.36
N GLY E 300 -29.65 41.55 -5.30
CA GLY E 300 -28.95 42.23 -4.23
C GLY E 300 -28.83 41.42 -2.94
N ARG E 301 -29.40 40.23 -2.93
CA ARG E 301 -29.39 39.38 -1.73
C ARG E 301 -28.08 38.60 -1.54
N LYS E 302 -27.43 38.27 -2.65
CA LYS E 302 -26.19 37.49 -2.62
C LYS E 302 -25.11 38.13 -3.46
N ALA E 303 -23.87 37.68 -3.25
CA ALA E 303 -22.76 38.06 -4.11
C ALA E 303 -21.76 36.92 -4.19
N ARG E 304 -21.02 36.86 -5.28
CA ARG E 304 -19.94 35.89 -5.43
C ARG E 304 -18.80 36.59 -6.15
N VAL E 305 -17.60 36.06 -6.04
CA VAL E 305 -16.44 36.77 -6.54
C VAL E 305 -15.73 35.98 -7.65
N ARG E 306 -15.42 36.66 -8.76
CA ARG E 306 -14.67 36.02 -9.85
C ARG E 306 -13.20 36.04 -9.45
N GLU E 307 -12.43 35.04 -9.86
CA GLU E 307 -11.05 34.95 -9.39
C GLU E 307 -10.07 35.77 -10.25
N THR E 308 -10.34 35.87 -11.54
CA THR E 308 -9.47 36.62 -12.44
C THR E 308 -10.31 37.40 -13.48
N ALA E 309 -9.66 38.18 -14.31
CA ALA E 309 -10.36 38.96 -15.33
C ALA E 309 -10.73 38.10 -16.54
N GLY E 310 -11.68 38.59 -17.34
CA GLY E 310 -12.03 37.93 -18.59
C GLY E 310 -12.73 36.60 -18.41
N THR E 311 -13.48 36.47 -17.33
CA THR E 311 -14.28 35.27 -17.11
C THR E 311 -15.54 35.69 -16.39
N ASP E 312 -16.60 34.90 -16.56
CA ASP E 312 -17.82 35.12 -15.81
C ASP E 312 -17.89 34.12 -14.65
N ASP E 313 -17.01 33.13 -14.66
CA ASP E 313 -16.98 32.08 -13.64
C ASP E 313 -16.59 32.63 -12.27
N ALA E 314 -17.33 32.23 -11.24
CA ALA E 314 -17.02 32.66 -9.88
C ALA E 314 -16.07 31.69 -9.20
N ASP E 315 -15.17 32.22 -8.37
CA ASP E 315 -14.29 31.39 -7.54
C ASP E 315 -13.48 30.32 -8.27
N GLY E 316 -12.90 30.66 -9.41
CA GLY E 316 -11.96 29.75 -10.06
C GLY E 316 -10.64 29.68 -9.31
N GLY E 317 -9.63 29.08 -9.94
CA GLY E 317 -8.33 28.98 -9.32
C GLY E 317 -8.38 28.16 -8.06
N VAL E 318 -7.81 28.67 -6.97
CA VAL E 318 -7.81 27.91 -5.71
C VAL E 318 -9.22 27.89 -5.05
N GLY E 319 -10.11 28.73 -5.55
CA GLY E 319 -11.50 28.70 -5.15
C GLY E 319 -11.81 29.51 -3.90
N LEU E 320 -10.93 30.44 -3.53
CA LEU E 320 -11.06 31.18 -2.27
C LEU E 320 -11.42 32.66 -2.42
N ALA E 321 -11.71 33.11 -3.63
CA ALA E 321 -12.00 34.52 -3.90
C ALA E 321 -13.12 35.06 -3.00
N SER E 322 -14.26 34.38 -3.01
CA SER E 322 -15.38 34.79 -2.17
C SER E 322 -15.05 34.76 -0.66
N ALA E 323 -14.40 33.70 -0.19
CA ALA E 323 -14.12 33.56 1.22
C ALA E 323 -13.22 34.68 1.74
N PHE E 324 -12.23 35.07 0.93
CA PHE E 324 -11.32 36.12 1.33
C PHE E 324 -11.94 37.51 1.16
N THR E 325 -12.84 37.65 0.19
CA THR E 325 -13.56 38.91 0.06
C THR E 325 -14.48 39.11 1.29
N LEU E 326 -15.01 38.02 1.83
CA LEU E 326 -15.81 38.07 3.06
C LEU E 326 -14.98 38.66 4.20
N LEU E 327 -13.74 38.21 4.32
CA LEU E 327 -12.82 38.78 5.29
C LEU E 327 -12.53 40.26 5.00
N LEU E 328 -12.34 40.59 3.71
CA LEU E 328 -12.04 41.96 3.34
C LEU E 328 -13.21 42.88 3.66
N ALA E 329 -14.42 42.39 3.37
CA ALA E 329 -15.62 43.15 3.60
C ALA E 329 -15.73 43.48 5.09
N ARG E 330 -15.36 42.52 5.94
CA ARG E 330 -15.39 42.73 7.39
C ARG E 330 -14.38 43.80 7.79
N GLU E 331 -13.15 43.65 7.33
CA GLU E 331 -12.08 44.59 7.63
C GLU E 331 -12.44 46.03 7.22
N MET E 332 -13.09 46.18 6.07
CA MET E 332 -13.53 47.50 5.58
C MET E 332 -14.85 47.97 6.18
N GLY E 333 -15.46 47.16 7.04
CA GLY E 333 -16.75 47.50 7.64
C GLY E 333 -17.90 47.58 6.65
N ASP E 334 -17.79 46.82 5.56
CA ASP E 334 -18.77 46.79 4.47
C ASP E 334 -19.83 45.74 4.77
N GLN E 335 -20.83 46.13 5.55
CA GLN E 335 -21.82 45.18 6.06
C GLN E 335 -22.70 44.61 4.97
N GLN E 336 -22.99 45.41 3.96
CA GLN E 336 -23.83 44.91 2.88
C GLN E 336 -23.13 43.81 2.08
N LEU E 337 -21.89 44.04 1.66
CA LEU E 337 -21.19 43.01 0.90
C LEU E 337 -20.98 41.76 1.77
N PHE E 338 -20.63 41.96 3.05
CA PHE E 338 -20.45 40.85 3.99
C PHE E 338 -21.68 39.97 4.01
N ASP E 339 -22.84 40.60 4.11
CA ASP E 339 -24.09 39.86 4.21
C ASP E 339 -24.35 39.07 2.93
N GLN E 340 -24.07 39.70 1.80
CA GLN E 340 -24.29 39.11 0.48
C GLN E 340 -23.38 37.92 0.24
N LEU E 341 -22.11 38.07 0.58
CA LEU E 341 -21.15 36.97 0.43
C LEU E 341 -21.51 35.80 1.34
N LEU E 342 -21.92 36.10 2.58
CA LEU E 342 -22.26 35.03 3.52
C LEU E 342 -23.53 34.31 3.09
N ASN E 343 -24.50 35.04 2.53
CA ASN E 343 -25.69 34.40 1.96
C ASN E 343 -25.35 33.46 0.81
N HIS E 344 -24.24 33.74 0.13
CA HIS E 344 -23.76 32.87 -0.95
C HIS E 344 -22.98 31.67 -0.42
N LEU E 345 -22.17 31.88 0.62
CA LEU E 345 -21.24 30.85 1.09
C LEU E 345 -21.85 29.86 2.08
N GLU E 346 -22.61 30.35 3.05
CA GLU E 346 -22.95 29.48 4.16
C GLU E 346 -24.12 28.52 3.86
N PRO E 347 -25.27 29.02 3.36
CA PRO E 347 -26.39 28.09 3.15
C PRO E 347 -26.06 26.81 2.36
N PRO E 348 -25.37 26.89 1.21
CA PRO E 348 -25.19 25.60 0.55
C PRO E 348 -24.22 24.65 1.28
N ALA E 349 -23.49 25.15 2.26
CA ALA E 349 -22.59 24.29 3.01
C ALA E 349 -23.33 23.54 4.13
N LYS E 350 -24.59 23.88 4.34
CA LYS E 350 -25.45 23.16 5.31
C LYS E 350 -24.90 23.19 6.73
N PRO E 351 -24.94 24.38 7.36
CA PRO E 351 -24.51 24.39 8.76
C PRO E 351 -25.53 23.71 9.66
N SER E 352 -25.06 22.92 10.61
CA SER E 352 -25.90 22.44 11.69
C SER E 352 -25.13 22.51 13.00
N ILE E 353 -25.87 22.71 14.09
CA ILE E 353 -25.28 22.68 15.41
C ILE E 353 -25.76 21.43 16.12
N VAL E 354 -24.81 20.54 16.41
CA VAL E 354 -25.10 19.27 17.07
C VAL E 354 -24.32 19.20 18.37
N SER E 355 -25.05 19.06 19.47
CA SER E 355 -24.45 19.02 20.79
C SER E 355 -23.61 20.28 21.06
N ALA E 356 -24.15 21.45 20.70
CA ALA E 356 -23.53 22.76 20.91
C ALA E 356 -22.22 22.95 20.12
N SER E 357 -22.06 22.20 19.05
CA SER E 357 -20.84 22.27 18.27
C SER E 357 -21.17 22.36 16.79
N LEU E 358 -20.49 23.26 16.08
CA LEU E 358 -20.80 23.54 14.67
C LEU E 358 -20.19 22.52 13.71
N ARG E 359 -21.00 22.04 12.78
CA ARG E 359 -20.48 21.29 11.64
C ARG E 359 -21.09 21.79 10.32
N TYR E 360 -20.30 21.74 9.25
CA TYR E 360 -20.81 21.97 7.90
C TYR E 360 -20.85 20.64 7.15
N GLU E 361 -22.01 20.29 6.60
CA GLU E 361 -22.12 19.09 5.81
C GLU E 361 -21.36 19.17 4.47
N HIS E 362 -21.41 20.32 3.80
CA HIS E 362 -20.78 20.47 2.47
C HIS E 362 -19.87 21.70 2.34
N PRO E 363 -18.70 21.67 3.00
CA PRO E 363 -17.85 22.87 2.89
C PRO E 363 -17.48 23.15 1.44
N GLY E 364 -17.70 24.39 0.98
CA GLY E 364 -17.58 24.69 -0.43
C GLY E 364 -16.16 24.84 -0.96
N SER E 365 -15.17 24.80 -0.07
CA SER E 365 -13.79 25.06 -0.48
C SER E 365 -12.79 24.61 0.55
N LEU E 366 -11.51 24.72 0.22
CA LEU E 366 -10.43 24.67 1.20
C LEU E 366 -10.58 25.79 2.22
N LEU E 367 -10.07 25.56 3.43
CA LEU E 367 -10.04 26.58 4.49
C LEU E 367 -11.43 27.15 4.81
N PHE E 368 -12.48 26.35 4.59
CA PHE E 368 -13.82 26.89 4.65
C PHE E 368 -14.25 27.36 6.04
N ASP E 369 -14.26 26.45 7.02
CA ASP E 369 -14.69 26.85 8.36
C ASP E 369 -13.67 27.80 9.02
N GLU E 370 -12.40 27.68 8.67
CA GLU E 370 -11.40 28.64 9.15
C GLU E 370 -11.75 30.07 8.71
N LEU E 371 -12.04 30.25 7.42
CA LEU E 371 -12.24 31.59 6.88
C LEU E 371 -13.58 32.18 7.31
N LEU E 372 -14.61 31.35 7.41
CA LEU E 372 -15.89 31.84 7.88
C LEU E 372 -15.80 32.25 9.33
N PHE E 373 -15.11 31.43 10.13
CA PHE E 373 -14.88 31.75 11.54
C PHE E 373 -14.15 33.09 11.60
N LEU E 374 -13.04 33.20 10.90
CA LEU E 374 -12.24 34.41 10.97
C LEU E 374 -13.05 35.65 10.53
N ALA E 375 -13.87 35.52 9.51
CA ALA E 375 -14.65 36.66 9.03
C ALA E 375 -15.75 37.05 10.01
N LYS E 376 -16.29 36.07 10.72
CA LYS E 376 -17.39 36.32 11.64
C LYS E 376 -16.96 37.05 12.91
N VAL E 377 -15.71 36.90 13.30
CA VAL E 377 -15.22 37.54 14.52
C VAL E 377 -14.25 38.69 14.29
N HIS E 378 -13.71 38.80 13.07
CA HIS E 378 -12.59 39.72 12.80
C HIS E 378 -12.82 41.14 13.30
N ALA E 379 -11.94 41.61 14.17
CA ALA E 379 -12.09 42.95 14.76
C ALA E 379 -11.31 43.99 13.97
N GLY E 380 -10.60 43.55 12.94
CA GLY E 380 -9.73 44.44 12.19
C GLY E 380 -8.29 44.24 12.61
N PHE E 381 -7.39 44.15 11.64
CA PHE E 381 -5.99 43.92 11.96
C PHE E 381 -5.40 45.13 12.70
N GLY E 382 -5.93 46.32 12.44
CA GLY E 382 -5.52 47.52 13.15
C GLY E 382 -5.91 47.49 14.61
N ALA E 383 -7.13 47.04 14.89
CA ALA E 383 -7.58 46.84 16.27
C ALA E 383 -6.78 45.75 16.98
N LEU E 384 -6.31 44.75 16.23
CA LEU E 384 -5.52 43.69 16.83
C LEU E 384 -4.16 44.25 17.27
N LEU E 385 -3.65 45.17 16.47
CA LEU E 385 -2.39 45.85 16.78
C LEU E 385 -2.52 46.70 18.03
N ARG E 386 -3.71 47.25 18.22
CA ARG E 386 -3.95 48.15 19.32
C ARG E 386 -4.58 47.41 20.51
N MET E 387 -4.42 46.09 20.53
CA MET E 387 -4.98 45.27 21.61
C MET E 387 -4.55 45.79 22.98
N PRO E 388 -5.40 45.81 23.94
CA PRO E 388 -5.06 46.19 25.24
C PRO E 388 -4.32 45.11 25.89
N PRO E 389 -3.34 45.68 26.59
CA PRO E 389 -2.42 44.79 27.25
C PRO E 389 -2.90 43.75 28.10
N PRO E 390 -2.13 42.75 28.09
CA PRO E 390 -2.39 41.62 28.92
C PRO E 390 -2.20 41.88 30.54
N ALA E 391 -2.99 41.29 31.41
CA ALA E 391 -2.88 41.27 32.81
C ALA E 391 -1.67 40.55 33.35
C1 BU2 F . 6.69 7.95 -26.29
O1 BU2 F . 6.15 7.22 -25.21
C2 BU2 F . 7.05 9.36 -25.87
C3 BU2 F . 8.37 9.80 -26.51
O3 BU2 F . 8.72 8.98 -27.60
C4 BU2 F . 8.27 11.25 -26.97
CL CL G . -4.94 20.14 -19.61
K K H . 12.59 7.97 -27.60
CL CL I . -18.32 -7.52 20.94
K K J . -8.91 11.40 28.26
CL CL K . -7.78 -27.69 -2.11
C1 BU2 L . 5.75 -23.39 -16.00
O1 BU2 L . 5.09 -22.40 -15.22
C2 BU2 L . 6.76 -22.69 -16.89
C3 BU2 L . 7.74 -23.70 -17.45
O3 BU2 L . 7.06 -24.84 -17.89
C4 BU2 L . 8.48 -23.11 -18.63
CL CL M . 0.48 -10.43 -27.16
CL CL N . -2.30 -19.01 -38.04
K K O . 10.49 -26.13 -14.82
C1 BU2 P . -12.72 9.04 22.41
O1 BU2 P . -12.22 8.73 23.70
C2 BU2 P . -11.57 9.13 21.43
C3 BU2 P . -12.03 9.44 20.03
O3 BU2 P . -12.29 10.84 19.87
C4 BU2 P . -10.96 8.96 19.05
CL CL Q . -16.64 22.08 10.23
K K R . 1.26 31.28 -1.70
#